data_5XDB
#
_entry.id   5XDB
#
_cell.length_a   100.820
_cell.length_b   100.820
_cell.length_c   424.400
_cell.angle_alpha   90.00
_cell.angle_beta   90.00
_cell.angle_gamma   90.00
#
_symmetry.space_group_name_H-M   'P 41 21 2'
#
loop_
_entity.id
_entity.type
_entity.pdbx_description
1 polymer 'Thermophilic dibenzothiophene desulfurization enzyme C'
2 non-polymer 'FLAVIN MONONUCLEOTIDE'
3 non-polymer 'SULFATE ION'
4 non-polymer GLYCEROL
5 water water
#
_entity_poly.entity_id   1
_entity_poly.type   'polypeptide(L)'
_entity_poly.pdbx_seq_one_letter_code
;MRTIHANSSAVREDHRALDVATELAKTFRVTVRERERAGGTPKAERDAIRRSGLLTLLISKERGGLGESWPTVYEAIAEI
ASADASLGHLFGYHFSNFAYVDLFASPEQKARWYPQAVRERWFLGNASSENNAHVLDWRVTATPLPDGSYEINGTKAFCS
GSADADRLLVFAVTSRDPNGDGRIVAALIPSDRAGVQVNGDWDSLGMRQTDSGSVTFSGVVVYPDELLGTPGQVTDAFAS
GSKPSLWTPITQLIFTHLYLGIARGALEEAAHYSRSHSRPFTLAGVEKATEDPYVLAIYGEFAAQLQVAEAGAREVALRV
QELWERNHVTPEQRGQLMVQVASAKIVATRLVIELTSRLYEAMGARAAASRQFGFDRFWRDARTHTLHDPVAYKIREVGN
WFLNHRFPTPSFYS
;
_entity_poly.pdbx_strand_id   A,B,C,D
#
# COMPACT_ATOMS: atom_id res chain seq x y z
N HIS A 15 18.51 -33.27 -10.73
CA HIS A 15 18.19 -31.97 -11.33
C HIS A 15 18.09 -32.04 -12.86
N ARG A 16 18.07 -33.26 -13.40
CA ARG A 16 17.95 -33.42 -14.85
C ARG A 16 16.63 -32.86 -15.36
N ALA A 17 15.53 -33.19 -14.68
CA ALA A 17 14.23 -32.69 -15.13
C ALA A 17 14.18 -31.17 -15.12
N LEU A 18 14.78 -30.55 -14.10
CA LEU A 18 14.73 -29.08 -14.03
C LEU A 18 15.59 -28.44 -15.11
N ASP A 19 16.72 -29.07 -15.45
CA ASP A 19 17.49 -28.63 -16.62
C ASP A 19 16.66 -28.69 -17.88
N VAL A 20 15.93 -29.79 -18.07
CA VAL A 20 15.05 -29.93 -19.23
C VAL A 20 14.04 -28.79 -19.25
N ALA A 21 13.43 -28.48 -18.09
CA ALA A 21 12.44 -27.40 -18.06
C ALA A 21 13.09 -26.05 -18.34
N THR A 22 14.29 -25.84 -17.82
CA THR A 22 15.02 -24.59 -18.09
C THR A 22 15.31 -24.43 -19.58
N GLU A 23 15.71 -25.50 -20.26
CA GLU A 23 15.99 -25.39 -21.69
C GLU A 23 14.73 -25.13 -22.49
N LEU A 24 13.63 -25.81 -22.16
CA LEU A 24 12.34 -25.51 -22.79
C LEU A 24 11.99 -24.05 -22.63
N ALA A 25 12.09 -23.53 -21.40
CA ALA A 25 11.75 -22.13 -21.14
C ALA A 25 12.56 -21.20 -22.02
N LYS A 26 13.88 -21.40 -22.10
CA LYS A 26 14.72 -20.59 -22.96
C LYS A 26 14.20 -20.58 -24.40
N THR A 27 13.84 -21.75 -24.92
CA THR A 27 13.32 -21.80 -26.28
C THR A 27 12.02 -21.01 -26.41
N PHE A 28 11.13 -21.15 -25.43
CA PHE A 28 9.84 -20.47 -25.49
C PHE A 28 10.03 -18.95 -25.45
N ARG A 29 11.03 -18.47 -24.72
CA ARG A 29 11.24 -17.03 -24.61
C ARG A 29 11.53 -16.41 -25.97
N VAL A 30 12.15 -17.16 -26.87
CA VAL A 30 12.57 -16.61 -28.15
C VAL A 30 11.37 -16.14 -28.95
N THR A 31 10.26 -16.88 -28.88
CA THR A 31 9.13 -16.63 -29.78
C THR A 31 7.85 -16.21 -29.07
N VAL A 32 7.85 -16.07 -27.74
CA VAL A 32 6.58 -15.86 -27.05
C VAL A 32 5.94 -14.54 -27.46
N ARG A 33 6.77 -13.51 -27.69
CA ARG A 33 6.26 -12.20 -28.08
C ARG A 33 5.32 -12.30 -29.29
N GLU A 34 5.77 -12.97 -30.36
CA GLU A 34 4.95 -13.06 -31.57
C GLU A 34 3.84 -14.10 -31.43
N ARG A 35 4.11 -15.21 -30.74
CA ARG A 35 3.08 -16.24 -30.62
C ARG A 35 1.89 -15.75 -29.82
N GLU A 36 2.11 -15.06 -28.69
CA GLU A 36 0.97 -14.73 -27.84
C GLU A 36 0.12 -13.64 -28.48
N ARG A 37 0.72 -12.77 -29.31
CA ARG A 37 -0.08 -11.83 -30.11
C ARG A 37 -1.14 -12.57 -30.92
N ALA A 38 -0.75 -13.63 -31.61
CA ALA A 38 -1.69 -14.34 -32.48
C ALA A 38 -2.71 -15.15 -31.69
N GLY A 39 -2.41 -15.49 -30.43
CA GLY A 39 -3.35 -16.34 -29.72
C GLY A 39 -3.42 -17.72 -30.37
N GLY A 40 -4.57 -18.36 -30.24
CA GLY A 40 -4.63 -19.67 -30.83
C GLY A 40 -3.77 -20.70 -30.08
N THR A 41 -3.55 -21.83 -30.74
CA THR A 41 -2.98 -23.01 -30.09
C THR A 41 -1.50 -23.06 -30.32
N PRO A 42 -0.64 -23.09 -29.23
CA PRO A 42 0.82 -23.18 -29.42
C PRO A 42 1.24 -24.62 -29.69
N LYS A 43 0.87 -25.13 -30.87
CA LYS A 43 1.02 -26.56 -31.16
C LYS A 43 2.48 -26.99 -31.12
N ALA A 44 3.36 -26.20 -31.76
CA ALA A 44 4.76 -26.59 -31.80
C ALA A 44 5.35 -26.66 -30.40
N GLU A 45 4.94 -25.74 -29.51
CA GLU A 45 5.50 -25.72 -28.17
C GLU A 45 4.91 -26.84 -27.31
N ARG A 46 3.63 -27.16 -27.51
CA ARG A 46 3.05 -28.32 -26.86
C ARG A 46 3.76 -29.61 -27.27
N ASP A 47 4.09 -29.73 -28.56
CA ASP A 47 4.86 -30.90 -28.99
C ASP A 47 6.26 -30.91 -28.39
N ALA A 48 6.90 -29.73 -28.26
CA ALA A 48 8.19 -29.70 -27.56
C ALA A 48 8.05 -30.20 -26.12
N ILE A 49 6.94 -29.84 -25.45
CA ILE A 49 6.75 -30.36 -24.10
C ILE A 49 6.54 -31.88 -24.13
N ARG A 50 5.79 -32.38 -25.12
CA ARG A 50 5.66 -33.83 -25.27
C ARG A 50 7.03 -34.48 -25.43
N ARG A 51 7.89 -33.95 -26.32
CA ARG A 51 9.20 -34.57 -26.54
C ARG A 51 10.04 -34.54 -25.28
N SER A 52 9.83 -33.56 -24.40
CA SER A 52 10.70 -33.43 -23.24
C SER A 52 10.49 -34.55 -22.23
N GLY A 53 9.34 -35.21 -22.24
CA GLY A 53 9.02 -36.20 -21.22
C GLY A 53 8.49 -35.65 -19.91
N LEU A 54 8.52 -34.32 -19.72
CA LEU A 54 8.14 -33.77 -18.41
C LEU A 54 6.66 -33.97 -18.10
N LEU A 55 5.82 -34.24 -19.10
CA LEU A 55 4.42 -34.53 -18.81
C LEU A 55 4.27 -35.78 -17.95
N THR A 56 5.29 -36.64 -17.93
CA THR A 56 5.30 -37.90 -17.17
C THR A 56 6.05 -37.78 -15.85
N LEU A 57 6.24 -36.57 -15.33
CA LEU A 57 7.06 -36.38 -14.13
C LEU A 57 6.56 -37.20 -12.95
N LEU A 58 5.24 -37.31 -12.78
CA LEU A 58 4.67 -37.98 -11.62
C LEU A 58 4.27 -39.42 -11.89
N ILE A 59 4.53 -39.93 -13.07
CA ILE A 59 4.28 -41.33 -13.37
C ILE A 59 5.49 -42.13 -12.92
N SER A 60 5.25 -43.27 -12.27
CA SER A 60 6.35 -44.04 -11.71
C SER A 60 7.27 -44.55 -12.81
N LYS A 61 8.53 -44.78 -12.44
CA LYS A 61 9.47 -45.33 -13.41
C LYS A 61 9.00 -46.69 -13.92
N GLU A 62 8.44 -47.50 -13.02
CA GLU A 62 7.93 -48.81 -13.42
C GLU A 62 6.88 -48.70 -14.51
N ARG A 63 6.09 -47.62 -14.49
CA ARG A 63 5.06 -47.41 -15.51
C ARG A 63 5.60 -46.60 -16.69
N GLY A 64 6.90 -46.31 -16.73
CA GLY A 64 7.50 -45.61 -17.85
C GLY A 64 7.72 -44.13 -17.64
N GLY A 65 7.30 -43.56 -16.51
CA GLY A 65 7.50 -42.15 -16.25
C GLY A 65 8.84 -41.83 -15.61
N LEU A 66 8.96 -40.60 -15.11
CA LEU A 66 10.20 -40.13 -14.53
C LEU A 66 10.30 -40.37 -13.03
N GLY A 67 9.21 -40.77 -12.37
CA GLY A 67 9.27 -41.04 -10.95
C GLY A 67 9.70 -39.86 -10.11
N GLU A 68 9.31 -38.65 -10.49
CA GLU A 68 9.73 -37.44 -9.80
C GLU A 68 8.67 -37.04 -8.77
N SER A 69 8.87 -35.88 -8.14
CA SER A 69 8.12 -35.43 -6.98
C SER A 69 7.41 -34.11 -7.28
N TRP A 70 6.48 -33.76 -6.40
CA TRP A 70 5.78 -32.48 -6.57
C TRP A 70 6.70 -31.27 -6.49
N PRO A 71 7.68 -31.20 -5.60
CA PRO A 71 8.59 -30.04 -5.62
C PRO A 71 9.25 -29.79 -6.96
N THR A 72 9.61 -30.86 -7.67
CA THR A 72 10.13 -30.72 -9.03
C THR A 72 9.07 -30.19 -9.99
N VAL A 73 7.85 -30.72 -9.90
CA VAL A 73 6.78 -30.26 -10.79
C VAL A 73 6.55 -28.76 -10.58
N TYR A 74 6.48 -28.32 -9.32
CA TYR A 74 6.23 -26.91 -9.05
C TYR A 74 7.37 -26.05 -9.57
N GLU A 75 8.62 -26.46 -9.34
CA GLU A 75 9.74 -25.68 -9.85
C GLU A 75 9.68 -25.58 -11.37
N ALA A 76 9.35 -26.68 -12.05
CA ALA A 76 9.24 -26.66 -13.51
C ALA A 76 8.10 -25.76 -13.98
N ILE A 77 6.98 -25.77 -13.26
CA ILE A 77 5.87 -24.89 -13.61
C ILE A 77 6.30 -23.44 -13.56
N ALA A 78 6.91 -23.02 -12.45
CA ALA A 78 7.34 -21.62 -12.33
C ALA A 78 8.37 -21.28 -13.40
N GLU A 79 9.31 -22.19 -13.67
CA GLU A 79 10.35 -21.90 -14.67
C GLU A 79 9.72 -21.66 -16.05
N ILE A 80 8.83 -22.56 -16.48
CA ILE A 80 8.20 -22.39 -17.79
C ILE A 80 7.33 -21.14 -17.81
N ALA A 81 6.55 -20.91 -16.75
CA ALA A 81 5.68 -19.74 -16.69
C ALA A 81 6.46 -18.44 -16.77
N SER A 82 7.69 -18.43 -16.24
CA SER A 82 8.51 -17.21 -16.30
C SER A 82 8.87 -16.84 -17.73
N ALA A 83 8.88 -17.81 -18.64
CA ALA A 83 9.18 -17.60 -20.06
C ALA A 83 7.93 -17.41 -20.91
N ASP A 84 6.87 -18.15 -20.60
CA ASP A 84 5.64 -18.10 -21.37
C ASP A 84 4.52 -18.50 -20.43
N ALA A 85 3.70 -17.54 -20.01
CA ALA A 85 2.67 -17.83 -19.01
C ALA A 85 1.63 -18.80 -19.55
N SER A 86 1.31 -18.73 -20.84
CA SER A 86 0.31 -19.64 -21.38
C SER A 86 0.84 -21.08 -21.35
N LEU A 87 2.08 -21.30 -21.77
CA LEU A 87 2.62 -22.66 -21.70
C LEU A 87 2.80 -23.11 -20.25
N GLY A 88 3.14 -22.18 -19.35
CA GLY A 88 3.23 -22.55 -17.95
C GLY A 88 1.89 -22.98 -17.40
N HIS A 89 0.82 -22.26 -17.79
CA HIS A 89 -0.54 -22.60 -17.39
C HIS A 89 -0.95 -23.96 -17.94
N LEU A 90 -0.73 -24.20 -19.24
CA LEU A 90 -1.10 -25.48 -19.82
C LEU A 90 -0.37 -26.61 -19.12
N PHE A 91 0.94 -26.45 -18.94
CA PHE A 91 1.75 -27.44 -18.23
C PHE A 91 1.25 -27.64 -16.81
N GLY A 92 0.97 -26.54 -16.11
CA GLY A 92 0.47 -26.65 -14.74
C GLY A 92 -0.87 -27.33 -14.67
N TYR A 93 -1.81 -26.92 -15.53
CA TYR A 93 -3.13 -27.53 -15.49
C TYR A 93 -3.08 -29.00 -15.87
N HIS A 94 -2.18 -29.38 -16.79
CA HIS A 94 -1.95 -30.81 -17.03
C HIS A 94 -1.73 -31.56 -15.72
N PHE A 95 -0.93 -30.99 -14.81
CA PHE A 95 -0.67 -31.70 -13.56
C PHE A 95 -1.82 -31.61 -12.57
N SER A 96 -2.61 -30.52 -12.60
CA SER A 96 -3.87 -30.54 -11.86
C SER A 96 -4.78 -31.67 -12.35
N ASN A 97 -4.90 -31.80 -13.69
CA ASN A 97 -5.71 -32.87 -14.26
C ASN A 97 -5.12 -34.23 -13.88
N PHE A 98 -3.80 -34.36 -13.94
CA PHE A 98 -3.17 -35.63 -13.60
C PHE A 98 -3.39 -35.95 -12.13
N ALA A 99 -3.25 -34.95 -11.25
CA ALA A 99 -3.48 -35.19 -9.84
C ALA A 99 -4.87 -35.74 -9.59
N TYR A 100 -5.89 -35.14 -10.23
CA TYR A 100 -7.25 -35.63 -10.08
C TYR A 100 -7.38 -37.07 -10.57
N VAL A 101 -6.88 -37.35 -11.77
CA VAL A 101 -6.85 -38.72 -12.28
C VAL A 101 -6.18 -39.66 -11.28
N ASP A 102 -5.01 -39.27 -10.78
CA ASP A 102 -4.27 -40.18 -9.92
C ASP A 102 -4.96 -40.40 -8.59
N LEU A 103 -5.70 -39.39 -8.10
CA LEU A 103 -6.40 -39.56 -6.83
C LEU A 103 -7.65 -40.42 -6.94
N PHE A 104 -8.21 -40.63 -8.14
CA PHE A 104 -9.44 -41.41 -8.27
C PHE A 104 -9.31 -42.66 -9.13
N ALA A 105 -8.25 -42.80 -9.92
CA ALA A 105 -8.15 -43.91 -10.85
C ALA A 105 -7.94 -45.24 -10.11
N SER A 106 -8.53 -46.29 -10.66
CA SER A 106 -8.35 -47.64 -10.15
C SER A 106 -6.98 -48.18 -10.51
N PRO A 107 -6.51 -49.22 -9.82
CA PRO A 107 -5.25 -49.85 -10.22
C PRO A 107 -5.26 -50.28 -11.68
N GLU A 108 -6.41 -50.77 -12.15
CA GLU A 108 -6.56 -51.18 -13.53
C GLU A 108 -6.40 -49.98 -14.47
N GLN A 109 -6.98 -48.84 -14.10
CA GLN A 109 -6.87 -47.66 -14.95
C GLN A 109 -5.44 -47.15 -15.00
N LYS A 110 -4.74 -47.16 -13.87
CA LYS A 110 -3.35 -46.70 -13.88
C LYS A 110 -2.48 -47.62 -14.72
N ALA A 111 -2.69 -48.95 -14.61
CA ALA A 111 -1.88 -49.88 -15.37
C ALA A 111 -2.11 -49.74 -16.88
N ARG A 112 -3.32 -49.40 -17.29
CA ARG A 112 -3.63 -49.16 -18.69
C ARG A 112 -3.17 -47.76 -19.11
N TRP A 113 -3.62 -46.73 -18.38
CA TRP A 113 -3.48 -45.35 -18.85
C TRP A 113 -2.05 -44.84 -18.76
N TYR A 114 -1.32 -45.14 -17.68
CA TYR A 114 -0.05 -44.45 -17.48
C TYR A 114 0.98 -44.88 -18.51
N PRO A 115 1.17 -46.16 -18.81
CA PRO A 115 2.06 -46.51 -19.92
C PRO A 115 1.59 -45.93 -21.24
N GLN A 116 0.28 -45.84 -21.43
CA GLN A 116 -0.26 -45.20 -22.64
C GLN A 116 0.04 -43.71 -22.65
N ALA A 117 -0.11 -43.03 -21.51
CA ALA A 117 0.25 -41.63 -21.45
C ALA A 117 1.73 -41.40 -21.77
N VAL A 118 2.58 -42.37 -21.42
CA VAL A 118 4.01 -42.27 -21.75
C VAL A 118 4.22 -42.42 -23.25
N ARG A 119 3.61 -43.45 -23.84
CA ARG A 119 3.83 -43.80 -25.24
C ARG A 119 3.15 -42.81 -26.17
N GLU A 120 1.92 -42.41 -25.85
CA GLU A 120 1.20 -41.47 -26.71
C GLU A 120 1.50 -40.02 -26.34
N ARG A 121 2.26 -39.80 -25.26
CA ARG A 121 2.68 -38.46 -24.80
C ARG A 121 1.48 -37.58 -24.51
N TRP A 122 0.59 -38.08 -23.65
CA TRP A 122 -0.64 -37.38 -23.29
C TRP A 122 -0.36 -36.01 -22.67
N PHE A 123 -1.04 -35.00 -23.20
CA PHE A 123 -1.08 -33.64 -22.66
C PHE A 123 -2.55 -33.42 -22.31
N LEU A 124 -2.87 -33.41 -21.02
CA LEU A 124 -4.26 -33.44 -20.59
C LEU A 124 -4.90 -32.05 -20.61
N GLY A 125 -6.17 -32.00 -21.00
CA GLY A 125 -7.00 -30.83 -20.86
C GLY A 125 -8.19 -31.14 -19.97
N ASN A 126 -9.00 -30.11 -19.71
CA ASN A 126 -10.17 -30.35 -18.87
C ASN A 126 -11.34 -29.51 -19.34
N ALA A 127 -12.53 -30.01 -19.02
CA ALA A 127 -13.79 -29.31 -19.28
C ALA A 127 -14.63 -29.48 -18.00
N SER A 128 -14.62 -28.44 -17.16
CA SER A 128 -15.18 -28.54 -15.81
C SER A 128 -16.14 -27.38 -15.50
N SER A 129 -15.66 -26.15 -15.60
CA SER A 129 -16.46 -24.98 -15.30
C SER A 129 -17.48 -24.70 -16.39
N GLU A 130 -18.46 -23.86 -16.05
CA GLU A 130 -19.54 -23.52 -16.97
C GLU A 130 -19.79 -22.02 -16.89
N ASN A 131 -20.53 -21.51 -17.87
CA ASN A 131 -20.78 -20.07 -17.96
C ASN A 131 -22.25 -19.77 -17.67
N ASN A 132 -22.72 -20.17 -16.49
CA ASN A 132 -24.11 -19.97 -16.10
C ASN A 132 -24.20 -18.81 -15.11
N ALA A 133 -25.34 -18.69 -14.45
CA ALA A 133 -25.60 -17.53 -13.59
C ALA A 133 -24.50 -17.34 -12.55
N HIS A 134 -23.98 -18.43 -12.01
CA HIS A 134 -22.91 -18.38 -11.02
C HIS A 134 -22.12 -19.69 -11.09
N VAL A 135 -20.98 -19.72 -10.39
CA VAL A 135 -20.03 -20.83 -10.53
C VAL A 135 -20.60 -22.16 -10.05
N LEU A 136 -21.65 -22.14 -9.22
CA LEU A 136 -22.26 -23.36 -8.73
C LEU A 136 -23.46 -23.82 -9.55
N ASP A 137 -23.77 -23.11 -10.64
CA ASP A 137 -24.87 -23.49 -11.53
C ASP A 137 -24.29 -24.37 -12.64
N TRP A 138 -24.31 -25.68 -12.41
CA TRP A 138 -23.81 -26.65 -13.39
C TRP A 138 -25.00 -27.21 -14.16
N ARG A 139 -24.86 -27.26 -15.49
CA ARG A 139 -25.92 -27.72 -16.37
C ARG A 139 -25.50 -28.81 -17.35
N VAL A 140 -24.22 -29.20 -17.37
CA VAL A 140 -23.77 -30.32 -18.18
C VAL A 140 -24.17 -31.62 -17.48
N THR A 141 -24.98 -32.43 -18.14
CA THR A 141 -25.60 -33.58 -17.50
C THR A 141 -24.96 -34.88 -17.96
N ALA A 142 -25.04 -35.88 -17.08
CA ALA A 142 -24.63 -37.25 -17.39
C ALA A 142 -25.84 -38.15 -17.16
N THR A 143 -26.38 -38.71 -18.23
CA THR A 143 -27.58 -39.51 -18.12
C THR A 143 -27.24 -40.98 -18.36
N PRO A 144 -27.73 -41.90 -17.52
CA PRO A 144 -27.25 -43.28 -17.60
C PRO A 144 -27.62 -43.93 -18.94
N LEU A 145 -26.80 -44.89 -19.34
CA LEU A 145 -27.04 -45.73 -20.50
C LEU A 145 -26.93 -47.19 -20.08
N PRO A 146 -27.36 -48.11 -20.93
CA PRO A 146 -27.18 -49.53 -20.62
C PRO A 146 -25.71 -49.88 -20.46
N ASP A 147 -25.46 -50.89 -19.64
CA ASP A 147 -24.14 -51.48 -19.46
C ASP A 147 -23.23 -50.62 -18.58
N GLY A 148 -23.76 -49.59 -17.92
CA GLY A 148 -22.96 -48.77 -17.03
C GLY A 148 -22.46 -47.46 -17.63
N SER A 149 -22.77 -47.19 -18.90
CA SER A 149 -22.26 -46.00 -19.55
C SER A 149 -23.11 -44.78 -19.18
N TYR A 150 -22.57 -43.61 -19.52
CA TYR A 150 -23.28 -42.34 -19.36
C TYR A 150 -23.18 -41.54 -20.65
N GLU A 151 -24.17 -40.69 -20.88
CA GLU A 151 -24.19 -39.79 -22.02
C GLU A 151 -24.08 -38.36 -21.51
N ILE A 152 -23.10 -37.62 -22.03
CA ILE A 152 -22.83 -36.26 -21.56
C ILE A 152 -23.42 -35.27 -22.56
N ASN A 153 -24.18 -34.30 -22.05
CA ASN A 153 -24.77 -33.25 -22.86
C ASN A 153 -24.59 -31.90 -22.20
N GLY A 154 -24.17 -30.90 -22.97
CA GLY A 154 -24.07 -29.53 -22.49
C GLY A 154 -22.76 -28.89 -22.87
N THR A 155 -22.62 -27.61 -22.51
CA THR A 155 -21.45 -26.82 -22.85
C THR A 155 -20.68 -26.40 -21.61
N LYS A 156 -19.36 -26.59 -21.65
CA LYS A 156 -18.44 -26.18 -20.61
C LYS A 156 -17.69 -24.93 -21.02
N ALA A 157 -17.31 -24.13 -20.03
CA ALA A 157 -16.56 -22.89 -20.26
C ALA A 157 -15.16 -23.01 -19.65
N PHE A 158 -14.27 -22.12 -20.11
CA PHE A 158 -12.90 -22.05 -19.58
C PHE A 158 -12.23 -23.41 -19.58
N CYS A 159 -12.23 -24.06 -20.75
CA CYS A 159 -11.71 -25.43 -20.88
C CYS A 159 -10.23 -25.40 -21.25
N SER A 160 -9.39 -25.08 -20.26
CA SER A 160 -7.97 -24.88 -20.55
C SER A 160 -7.36 -26.13 -21.16
N GLY A 161 -6.51 -25.92 -22.17
CA GLY A 161 -5.83 -27.01 -22.82
C GLY A 161 -6.74 -27.95 -23.58
N SER A 162 -7.94 -27.49 -23.93
CA SER A 162 -8.91 -28.35 -24.61
C SER A 162 -8.57 -28.56 -26.08
N ALA A 163 -7.81 -27.65 -26.68
CA ALA A 163 -7.31 -27.84 -28.04
C ALA A 163 -6.02 -28.66 -28.01
N ASP A 164 -5.88 -29.58 -28.96
CA ASP A 164 -4.70 -30.44 -29.03
C ASP A 164 -4.53 -31.27 -27.75
N ALA A 165 -5.61 -31.47 -27.01
CA ALA A 165 -5.59 -32.34 -25.83
C ALA A 165 -5.77 -33.79 -26.25
N ASP A 166 -4.98 -34.68 -25.65
CA ASP A 166 -5.08 -36.09 -25.96
C ASP A 166 -6.24 -36.74 -25.20
N ARG A 167 -6.45 -36.33 -23.95
CA ARG A 167 -7.58 -36.75 -23.15
C ARG A 167 -8.14 -35.51 -22.45
N LEU A 168 -9.45 -35.52 -22.23
CA LEU A 168 -10.13 -34.46 -21.49
C LEU A 168 -10.64 -35.04 -20.18
N LEU A 169 -10.31 -34.37 -19.08
CA LEU A 169 -10.96 -34.64 -17.81
C LEU A 169 -12.27 -33.86 -17.77
N VAL A 170 -13.40 -34.58 -17.70
CA VAL A 170 -14.71 -33.97 -17.86
C VAL A 170 -15.57 -34.25 -16.63
N PHE A 171 -16.35 -33.24 -16.24
CA PHE A 171 -17.22 -33.29 -15.08
C PHE A 171 -18.66 -33.04 -15.52
N ALA A 172 -19.58 -33.84 -14.98
CA ALA A 172 -21.00 -33.68 -15.29
C ALA A 172 -21.80 -34.09 -14.06
N VAL A 173 -23.08 -33.74 -14.06
CA VAL A 173 -23.99 -34.05 -12.97
C VAL A 173 -25.02 -35.05 -13.46
N THR A 174 -25.27 -36.10 -12.69
CA THR A 174 -26.19 -37.14 -13.15
C THR A 174 -27.60 -36.58 -13.30
N SER A 175 -28.31 -37.14 -14.26
CA SER A 175 -29.68 -36.73 -14.59
C SER A 175 -30.43 -37.95 -15.08
N ARG A 176 -31.73 -38.00 -14.78
CA ARG A 176 -32.53 -39.18 -15.11
C ARG A 176 -31.84 -40.44 -14.62
N ASP A 177 -31.31 -40.37 -13.40
CA ASP A 177 -30.47 -41.43 -12.86
C ASP A 177 -31.22 -42.16 -11.75
N PRO A 178 -31.52 -43.45 -11.92
CA PRO A 178 -32.24 -44.18 -10.87
C PRO A 178 -31.45 -44.31 -9.58
N ASN A 179 -30.11 -44.16 -9.63
CA ASN A 179 -29.28 -44.27 -8.44
C ASN A 179 -28.93 -42.92 -7.86
N GLY A 180 -29.67 -41.87 -8.21
CA GLY A 180 -29.44 -40.55 -7.64
C GLY A 180 -29.10 -39.51 -8.68
N ASP A 181 -29.94 -38.50 -8.81
CA ASP A 181 -29.61 -37.36 -9.65
C ASP A 181 -28.70 -36.39 -8.89
N GLY A 182 -28.07 -35.50 -9.64
CA GLY A 182 -27.24 -34.46 -9.03
C GLY A 182 -25.88 -34.91 -8.56
N ARG A 183 -25.49 -36.15 -8.82
CA ARG A 183 -24.18 -36.65 -8.40
C ARG A 183 -23.12 -36.29 -9.43
N ILE A 184 -21.94 -35.90 -8.94
CA ILE A 184 -20.86 -35.46 -9.83
C ILE A 184 -20.15 -36.69 -10.39
N VAL A 185 -20.16 -36.83 -11.70
CA VAL A 185 -19.36 -37.84 -12.39
C VAL A 185 -18.16 -37.17 -13.05
N ALA A 186 -17.01 -37.80 -12.94
CA ALA A 186 -15.80 -37.37 -13.60
C ALA A 186 -15.33 -38.50 -14.50
N ALA A 187 -14.79 -38.14 -15.65
CA ALA A 187 -14.36 -39.15 -16.61
C ALA A 187 -13.15 -38.61 -17.38
N LEU A 188 -12.35 -39.54 -17.90
CA LEU A 188 -11.19 -39.21 -18.72
C LEU A 188 -11.45 -39.80 -20.11
N ILE A 189 -11.69 -38.94 -21.10
CA ILE A 189 -12.14 -39.43 -22.40
C ILE A 189 -11.26 -38.87 -23.51
N PRO A 190 -11.21 -39.57 -24.64
CA PRO A 190 -10.49 -39.05 -25.80
C PRO A 190 -11.12 -37.75 -26.28
N SER A 191 -10.27 -36.78 -26.60
CA SER A 191 -10.76 -35.49 -27.08
C SER A 191 -11.44 -35.60 -28.43
N ASP A 192 -11.13 -36.65 -29.19
CA ASP A 192 -11.74 -36.87 -30.50
C ASP A 192 -12.92 -37.82 -30.43
N ARG A 193 -13.36 -38.19 -29.23
CA ARG A 193 -14.57 -38.98 -29.07
C ARG A 193 -15.73 -38.27 -29.77
N ALA A 194 -16.59 -39.05 -30.43
CA ALA A 194 -17.67 -38.46 -31.23
C ALA A 194 -18.60 -37.64 -30.34
N GLY A 195 -18.99 -36.46 -30.83
CA GLY A 195 -19.87 -35.58 -30.10
C GLY A 195 -19.16 -34.49 -29.31
N VAL A 196 -17.84 -34.55 -29.21
CA VAL A 196 -17.06 -33.53 -28.52
C VAL A 196 -16.67 -32.46 -29.52
N GLN A 197 -17.08 -31.23 -29.27
CA GLN A 197 -16.78 -30.10 -30.15
C GLN A 197 -16.04 -29.02 -29.35
N VAL A 198 -14.74 -28.88 -29.61
CA VAL A 198 -13.95 -27.79 -29.05
C VAL A 198 -14.19 -26.55 -29.91
N ASN A 199 -14.71 -25.48 -29.30
CA ASN A 199 -15.25 -24.37 -30.06
C ASN A 199 -14.23 -23.31 -30.47
N GLY A 200 -13.04 -23.29 -29.88
CA GLY A 200 -12.02 -22.36 -30.34
C GLY A 200 -12.38 -20.88 -30.21
N ASP A 201 -13.07 -20.50 -29.14
CA ASP A 201 -13.52 -19.13 -28.96
C ASP A 201 -12.76 -18.39 -27.85
N TRP A 202 -11.51 -18.77 -27.59
CA TRP A 202 -10.69 -18.10 -26.60
C TRP A 202 -10.00 -16.90 -27.22
N ASP A 203 -10.32 -15.70 -26.73
CA ASP A 203 -9.72 -14.46 -27.25
C ASP A 203 -9.63 -13.51 -26.05
N SER A 204 -8.53 -13.60 -25.31
CA SER A 204 -8.42 -13.03 -23.98
C SER A 204 -7.39 -11.91 -23.93
N LEU A 205 -7.49 -11.11 -22.86
CA LEU A 205 -6.50 -10.06 -22.62
C LEU A 205 -5.10 -10.65 -22.46
N GLY A 206 -4.96 -11.60 -21.55
CA GLY A 206 -3.73 -12.34 -21.37
C GLY A 206 -4.00 -13.83 -21.34
N MET A 207 -2.97 -14.63 -21.06
CA MET A 207 -3.08 -16.09 -21.11
C MET A 207 -3.64 -16.51 -22.47
N ARG A 208 -3.17 -15.83 -23.52
CA ARG A 208 -3.83 -15.88 -24.82
C ARG A 208 -3.63 -17.21 -25.54
N GLN A 209 -2.69 -18.06 -25.12
CA GLN A 209 -2.48 -19.33 -25.81
C GLN A 209 -2.85 -20.53 -24.95
N THR A 210 -3.77 -20.36 -23.99
CA THR A 210 -4.19 -21.48 -23.15
C THR A 210 -5.40 -22.23 -23.69
N ASP A 211 -6.02 -21.76 -24.77
CA ASP A 211 -7.19 -22.43 -25.37
C ASP A 211 -8.28 -22.68 -24.34
N SER A 212 -8.54 -21.67 -23.49
CA SER A 212 -9.52 -21.82 -22.42
C SER A 212 -10.92 -21.42 -22.85
N GLY A 213 -11.30 -21.81 -24.07
CA GLY A 213 -12.63 -21.54 -24.57
C GLY A 213 -13.63 -22.60 -24.15
N SER A 214 -14.78 -22.58 -24.81
CA SER A 214 -15.89 -23.47 -24.51
C SER A 214 -15.78 -24.79 -25.27
N VAL A 215 -16.43 -25.81 -24.72
CA VAL A 215 -16.49 -27.15 -25.32
C VAL A 215 -17.92 -27.63 -25.20
N THR A 216 -18.49 -28.06 -26.33
CA THR A 216 -19.88 -28.51 -26.38
C THR A 216 -19.95 -30.02 -26.54
N PHE A 217 -20.73 -30.65 -25.66
CA PHE A 217 -20.90 -32.11 -25.63
C PHE A 217 -22.28 -32.46 -26.15
N SER A 218 -22.33 -33.20 -27.26
CA SER A 218 -23.58 -33.63 -27.89
C SER A 218 -23.63 -35.16 -27.92
N GLY A 219 -24.42 -35.74 -27.02
CA GLY A 219 -24.57 -37.18 -26.95
C GLY A 219 -23.28 -37.95 -26.76
N VAL A 220 -22.37 -37.42 -25.95
CA VAL A 220 -21.03 -38.01 -25.83
C VAL A 220 -21.09 -39.20 -24.88
N VAL A 221 -20.61 -40.33 -25.34
CA VAL A 221 -20.65 -41.56 -24.56
C VAL A 221 -19.41 -41.64 -23.68
N VAL A 222 -19.62 -41.97 -22.41
CA VAL A 222 -18.56 -42.25 -21.44
C VAL A 222 -18.75 -43.69 -20.97
N TYR A 223 -17.72 -44.51 -21.14
CA TYR A 223 -17.82 -45.91 -20.75
C TYR A 223 -17.40 -46.09 -19.30
N PRO A 224 -17.85 -47.18 -18.66
CA PRO A 224 -17.49 -47.40 -17.25
C PRO A 224 -16.00 -47.38 -16.99
N ASP A 225 -15.18 -47.94 -17.90
CA ASP A 225 -13.75 -47.96 -17.67
C ASP A 225 -13.10 -46.59 -17.87
N GLU A 226 -13.88 -45.57 -18.19
CA GLU A 226 -13.38 -44.20 -18.26
C GLU A 226 -13.81 -43.36 -17.06
N LEU A 227 -14.66 -43.89 -16.20
CA LEU A 227 -15.16 -43.14 -15.04
C LEU A 227 -14.10 -43.08 -13.96
N LEU A 228 -13.98 -41.91 -13.34
CA LEU A 228 -13.02 -41.70 -12.25
C LEU A 228 -13.82 -41.83 -10.95
N GLY A 229 -13.89 -43.06 -10.45
CA GLY A 229 -14.72 -43.37 -9.30
C GLY A 229 -16.18 -43.47 -9.68
N THR A 230 -16.99 -43.83 -8.69
CA THR A 230 -18.42 -43.87 -8.90
C THR A 230 -18.99 -42.46 -8.87
N PRO A 231 -20.15 -42.25 -9.51
CA PRO A 231 -20.79 -40.93 -9.44
C PRO A 231 -21.02 -40.51 -7.99
N GLY A 232 -20.67 -39.25 -7.68
CA GLY A 232 -20.77 -38.74 -6.33
C GLY A 232 -19.56 -38.99 -5.45
N GLN A 233 -18.63 -39.87 -5.88
CA GLN A 233 -17.50 -40.22 -5.02
C GLN A 233 -16.65 -39.01 -4.68
N VAL A 234 -16.47 -38.08 -5.62
CA VAL A 234 -15.66 -36.90 -5.33
C VAL A 234 -16.28 -36.10 -4.19
N THR A 235 -17.61 -35.97 -4.18
CA THR A 235 -18.27 -35.22 -3.11
C THR A 235 -18.08 -35.91 -1.76
N ASP A 236 -18.21 -37.24 -1.72
CA ASP A 236 -17.91 -37.99 -0.50
C ASP A 236 -16.46 -37.82 -0.09
N ALA A 237 -15.52 -37.88 -1.04
CA ALA A 237 -14.11 -37.74 -0.67
C ALA A 237 -13.81 -36.35 -0.10
N PHE A 238 -14.34 -35.30 -0.71
CA PHE A 238 -14.05 -33.97 -0.21
C PHE A 238 -14.71 -33.74 1.14
N ALA A 239 -15.99 -34.11 1.26
CA ALA A 239 -16.70 -33.93 2.54
C ALA A 239 -16.03 -34.72 3.65
N SER A 240 -15.45 -35.88 3.32
CA SER A 240 -14.79 -36.72 4.33
C SER A 240 -13.37 -36.28 4.64
N GLY A 241 -12.77 -35.43 3.81
CA GLY A 241 -11.33 -35.26 3.93
C GLY A 241 -10.52 -36.46 3.49
N SER A 242 -11.08 -37.31 2.64
CA SER A 242 -10.28 -38.37 2.04
C SER A 242 -9.09 -37.77 1.29
N LYS A 243 -8.16 -38.64 0.91
CA LYS A 243 -6.95 -38.18 0.21
C LYS A 243 -7.24 -37.33 -1.01
N PRO A 244 -8.27 -37.61 -1.82
CA PRO A 244 -8.55 -36.76 -2.97
C PRO A 244 -8.80 -35.30 -2.61
N SER A 245 -9.10 -34.98 -1.34
CA SER A 245 -9.28 -33.59 -0.96
C SER A 245 -7.98 -32.80 -1.03
N LEU A 246 -6.84 -33.47 -1.24
CA LEU A 246 -5.61 -32.76 -1.54
C LEU A 246 -5.62 -32.07 -2.91
N TRP A 247 -6.56 -32.42 -3.79
CA TRP A 247 -6.55 -31.86 -5.13
C TRP A 247 -6.60 -30.34 -5.12
N THR A 248 -7.44 -29.76 -4.26
CA THR A 248 -7.59 -28.30 -4.27
C THR A 248 -6.31 -27.60 -3.81
N PRO A 249 -5.71 -27.94 -2.67
CA PRO A 249 -4.44 -27.28 -2.31
C PRO A 249 -3.37 -27.50 -3.35
N ILE A 250 -3.29 -28.70 -3.93
CA ILE A 250 -2.33 -28.96 -5.00
C ILE A 250 -2.53 -27.99 -6.15
N THR A 251 -3.77 -27.86 -6.62
CA THR A 251 -4.06 -27.03 -7.79
C THR A 251 -3.89 -25.55 -7.50
N GLN A 252 -4.38 -25.08 -6.33
CA GLN A 252 -4.16 -23.68 -5.98
C GLN A 252 -2.68 -23.34 -5.82
N LEU A 253 -1.85 -24.31 -5.38
CA LEU A 253 -0.41 -24.06 -5.34
C LEU A 253 0.20 -24.06 -6.75
N ILE A 254 -0.41 -24.78 -7.69
CA ILE A 254 0.00 -24.65 -9.10
C ILE A 254 -0.20 -23.22 -9.58
N PHE A 255 -1.38 -22.65 -9.31
CA PHE A 255 -1.63 -21.26 -9.68
C PHE A 255 -0.62 -20.33 -9.02
N THR A 256 -0.36 -20.53 -7.73
CA THR A 256 0.64 -19.73 -7.04
C THR A 256 1.97 -19.72 -7.77
N HIS A 257 2.42 -20.88 -8.27
CA HIS A 257 3.70 -20.95 -8.95
C HIS A 257 3.65 -20.28 -10.33
N LEU A 258 2.48 -20.27 -10.98
CA LEU A 258 2.37 -19.45 -12.19
C LEU A 258 2.62 -17.98 -11.86
N TYR A 259 2.06 -17.51 -10.74
CA TYR A 259 2.18 -16.09 -10.42
C TYR A 259 3.60 -15.73 -10.01
N LEU A 260 4.26 -16.61 -9.25
CA LEU A 260 5.66 -16.37 -8.91
C LEU A 260 6.56 -16.49 -10.13
N GLY A 261 6.24 -17.39 -11.07
CA GLY A 261 7.05 -17.47 -12.27
C GLY A 261 6.93 -16.21 -13.11
N ILE A 262 5.69 -15.76 -13.33
CA ILE A 262 5.46 -14.51 -14.05
C ILE A 262 6.19 -13.36 -13.37
N ALA A 263 6.10 -13.29 -12.03
CA ALA A 263 6.75 -12.21 -11.30
C ALA A 263 8.26 -12.20 -11.55
N ARG A 264 8.89 -13.38 -11.40
CA ARG A 264 10.33 -13.47 -11.61
C ARG A 264 10.71 -13.15 -13.04
N GLY A 265 9.93 -13.65 -14.01
CA GLY A 265 10.20 -13.35 -15.40
C GLY A 265 10.11 -11.86 -15.71
N ALA A 266 9.09 -11.21 -15.15
CA ALA A 266 8.94 -9.76 -15.33
C ALA A 266 10.10 -9.01 -14.70
N LEU A 267 10.49 -9.39 -13.48
CA LEU A 267 11.56 -8.67 -12.79
C LEU A 267 12.88 -8.82 -13.53
N GLU A 268 13.18 -10.02 -14.04
CA GLU A 268 14.43 -10.23 -14.77
C GLU A 268 14.43 -9.49 -16.10
N GLU A 269 13.31 -9.54 -16.83
CA GLU A 269 13.22 -8.81 -18.10
C GLU A 269 13.37 -7.31 -17.87
N ALA A 270 12.70 -6.77 -16.84
CA ALA A 270 12.86 -5.36 -16.53
C ALA A 270 14.31 -5.04 -16.20
N ALA A 271 14.96 -5.89 -15.40
CA ALA A 271 16.33 -5.60 -15.01
C ALA A 271 17.26 -5.58 -16.22
N HIS A 272 17.06 -6.51 -17.15
CA HIS A 272 17.88 -6.48 -18.36
C HIS A 272 17.67 -5.19 -19.13
N TYR A 273 16.42 -4.75 -19.25
CA TYR A 273 16.16 -3.49 -19.92
C TYR A 273 16.85 -2.34 -19.20
N SER A 274 16.73 -2.31 -17.87
CA SER A 274 17.34 -1.22 -17.12
C SER A 274 18.85 -1.19 -17.32
N ARG A 275 19.50 -2.36 -17.29
CA ARG A 275 20.95 -2.40 -17.45
C ARG A 275 21.38 -1.96 -18.84
N SER A 276 20.60 -2.31 -19.86
CA SER A 276 21.05 -2.11 -21.23
C SER A 276 20.44 -0.89 -21.91
N HIS A 277 19.37 -0.29 -21.36
CA HIS A 277 18.58 0.65 -22.17
C HIS A 277 18.03 1.85 -21.41
N SER A 278 17.83 1.79 -20.10
CA SER A 278 17.34 2.96 -19.39
C SER A 278 18.37 4.09 -19.41
N ARG A 279 17.87 5.32 -19.45
CA ARG A 279 18.76 6.46 -19.37
C ARG A 279 18.73 7.03 -17.95
N PRO A 280 19.87 7.51 -17.45
CA PRO A 280 19.85 8.14 -16.13
C PRO A 280 19.05 9.44 -16.19
N PHE A 281 18.46 9.78 -15.05
CA PHE A 281 17.72 11.05 -14.94
C PHE A 281 18.74 12.13 -14.57
N THR A 282 19.50 12.54 -15.58
CA THR A 282 20.62 13.46 -15.35
C THR A 282 20.16 14.80 -14.82
N LEU A 283 18.90 15.18 -15.02
CA LEU A 283 18.36 16.37 -14.35
C LEU A 283 18.61 16.29 -12.85
N ALA A 284 18.50 15.09 -12.29
CA ALA A 284 18.72 14.84 -10.87
C ALA A 284 20.17 14.53 -10.54
N GLY A 285 21.07 14.56 -11.51
CA GLY A 285 22.47 14.27 -11.25
C GLY A 285 22.81 12.80 -11.22
N VAL A 286 21.95 11.94 -11.74
CA VAL A 286 22.25 10.52 -11.83
C VAL A 286 23.14 10.29 -13.05
N GLU A 287 24.21 9.53 -12.86
CA GLU A 287 25.11 9.21 -13.98
C GLU A 287 24.69 7.93 -14.71
N LYS A 288 24.14 6.95 -13.99
CA LYS A 288 23.66 5.72 -14.59
C LYS A 288 22.34 5.34 -13.92
N ALA A 289 21.37 4.92 -14.74
CA ALA A 289 20.07 4.53 -14.21
C ALA A 289 20.19 3.42 -13.17
N THR A 290 21.14 2.50 -13.37
CA THR A 290 21.33 1.39 -12.44
C THR A 290 21.88 1.84 -11.09
N GLU A 291 22.30 3.10 -10.96
CA GLU A 291 22.71 3.65 -9.69
C GLU A 291 21.69 4.61 -9.11
N ASP A 292 20.55 4.78 -9.76
CA ASP A 292 19.53 5.70 -9.25
C ASP A 292 18.93 5.15 -7.97
N PRO A 293 18.82 5.96 -6.90
CA PRO A 293 18.31 5.41 -5.63
C PRO A 293 16.88 4.91 -5.73
N TYR A 294 16.06 5.51 -6.58
CA TYR A 294 14.66 5.11 -6.67
C TYR A 294 14.46 3.94 -7.61
N VAL A 295 15.24 3.84 -8.69
CA VAL A 295 15.30 2.59 -9.45
C VAL A 295 15.70 1.44 -8.54
N LEU A 296 16.78 1.62 -7.77
CA LEU A 296 17.24 0.52 -6.90
C LEU A 296 16.20 0.13 -5.87
N ALA A 297 15.43 1.11 -5.35
CA ALA A 297 14.42 0.80 -4.36
C ALA A 297 13.28 0.00 -4.95
N ILE A 298 12.89 0.30 -6.19
CA ILE A 298 11.83 -0.47 -6.85
C ILE A 298 12.26 -1.92 -7.02
N TYR A 299 13.45 -2.14 -7.59
CA TYR A 299 13.94 -3.52 -7.71
C TYR A 299 14.11 -4.18 -6.35
N GLY A 300 14.62 -3.45 -5.36
CA GLY A 300 14.83 -4.07 -4.05
C GLY A 300 13.53 -4.49 -3.39
N GLU A 301 12.52 -3.62 -3.45
CA GLU A 301 11.26 -3.92 -2.78
C GLU A 301 10.61 -5.17 -3.41
N PHE A 302 10.60 -5.26 -4.74
CA PHE A 302 9.93 -6.39 -5.37
C PHE A 302 10.77 -7.65 -5.35
N ALA A 303 12.10 -7.52 -5.53
CA ALA A 303 12.94 -8.72 -5.39
C ALA A 303 12.87 -9.28 -3.97
N ALA A 304 12.80 -8.40 -2.97
CA ALA A 304 12.72 -8.88 -1.59
C ALA A 304 11.44 -9.67 -1.35
N GLN A 305 10.28 -9.10 -1.72
CA GLN A 305 9.04 -9.84 -1.55
C GLN A 305 9.09 -11.15 -2.33
N LEU A 306 9.70 -11.13 -3.53
CA LEU A 306 9.77 -12.34 -4.34
C LEU A 306 10.62 -13.42 -3.66
N GLN A 307 11.76 -13.02 -3.08
CA GLN A 307 12.61 -13.99 -2.38
C GLN A 307 11.84 -14.68 -1.26
N VAL A 308 11.11 -13.90 -0.45
CA VAL A 308 10.37 -14.47 0.67
C VAL A 308 9.27 -15.39 0.16
N ALA A 309 8.53 -14.94 -0.87
CA ALA A 309 7.43 -15.74 -1.37
C ALA A 309 7.93 -17.04 -2.00
N GLU A 310 9.03 -16.97 -2.75
CA GLU A 310 9.60 -18.16 -3.35
C GLU A 310 10.08 -19.14 -2.28
N ALA A 311 10.77 -18.65 -1.25
CA ALA A 311 11.20 -19.54 -0.17
C ALA A 311 10.00 -20.17 0.52
N GLY A 312 8.98 -19.38 0.82
CA GLY A 312 7.79 -19.93 1.43
C GLY A 312 7.10 -20.95 0.55
N ALA A 313 7.10 -20.72 -0.77
CA ALA A 313 6.43 -21.63 -1.69
C ALA A 313 7.17 -22.98 -1.76
N ARG A 314 8.50 -22.95 -1.65
CA ARG A 314 9.25 -24.20 -1.59
C ARG A 314 8.88 -25.02 -0.36
N GLU A 315 8.72 -24.36 0.79
CA GLU A 315 8.34 -25.12 1.98
C GLU A 315 6.97 -25.76 1.81
N VAL A 316 6.01 -25.02 1.26
CA VAL A 316 4.67 -25.57 1.11
C VAL A 316 4.67 -26.69 0.07
N ALA A 317 5.50 -26.59 -0.97
CA ALA A 317 5.60 -27.66 -1.96
C ALA A 317 6.11 -28.96 -1.32
N LEU A 318 7.07 -28.84 -0.40
CA LEU A 318 7.55 -30.01 0.31
C LEU A 318 6.44 -30.63 1.16
N ARG A 319 5.61 -29.78 1.78
CA ARG A 319 4.50 -30.32 2.57
C ARG A 319 3.49 -31.03 1.69
N VAL A 320 3.24 -30.51 0.47
CA VAL A 320 2.39 -31.21 -0.48
C VAL A 320 2.92 -32.62 -0.72
N GLN A 321 4.23 -32.74 -0.95
CA GLN A 321 4.80 -34.04 -1.22
C GLN A 321 4.62 -34.97 -0.02
N GLU A 322 4.87 -34.46 1.17
CA GLU A 322 4.77 -35.27 2.38
C GLU A 322 3.36 -35.83 2.54
N LEU A 323 2.34 -34.99 2.37
CA LEU A 323 0.98 -35.49 2.51
C LEU A 323 0.57 -36.36 1.33
N TRP A 324 1.07 -36.05 0.14
CA TRP A 324 0.82 -36.90 -1.03
C TRP A 324 1.23 -38.35 -0.77
N GLU A 325 2.29 -38.57 -0.02
CA GLU A 325 2.81 -39.91 0.23
C GLU A 325 2.09 -40.63 1.36
N ARG A 326 1.30 -39.93 2.18
CA ARG A 326 0.61 -40.56 3.29
C ARG A 326 -0.57 -41.39 2.78
N ASN A 327 -0.86 -42.48 3.50
CA ASN A 327 -2.10 -43.20 3.21
C ASN A 327 -3.33 -42.36 3.54
N HIS A 328 -3.27 -41.64 4.66
CA HIS A 328 -4.39 -40.86 5.15
C HIS A 328 -3.92 -39.48 5.54
N VAL A 329 -4.71 -38.47 5.19
CA VAL A 329 -4.48 -37.09 5.62
C VAL A 329 -5.65 -36.67 6.50
N THR A 330 -5.35 -36.18 7.69
CA THR A 330 -6.42 -35.78 8.59
C THR A 330 -7.02 -34.45 8.14
N PRO A 331 -8.24 -34.13 8.61
CA PRO A 331 -8.81 -32.82 8.29
C PRO A 331 -7.93 -31.67 8.74
N GLU A 332 -7.25 -31.81 9.87
CA GLU A 332 -6.36 -30.76 10.34
C GLU A 332 -5.16 -30.59 9.42
N GLN A 333 -4.57 -31.71 9.00
CA GLN A 333 -3.44 -31.65 8.07
C GLN A 333 -3.87 -31.02 6.75
N ARG A 334 -5.01 -31.44 6.20
CA ARG A 334 -5.47 -30.89 4.93
C ARG A 334 -5.85 -29.42 5.09
N GLY A 335 -6.54 -29.09 6.17
CA GLY A 335 -6.92 -27.70 6.41
C GLY A 335 -5.72 -26.80 6.59
N GLN A 336 -4.73 -27.25 7.34
CA GLN A 336 -3.52 -26.44 7.51
C GLN A 336 -2.80 -26.24 6.19
N LEU A 337 -2.67 -27.30 5.38
CA LEU A 337 -2.08 -27.14 4.05
C LEU A 337 -2.87 -26.13 3.21
N MET A 338 -4.20 -26.25 3.19
CA MET A 338 -4.99 -25.33 2.37
C MET A 338 -4.80 -23.88 2.81
N VAL A 339 -4.69 -23.65 4.13
CA VAL A 339 -4.42 -22.31 4.64
C VAL A 339 -3.05 -21.82 4.18
N GLN A 340 -2.03 -22.70 4.23
CA GLN A 340 -0.71 -22.30 3.77
C GLN A 340 -0.73 -21.99 2.28
N VAL A 341 -1.47 -22.77 1.49
CA VAL A 341 -1.52 -22.57 0.05
C VAL A 341 -2.29 -21.29 -0.27
N ALA A 342 -3.46 -21.10 0.35
CA ALA A 342 -4.20 -19.86 0.16
C ALA A 342 -3.34 -18.66 0.52
N SER A 343 -2.61 -18.73 1.64
CA SER A 343 -1.75 -17.63 2.03
C SER A 343 -0.70 -17.34 0.96
N ALA A 344 -0.06 -18.39 0.45
CA ALA A 344 0.93 -18.20 -0.61
C ALA A 344 0.28 -17.59 -1.85
N LYS A 345 -0.91 -18.07 -2.23
CA LYS A 345 -1.56 -17.53 -3.41
C LYS A 345 -1.92 -16.06 -3.23
N ILE A 346 -2.37 -15.69 -2.03
CA ILE A 346 -2.73 -14.29 -1.76
C ILE A 346 -1.52 -13.40 -1.95
N VAL A 347 -0.41 -13.74 -1.29
CA VAL A 347 0.80 -12.93 -1.37
C VAL A 347 1.30 -12.87 -2.81
N ALA A 348 1.27 -14.00 -3.52
CA ALA A 348 1.79 -14.02 -4.88
C ALA A 348 0.90 -13.23 -5.83
N THR A 349 -0.42 -13.24 -5.59
CA THR A 349 -1.34 -12.44 -6.40
C THR A 349 -1.03 -10.96 -6.25
N ARG A 350 -0.93 -10.47 -5.01
CA ARG A 350 -0.66 -9.05 -4.84
C ARG A 350 0.70 -8.69 -5.42
N LEU A 351 1.70 -9.56 -5.22
CA LEU A 351 3.04 -9.27 -5.69
C LEU A 351 3.09 -9.15 -7.20
N VAL A 352 2.54 -10.12 -7.92
CA VAL A 352 2.67 -10.12 -9.38
C VAL A 352 1.86 -8.98 -9.99
N ILE A 353 0.69 -8.68 -9.42
CA ILE A 353 -0.14 -7.62 -10.00
C ILE A 353 0.53 -6.27 -9.82
N GLU A 354 1.13 -6.03 -8.65
CA GLU A 354 1.80 -4.75 -8.45
C GLU A 354 3.08 -4.67 -9.28
N LEU A 355 3.89 -5.73 -9.24
CA LEU A 355 5.21 -5.72 -9.87
C LEU A 355 5.13 -5.50 -11.37
N THR A 356 4.24 -6.23 -12.05
CA THR A 356 4.19 -6.16 -13.51
C THR A 356 3.72 -4.79 -13.99
N SER A 357 3.00 -4.04 -13.16
CA SER A 357 2.63 -2.67 -13.53
C SER A 357 3.71 -1.66 -13.13
N ARG A 358 4.19 -1.75 -11.89
CA ARG A 358 5.06 -0.71 -11.35
C ARG A 358 6.49 -0.75 -11.88
N LEU A 359 6.97 -1.90 -12.38
CA LEU A 359 8.31 -1.95 -12.93
C LEU A 359 8.52 -1.02 -14.11
N TYR A 360 7.45 -0.59 -14.80
CA TYR A 360 7.66 0.43 -15.83
C TYR A 360 8.34 1.66 -15.26
N GLU A 361 8.04 1.98 -13.99
CA GLU A 361 8.64 3.17 -13.39
C GLU A 361 10.14 3.05 -13.25
N ALA A 362 10.65 1.82 -13.17
CA ALA A 362 12.08 1.60 -13.13
C ALA A 362 12.72 1.64 -14.51
N MET A 363 11.95 1.42 -15.57
CA MET A 363 12.51 1.33 -16.92
C MET A 363 12.42 2.65 -17.67
N GLY A 364 11.35 3.41 -17.48
CA GLY A 364 11.19 4.69 -18.14
C GLY A 364 10.22 4.63 -19.31
N ALA A 365 10.00 5.81 -19.90
CA ALA A 365 8.92 5.98 -20.87
C ALA A 365 9.14 5.17 -22.14
N ARG A 366 10.39 5.00 -22.57
CA ARG A 366 10.58 4.29 -23.82
C ARG A 366 10.16 2.83 -23.73
N ALA A 367 10.05 2.27 -22.52
CA ALA A 367 9.58 0.90 -22.40
C ALA A 367 8.11 0.76 -22.79
N ALA A 368 7.32 1.84 -22.65
CA ALA A 368 5.95 1.84 -23.12
C ALA A 368 5.78 2.49 -24.48
N ALA A 369 6.71 3.34 -24.89
CA ALA A 369 6.53 4.06 -26.16
C ALA A 369 6.62 3.13 -27.35
N SER A 370 7.35 2.02 -27.22
CA SER A 370 7.44 1.01 -28.28
C SER A 370 6.61 -0.19 -27.86
N ARG A 371 5.40 -0.29 -28.42
CA ARG A 371 4.53 -1.43 -28.11
C ARG A 371 5.24 -2.76 -28.30
N GLN A 372 6.15 -2.84 -29.28
CA GLN A 372 6.76 -4.13 -29.61
C GLN A 372 7.67 -4.64 -28.52
N PHE A 373 8.17 -3.78 -27.63
CA PHE A 373 8.93 -4.28 -26.50
C PHE A 373 8.13 -5.35 -25.76
N GLY A 374 6.82 -5.15 -25.64
CA GLY A 374 5.93 -6.23 -25.22
C GLY A 374 5.95 -6.54 -23.74
N PHE A 375 6.47 -5.63 -22.91
CA PHE A 375 6.59 -5.94 -21.49
C PHE A 375 5.21 -6.08 -20.83
N ASP A 376 4.18 -5.45 -21.39
CA ASP A 376 2.84 -5.52 -20.82
C ASP A 376 2.25 -6.93 -20.83
N ARG A 377 2.84 -7.85 -21.62
CA ARG A 377 2.40 -9.24 -21.58
C ARG A 377 2.38 -9.80 -20.16
N PHE A 378 3.37 -9.45 -19.33
CA PHE A 378 3.40 -9.99 -17.97
C PHE A 378 2.18 -9.54 -17.18
N TRP A 379 1.89 -8.24 -17.19
CA TRP A 379 0.70 -7.74 -16.51
C TRP A 379 -0.56 -8.34 -17.11
N ARG A 380 -0.64 -8.41 -18.44
CA ARG A 380 -1.85 -8.96 -19.04
C ARG A 380 -2.07 -10.41 -18.62
N ASP A 381 -0.99 -11.21 -18.60
CA ASP A 381 -1.10 -12.61 -18.19
C ASP A 381 -1.49 -12.71 -16.72
N ALA A 382 -0.79 -11.99 -15.84
CA ALA A 382 -1.11 -12.06 -14.41
C ALA A 382 -2.50 -11.51 -14.14
N ARG A 383 -2.85 -10.40 -14.77
CA ARG A 383 -4.13 -9.76 -14.49
C ARG A 383 -5.28 -10.67 -14.91
N THR A 384 -5.08 -11.44 -15.99
CA THR A 384 -6.13 -12.37 -16.41
C THR A 384 -6.22 -13.54 -15.45
N HIS A 385 -5.09 -14.18 -15.16
CA HIS A 385 -5.18 -15.45 -14.44
C HIS A 385 -5.55 -15.25 -12.96
N THR A 386 -5.07 -14.16 -12.34
CA THR A 386 -5.36 -13.94 -10.92
C THR A 386 -6.85 -13.82 -10.63
N LEU A 387 -7.68 -13.67 -11.65
CA LEU A 387 -9.12 -13.58 -11.49
C LEU A 387 -9.78 -14.96 -11.53
N HIS A 388 -8.98 -16.02 -11.70
CA HIS A 388 -9.51 -17.38 -11.79
C HIS A 388 -10.52 -17.66 -10.68
N ASP A 389 -10.15 -17.35 -9.44
CA ASP A 389 -11.11 -17.29 -8.35
C ASP A 389 -10.75 -16.09 -7.49
N PRO A 390 -11.74 -15.43 -6.90
CA PRO A 390 -11.51 -14.09 -6.32
C PRO A 390 -10.59 -14.14 -5.11
N VAL A 391 -9.51 -13.35 -5.18
CA VAL A 391 -8.57 -13.35 -4.06
C VAL A 391 -9.24 -12.87 -2.77
N ALA A 392 -10.27 -12.03 -2.89
CA ALA A 392 -10.95 -11.52 -1.70
C ALA A 392 -11.50 -12.65 -0.85
N TYR A 393 -11.93 -13.75 -1.47
CA TYR A 393 -12.49 -14.86 -0.71
C TYR A 393 -11.44 -15.84 -0.24
N LYS A 394 -10.28 -15.91 -0.91
CA LYS A 394 -9.14 -16.56 -0.27
C LYS A 394 -8.75 -15.82 1.00
N ILE A 395 -8.70 -14.49 0.92
CA ILE A 395 -8.40 -13.69 2.11
C ILE A 395 -9.44 -13.96 3.20
N ARG A 396 -10.72 -13.99 2.84
CA ARG A 396 -11.73 -14.31 3.85
C ARG A 396 -11.52 -15.69 4.47
N GLU A 397 -11.17 -16.68 3.65
CA GLU A 397 -10.92 -18.03 4.19
C GLU A 397 -9.78 -18.02 5.19
N VAL A 398 -8.69 -17.31 4.89
CA VAL A 398 -7.58 -17.29 5.84
C VAL A 398 -7.99 -16.54 7.11
N GLY A 399 -8.79 -15.48 6.95
CA GLY A 399 -9.24 -14.74 8.11
C GLY A 399 -10.21 -15.55 8.95
N ASN A 400 -11.11 -16.29 8.30
CA ASN A 400 -12.03 -17.16 9.03
C ASN A 400 -11.27 -18.24 9.79
N TRP A 401 -10.16 -18.73 9.22
CA TRP A 401 -9.33 -19.69 9.92
C TRP A 401 -8.65 -19.06 11.12
N PHE A 402 -7.98 -17.92 10.91
CA PHE A 402 -7.19 -17.35 12.01
C PHE A 402 -8.10 -16.85 13.14
N LEU A 403 -9.18 -16.16 12.79
CA LEU A 403 -10.02 -15.55 13.82
C LEU A 403 -10.97 -16.56 14.45
N ASN A 404 -11.60 -17.40 13.63
CA ASN A 404 -12.67 -18.26 14.12
C ASN A 404 -12.26 -19.73 14.17
N HIS A 405 -11.00 -20.06 13.89
CA HIS A 405 -10.50 -21.43 13.96
C HIS A 405 -11.27 -22.37 13.04
N ARG A 406 -11.74 -21.86 11.91
CA ARG A 406 -12.49 -22.66 10.95
C ARG A 406 -11.64 -22.91 9.72
N PHE A 407 -11.34 -24.18 9.45
CA PHE A 407 -10.66 -24.52 8.20
C PHE A 407 -11.62 -24.32 7.03
N PRO A 408 -11.08 -23.99 5.85
CA PRO A 408 -11.95 -23.85 4.67
C PRO A 408 -12.67 -25.15 4.39
N THR A 409 -13.86 -25.03 3.82
CA THR A 409 -14.66 -26.20 3.46
C THR A 409 -14.12 -26.82 2.18
N PRO A 410 -13.68 -28.08 2.18
CA PRO A 410 -13.14 -28.68 0.95
C PRO A 410 -14.14 -28.62 -0.19
N SER A 411 -13.67 -28.12 -1.32
CA SER A 411 -14.49 -28.00 -2.52
C SER A 411 -13.54 -27.90 -3.70
N PHE A 412 -14.09 -27.60 -4.89
CA PHE A 412 -13.19 -27.42 -6.02
C PHE A 412 -12.42 -26.11 -5.94
N TYR A 413 -12.82 -25.20 -5.05
CA TYR A 413 -12.14 -23.90 -4.95
C TYR A 413 -11.45 -23.68 -3.62
N SER A 414 -11.74 -24.48 -2.60
CA SER A 414 -11.11 -24.29 -1.30
C SER A 414 -10.92 -25.63 -0.59
N HIS B 15 -20.81 27.87 -18.40
CA HIS B 15 -20.85 26.42 -18.50
C HIS B 15 -21.00 25.93 -19.95
N ARG B 16 -21.07 26.87 -20.89
CA ARG B 16 -21.27 26.49 -22.29
C ARG B 16 -20.08 25.69 -22.81
N ALA B 17 -18.87 26.18 -22.56
CA ALA B 17 -17.67 25.47 -23.01
C ALA B 17 -17.62 24.05 -22.45
N LEU B 18 -17.93 23.88 -21.16
CA LEU B 18 -17.86 22.55 -20.60
C LEU B 18 -18.94 21.64 -21.19
N ASP B 19 -20.13 22.18 -21.49
CA ASP B 19 -21.13 21.40 -22.19
C ASP B 19 -20.60 20.95 -23.55
N VAL B 20 -19.91 21.84 -24.25
CA VAL B 20 -19.34 21.47 -25.54
C VAL B 20 -18.31 20.36 -25.37
N ALA B 21 -17.44 20.49 -24.36
CA ALA B 21 -16.46 19.44 -24.10
C ALA B 21 -17.15 18.11 -23.76
N THR B 22 -18.19 18.17 -22.94
CA THR B 22 -18.89 16.96 -22.56
C THR B 22 -19.48 16.25 -23.77
N GLU B 23 -20.04 17.02 -24.71
CA GLU B 23 -20.65 16.42 -25.90
C GLU B 23 -19.60 15.83 -26.82
N LEU B 24 -18.49 16.54 -27.04
CA LEU B 24 -17.35 15.95 -27.74
C LEU B 24 -16.97 14.61 -27.14
N ALA B 25 -16.82 14.56 -25.81
CA ALA B 25 -16.35 13.33 -25.17
C ALA B 25 -17.35 12.20 -25.37
N LYS B 26 -18.64 12.51 -25.35
CA LYS B 26 -19.68 11.52 -25.62
C LYS B 26 -19.49 10.89 -27.00
N THR B 27 -19.26 11.71 -28.02
CA THR B 27 -19.07 11.15 -29.35
C THR B 27 -17.78 10.33 -29.42
N PHE B 28 -16.72 10.78 -28.73
CA PHE B 28 -15.46 10.06 -28.78
C PHE B 28 -15.57 8.67 -28.14
N ARG B 29 -16.35 8.55 -27.06
CA ARG B 29 -16.49 7.25 -26.38
C ARG B 29 -17.07 6.17 -27.30
N VAL B 30 -17.86 6.57 -28.30
CA VAL B 30 -18.51 5.59 -29.16
C VAL B 30 -17.49 4.81 -29.97
N THR B 31 -16.41 5.47 -30.38
CA THR B 31 -15.49 4.91 -31.37
C THR B 31 -14.08 4.65 -30.86
N VAL B 32 -13.77 5.01 -29.61
CA VAL B 32 -12.37 4.99 -29.17
C VAL B 32 -11.81 3.57 -29.17
N ARG B 33 -12.61 2.57 -28.78
CA ARG B 33 -12.10 1.21 -28.73
C ARG B 33 -11.54 0.78 -30.08
N GLU B 34 -12.27 1.08 -31.16
CA GLU B 34 -11.84 0.69 -32.50
C GLU B 34 -10.73 1.59 -33.02
N ARG B 35 -10.83 2.89 -32.81
CA ARG B 35 -9.81 3.81 -33.31
C ARG B 35 -8.45 3.56 -32.65
N GLU B 36 -8.42 3.37 -31.33
CA GLU B 36 -7.12 3.34 -30.68
C GLU B 36 -6.34 2.09 -31.05
N ARG B 37 -7.05 1.01 -31.42
CA ARG B 37 -6.38 -0.20 -31.90
C ARG B 37 -5.52 0.10 -33.12
N ALA B 38 -6.09 0.84 -34.08
CA ALA B 38 -5.40 1.17 -35.31
C ALA B 38 -4.23 2.13 -35.09
N GLY B 39 -4.27 2.94 -34.02
CA GLY B 39 -3.25 3.95 -33.88
C GLY B 39 -3.40 5.00 -34.96
N GLY B 40 -2.29 5.63 -35.32
CA GLY B 40 -2.40 6.62 -36.36
C GLY B 40 -3.10 7.90 -35.90
N THR B 41 -3.54 8.69 -36.88
CA THR B 41 -3.99 10.06 -36.61
C THR B 41 -5.51 10.12 -36.56
N PRO B 42 -6.11 10.57 -35.44
CA PRO B 42 -7.59 10.66 -35.36
C PRO B 42 -8.10 11.94 -36.00
N LYS B 43 -8.00 11.99 -37.33
CA LYS B 43 -8.25 13.22 -38.07
C LYS B 43 -9.68 13.71 -37.89
N ALA B 44 -10.66 12.81 -38.01
CA ALA B 44 -12.06 13.26 -37.88
C ALA B 44 -12.30 13.89 -36.52
N GLU B 45 -11.71 13.31 -35.46
CA GLU B 45 -11.94 13.81 -34.11
C GLU B 45 -11.20 15.12 -33.88
N ARG B 46 -9.98 15.25 -34.42
CA ARG B 46 -9.29 16.53 -34.36
C ARG B 46 -10.11 17.62 -35.07
N ASP B 47 -10.72 17.30 -36.21
CA ASP B 47 -11.55 18.29 -36.91
C ASP B 47 -12.80 18.64 -36.11
N ALA B 48 -13.38 17.65 -35.42
CA ALA B 48 -14.50 17.94 -34.53
C ALA B 48 -14.08 18.92 -33.44
N ILE B 49 -12.88 18.74 -32.88
CA ILE B 49 -12.39 19.70 -31.89
C ILE B 49 -12.20 21.08 -32.53
N ARG B 50 -11.64 21.11 -33.75
CA ARG B 50 -11.50 22.38 -34.46
C ARG B 50 -12.85 23.09 -34.60
N ARG B 51 -13.88 22.35 -35.00
CA ARG B 51 -15.20 22.97 -35.22
C ARG B 51 -15.84 23.42 -33.92
N SER B 52 -15.41 22.87 -32.79
CA SER B 52 -16.04 23.19 -31.50
C SER B 52 -15.67 24.56 -31.01
N GLY B 53 -14.56 25.13 -31.45
CA GLY B 53 -14.08 26.39 -30.94
C GLY B 53 -13.24 26.30 -29.67
N LEU B 54 -13.23 25.14 -28.99
CA LEU B 54 -12.56 25.05 -27.70
C LEU B 54 -11.04 25.25 -27.80
N LEU B 55 -10.42 25.04 -28.97
CA LEU B 55 -8.99 25.31 -29.08
C LEU B 55 -8.67 26.79 -28.78
N THR B 56 -9.66 27.67 -28.84
CA THR B 56 -9.47 29.09 -28.56
C THR B 56 -9.85 29.49 -27.14
N LEU B 57 -10.04 28.51 -26.23
CA LEU B 57 -10.51 28.81 -24.88
C LEU B 57 -9.73 29.93 -24.19
N LEU B 58 -8.41 29.96 -24.37
CA LEU B 58 -7.60 30.91 -23.61
C LEU B 58 -7.26 32.18 -24.39
N ILE B 59 -7.58 32.24 -25.68
CA ILE B 59 -7.41 33.47 -26.42
C ILE B 59 -8.48 34.46 -25.97
N SER B 60 -8.08 35.70 -25.74
CA SER B 60 -9.02 36.71 -25.25
C SER B 60 -10.14 36.93 -26.27
N LYS B 61 -11.31 37.36 -25.76
CA LYS B 61 -12.40 37.69 -26.66
C LYS B 61 -12.00 38.80 -27.62
N GLU B 62 -11.17 39.75 -27.15
CA GLU B 62 -10.72 40.85 -28.03
C GLU B 62 -10.05 40.30 -29.29
N ARG B 63 -9.33 39.18 -29.18
CA ARG B 63 -8.63 38.59 -30.30
C ARG B 63 -9.43 37.48 -30.97
N GLY B 64 -10.72 37.34 -30.63
CA GLY B 64 -11.61 36.39 -31.26
C GLY B 64 -11.76 35.06 -30.56
N GLY B 65 -11.11 34.87 -29.40
CA GLY B 65 -11.22 33.64 -28.65
C GLY B 65 -12.38 33.66 -27.67
N LEU B 66 -12.42 32.61 -26.82
CA LEU B 66 -13.51 32.46 -25.88
C LEU B 66 -13.30 33.22 -24.58
N GLY B 67 -12.08 33.67 -24.30
CA GLY B 67 -11.83 34.43 -23.09
C GLY B 67 -12.10 33.67 -21.82
N GLU B 68 -11.88 32.35 -21.85
CA GLU B 68 -12.14 31.50 -20.70
C GLU B 68 -10.88 31.36 -19.82
N SER B 69 -11.00 30.56 -18.77
CA SER B 69 -9.96 30.45 -17.75
C SER B 69 -9.32 29.06 -17.75
N TRP B 70 -8.18 28.98 -17.09
CA TRP B 70 -7.52 27.68 -16.92
C TRP B 70 -8.40 26.67 -16.18
N PRO B 71 -9.11 27.01 -15.11
CA PRO B 71 -10.03 26.02 -14.52
C PRO B 71 -10.95 25.38 -15.56
N THR B 72 -11.47 26.18 -16.49
CA THR B 72 -12.30 25.63 -17.55
C THR B 72 -11.50 24.70 -18.47
N VAL B 73 -10.32 25.15 -18.90
CA VAL B 73 -9.46 24.31 -19.73
C VAL B 73 -9.19 22.97 -19.06
N TYR B 74 -8.75 23.02 -17.80
CA TYR B 74 -8.41 21.79 -17.09
C TYR B 74 -9.60 20.86 -16.96
N GLU B 75 -10.77 21.40 -16.63
CA GLU B 75 -11.95 20.54 -16.57
C GLU B 75 -12.26 19.92 -17.92
N ALA B 76 -12.16 20.70 -18.99
CA ALA B 76 -12.41 20.17 -20.33
C ALA B 76 -11.40 19.08 -20.68
N ILE B 77 -10.13 19.25 -20.30
CA ILE B 77 -9.11 18.24 -20.58
C ILE B 77 -9.47 16.93 -19.90
N ALA B 78 -9.81 17.00 -18.61
CA ALA B 78 -10.16 15.78 -17.89
C ALA B 78 -11.40 15.13 -18.47
N GLU B 79 -12.40 15.92 -18.87
CA GLU B 79 -13.61 15.33 -19.43
C GLU B 79 -13.30 14.58 -20.74
N ILE B 80 -12.56 15.22 -21.64
CA ILE B 80 -12.24 14.55 -22.90
C ILE B 80 -11.36 13.33 -22.65
N ALA B 81 -10.35 13.48 -21.77
CA ALA B 81 -9.46 12.35 -21.47
C ALA B 81 -10.22 11.15 -20.95
N SER B 82 -11.31 11.39 -20.19
CA SER B 82 -12.08 10.27 -19.63
C SER B 82 -12.76 9.44 -20.71
N ALA B 83 -13.00 10.02 -21.89
CA ALA B 83 -13.56 9.33 -23.03
C ALA B 83 -12.50 8.72 -23.94
N ASP B 84 -11.43 9.46 -24.19
CA ASP B 84 -10.39 9.05 -25.15
C ASP B 84 -9.10 9.70 -24.67
N ALA B 85 -8.20 8.91 -24.09
CA ALA B 85 -7.02 9.49 -23.48
C ALA B 85 -6.12 10.16 -24.52
N SER B 86 -6.07 9.61 -25.74
CA SER B 86 -5.26 10.23 -26.76
C SER B 86 -5.79 11.60 -27.16
N LEU B 87 -7.11 11.73 -27.34
CA LEU B 87 -7.67 13.04 -27.68
C LEU B 87 -7.56 14.02 -26.51
N GLY B 88 -7.67 13.51 -25.28
CA GLY B 88 -7.44 14.37 -24.13
C GLY B 88 -6.01 14.90 -24.09
N HIS B 89 -5.05 14.02 -24.37
CA HIS B 89 -3.64 14.42 -24.46
C HIS B 89 -3.42 15.46 -25.56
N LEU B 90 -3.91 15.17 -26.78
CA LEU B 90 -3.71 16.11 -27.89
C LEU B 90 -4.29 17.48 -27.54
N PHE B 91 -5.52 17.48 -27.05
CA PHE B 91 -6.18 18.69 -26.59
C PHE B 91 -5.37 19.38 -25.50
N GLY B 92 -5.01 18.62 -24.45
CA GLY B 92 -4.22 19.19 -23.38
C GLY B 92 -2.89 19.77 -23.86
N TYR B 93 -2.15 19.02 -24.69
CA TYR B 93 -0.83 19.52 -25.11
C TYR B 93 -0.96 20.74 -26.01
N HIS B 94 -2.05 20.85 -26.76
CA HIS B 94 -2.33 22.08 -27.48
C HIS B 94 -2.26 23.30 -26.55
N PHE B 95 -2.84 23.18 -25.34
CA PHE B 95 -2.78 24.30 -24.40
C PHE B 95 -1.42 24.46 -23.74
N SER B 96 -0.65 23.37 -23.57
CA SER B 96 0.74 23.56 -23.15
C SER B 96 1.53 24.36 -24.20
N ASN B 97 1.36 24.00 -25.47
CA ASN B 97 2.02 24.73 -26.56
C ASN B 97 1.57 26.18 -26.57
N PHE B 98 0.25 26.39 -26.46
CA PHE B 98 -0.28 27.75 -26.46
C PHE B 98 0.27 28.54 -25.29
N ALA B 99 0.33 27.92 -24.10
CA ALA B 99 0.89 28.59 -22.93
C ALA B 99 2.32 29.06 -23.20
N TYR B 100 3.16 28.21 -23.80
CA TYR B 100 4.51 28.63 -24.10
C TYR B 100 4.50 29.86 -25.00
N VAL B 101 3.72 29.80 -26.08
CA VAL B 101 3.62 30.94 -27.00
C VAL B 101 3.20 32.20 -26.23
N ASP B 102 2.14 32.07 -25.42
CA ASP B 102 1.63 33.25 -24.72
C ASP B 102 2.66 33.84 -23.78
N LEU B 103 3.47 32.97 -23.15
CA LEU B 103 4.42 33.44 -22.15
C LEU B 103 5.69 34.05 -22.76
N PHE B 104 6.00 33.74 -24.03
CA PHE B 104 7.22 34.24 -24.65
C PHE B 104 7.02 35.10 -25.89
N ALA B 105 5.88 35.06 -26.54
CA ALA B 105 5.67 35.85 -27.74
C ALA B 105 5.49 37.34 -27.41
N SER B 106 5.84 38.19 -28.37
CA SER B 106 5.65 39.62 -28.15
C SER B 106 4.19 39.98 -28.33
N PRO B 107 3.77 41.14 -27.80
CA PRO B 107 2.40 41.59 -28.07
C PRO B 107 2.09 41.70 -29.55
N GLU B 108 3.06 42.12 -30.36
CA GLU B 108 2.82 42.23 -31.79
C GLU B 108 2.62 40.86 -32.43
N GLN B 109 3.41 39.87 -32.00
CA GLN B 109 3.25 38.50 -32.51
C GLN B 109 1.87 37.96 -32.17
N LYS B 110 1.41 38.18 -30.93
CA LYS B 110 0.11 37.67 -30.53
C LYS B 110 -1.01 38.34 -31.29
N ALA B 111 -0.87 39.65 -31.55
CA ALA B 111 -1.90 40.38 -32.29
C ALA B 111 -2.11 39.79 -33.68
N ARG B 112 -1.07 39.20 -34.25
CA ARG B 112 -1.17 38.51 -35.52
C ARG B 112 -1.57 37.04 -35.35
N TRP B 113 -0.86 36.31 -34.50
CA TRP B 113 -1.06 34.86 -34.40
C TRP B 113 -2.44 34.51 -33.88
N TYR B 114 -2.94 35.23 -32.87
CA TYR B 114 -4.14 34.70 -32.20
C TYR B 114 -5.39 34.84 -33.07
N PRO B 115 -5.60 35.97 -33.74
CA PRO B 115 -6.73 36.01 -34.68
C PRO B 115 -6.58 34.99 -35.79
N GLN B 116 -5.34 34.72 -36.23
CA GLN B 116 -5.11 33.69 -37.24
C GLN B 116 -5.46 32.31 -36.70
N ALA B 117 -5.04 32.01 -35.47
CA ALA B 117 -5.39 30.73 -34.87
C ALA B 117 -6.89 30.56 -34.73
N VAL B 118 -7.63 31.65 -34.50
CA VAL B 118 -9.09 31.56 -34.43
C VAL B 118 -9.67 31.29 -35.82
N ARG B 119 -9.27 32.09 -36.79
CA ARG B 119 -9.88 32.03 -38.11
C ARG B 119 -9.52 30.72 -38.81
N GLU B 120 -8.29 30.25 -38.65
CA GLU B 120 -7.83 29.03 -39.30
C GLU B 120 -8.00 27.78 -38.43
N ARG B 121 -8.57 27.92 -37.23
CA ARG B 121 -8.87 26.79 -36.35
C ARG B 121 -7.61 25.96 -36.06
N TRP B 122 -6.57 26.64 -35.59
CA TRP B 122 -5.28 26.00 -35.34
C TRP B 122 -5.34 24.98 -34.20
N PHE B 123 -4.80 23.80 -34.45
CA PHE B 123 -4.54 22.76 -33.46
C PHE B 123 -3.01 22.64 -33.39
N LEU B 124 -2.42 23.04 -32.26
CA LEU B 124 -0.96 23.16 -32.15
C LEU B 124 -0.32 21.80 -31.84
N GLY B 125 0.85 21.56 -32.43
CA GLY B 125 1.67 20.41 -32.11
C GLY B 125 3.04 20.86 -31.60
N ASN B 126 3.84 19.88 -31.18
CA ASN B 126 5.16 20.28 -30.70
C ASN B 126 6.22 19.28 -31.12
N ALA B 127 7.45 19.80 -31.23
CA ALA B 127 8.62 19.00 -31.54
C ALA B 127 9.77 19.56 -30.68
N SER B 128 9.91 19.01 -29.46
CA SER B 128 10.87 19.50 -28.45
C SER B 128 11.87 18.43 -28.01
N SER B 129 11.40 17.29 -27.50
CA SER B 129 12.28 16.29 -26.90
C SER B 129 13.07 15.54 -27.98
N GLU B 130 14.12 14.86 -27.52
CA GLU B 130 15.01 14.08 -28.39
C GLU B 130 15.38 12.78 -27.69
N ASN B 131 15.93 11.85 -28.46
CA ASN B 131 16.23 10.49 -27.99
C ASN B 131 17.75 10.32 -27.97
N ASN B 132 18.38 10.92 -26.97
CA ASN B 132 19.83 10.90 -26.81
C ASN B 132 20.18 10.34 -25.41
N ALA B 133 21.47 10.42 -25.08
CA ALA B 133 21.99 9.78 -23.86
C ALA B 133 21.23 10.19 -22.61
N HIS B 134 20.45 11.27 -22.66
CA HIS B 134 19.64 11.70 -21.53
C HIS B 134 18.83 12.92 -21.94
N VAL B 135 17.82 13.24 -21.14
CA VAL B 135 16.96 14.37 -21.44
C VAL B 135 17.74 15.68 -21.26
N LEU B 136 17.39 16.69 -22.04
CA LEU B 136 18.06 17.98 -22.12
C LEU B 136 19.35 17.91 -22.93
N ASP B 137 19.87 16.72 -23.23
CA ASP B 137 21.01 16.56 -24.14
C ASP B 137 20.48 16.70 -25.57
N TRP B 138 20.50 17.94 -26.07
CA TRP B 138 19.79 18.30 -27.29
C TRP B 138 20.74 18.38 -28.48
N ARG B 139 20.34 17.77 -29.59
CA ARG B 139 21.14 17.70 -30.80
C ARG B 139 20.52 18.37 -32.01
N VAL B 140 19.20 18.58 -32.05
CA VAL B 140 18.62 19.42 -33.10
C VAL B 140 19.20 20.83 -32.95
N THR B 141 19.87 21.29 -33.99
CA THR B 141 20.64 22.52 -33.94
C THR B 141 19.94 23.65 -34.68
N ALA B 142 20.25 24.88 -34.26
CA ALA B 142 19.77 26.10 -34.91
C ALA B 142 21.00 26.90 -35.34
N THR B 143 21.23 26.99 -36.66
CA THR B 143 22.40 27.69 -37.15
C THR B 143 21.99 29.07 -37.61
N PRO B 144 22.57 30.14 -37.08
CA PRO B 144 22.09 31.48 -37.44
C PRO B 144 22.41 31.83 -38.89
N LEU B 145 21.46 32.48 -39.54
CA LEU B 145 21.62 33.01 -40.88
C LEU B 145 21.76 34.53 -40.82
N PRO B 146 22.32 35.15 -41.86
CA PRO B 146 22.68 36.57 -41.76
C PRO B 146 21.51 37.50 -41.47
N ASP B 147 20.30 37.13 -41.89
CA ASP B 147 19.13 37.97 -41.71
C ASP B 147 18.49 37.82 -40.33
N GLY B 148 19.02 36.96 -39.47
CA GLY B 148 18.39 36.67 -38.19
C GLY B 148 17.55 35.41 -38.17
N SER B 149 17.35 34.77 -39.32
CA SER B 149 16.69 33.48 -39.35
C SER B 149 17.62 32.42 -38.77
N TYR B 150 17.07 31.24 -38.50
CA TYR B 150 17.87 30.07 -38.12
C TYR B 150 17.57 28.91 -39.06
N GLU B 151 18.60 28.13 -39.37
CA GLU B 151 18.42 26.88 -40.10
C GLU B 151 18.43 25.75 -39.09
N ILE B 152 17.37 24.93 -39.10
CA ILE B 152 17.18 23.88 -38.11
C ILE B 152 17.54 22.54 -38.75
N ASN B 153 18.33 21.73 -38.03
CA ASN B 153 18.74 20.42 -38.52
C ASN B 153 18.70 19.40 -37.39
N GLY B 154 18.15 18.23 -37.68
CA GLY B 154 18.13 17.12 -36.75
C GLY B 154 16.75 16.52 -36.64
N THR B 155 16.69 15.43 -35.87
CA THR B 155 15.44 14.71 -35.67
C THR B 155 15.03 14.83 -34.20
N LYS B 156 13.77 15.21 -33.97
CA LYS B 156 13.18 15.33 -32.64
C LYS B 156 12.37 14.09 -32.34
N ALA B 157 12.37 13.67 -31.08
CA ALA B 157 11.58 12.52 -30.63
C ALA B 157 10.38 12.98 -29.81
N PHE B 158 9.37 12.12 -29.75
CA PHE B 158 8.18 12.32 -28.92
C PHE B 158 7.50 13.65 -29.25
N CYS B 159 7.18 13.83 -30.53
CA CYS B 159 6.61 15.09 -31.01
C CYS B 159 5.08 15.01 -30.97
N SER B 160 4.53 15.07 -29.76
CA SER B 160 3.09 14.89 -29.59
C SER B 160 2.31 15.84 -30.48
N GLY B 161 1.26 15.31 -31.11
CA GLY B 161 0.41 16.15 -31.93
C GLY B 161 1.08 16.68 -33.17
N SER B 162 2.19 16.06 -33.59
CA SER B 162 2.94 16.56 -34.73
C SER B 162 2.23 16.31 -36.05
N ALA B 163 1.33 15.33 -36.12
CA ALA B 163 0.58 15.07 -37.35
C ALA B 163 -0.65 15.96 -37.39
N ASP B 164 -0.98 16.47 -38.59
CA ASP B 164 -2.18 17.27 -38.76
C ASP B 164 -2.13 18.56 -37.93
N ALA B 165 -0.92 19.02 -37.61
CA ALA B 165 -0.74 20.22 -36.80
C ALA B 165 -0.70 21.46 -37.67
N ASP B 166 -1.48 22.49 -37.30
CA ASP B 166 -1.44 23.73 -38.07
C ASP B 166 -0.13 24.47 -37.84
N ARG B 167 0.41 24.42 -36.63
CA ARG B 167 1.71 24.97 -36.31
C ARG B 167 2.41 24.02 -35.35
N LEU B 168 3.73 23.97 -35.43
CA LEU B 168 4.59 23.21 -34.53
C LEU B 168 5.37 24.18 -33.65
N LEU B 169 5.32 23.95 -32.35
CA LEU B 169 6.21 24.63 -31.43
C LEU B 169 7.52 23.83 -31.41
N VAL B 170 8.61 24.43 -31.89
CA VAL B 170 9.86 23.70 -32.05
C VAL B 170 10.95 24.34 -31.20
N PHE B 171 11.84 23.50 -30.67
CA PHE B 171 12.98 23.93 -29.88
C PHE B 171 14.27 23.42 -30.50
N ALA B 172 15.31 24.26 -30.48
CA ALA B 172 16.61 23.87 -30.99
C ALA B 172 17.68 24.57 -30.16
N VAL B 173 18.93 24.13 -30.31
CA VAL B 173 20.07 24.74 -29.62
C VAL B 173 20.98 25.38 -30.66
N THR B 174 21.49 26.58 -30.35
CA THR B 174 22.29 27.30 -31.33
C THR B 174 23.60 26.55 -31.58
N SER B 175 24.10 26.72 -32.80
CA SER B 175 25.29 26.03 -33.27
C SER B 175 25.96 26.93 -34.30
N ARG B 176 27.29 26.93 -34.34
CA ARG B 176 28.03 27.85 -35.22
C ARG B 176 27.53 29.27 -35.03
N ASP B 177 27.37 29.66 -33.77
CA ASP B 177 26.72 30.92 -33.40
C ASP B 177 27.72 31.85 -32.75
N PRO B 178 28.12 32.94 -33.40
CA PRO B 178 29.12 33.83 -32.78
C PRO B 178 28.64 34.46 -31.48
N ASN B 179 27.34 34.49 -31.23
CA ASN B 179 26.80 35.06 -30.01
C ASN B 179 26.54 34.02 -28.92
N GLY B 180 27.06 32.81 -29.09
CA GLY B 180 26.96 31.78 -28.08
C GLY B 180 26.29 30.52 -28.59
N ASP B 181 27.00 29.39 -28.55
CA ASP B 181 26.41 28.11 -28.93
C ASP B 181 25.66 27.52 -27.74
N GLY B 182 24.78 26.57 -28.05
CA GLY B 182 24.06 25.86 -27.01
C GLY B 182 22.93 26.61 -26.36
N ARG B 183 22.49 27.73 -26.93
CA ARG B 183 21.39 28.51 -26.39
C ARG B 183 20.08 28.01 -27.00
N ILE B 184 19.05 27.83 -26.17
CA ILE B 184 17.80 27.27 -26.64
C ILE B 184 17.02 28.34 -27.40
N VAL B 185 16.64 28.02 -28.63
CA VAL B 185 15.73 28.85 -29.40
C VAL B 185 14.42 28.10 -29.57
N ALA B 186 13.32 28.85 -29.62
CA ALA B 186 12.01 28.27 -29.81
C ALA B 186 11.28 29.06 -30.88
N ALA B 187 10.40 28.39 -31.60
CA ALA B 187 9.70 29.04 -32.71
C ALA B 187 8.37 28.35 -32.92
N LEU B 188 7.46 29.06 -33.58
CA LEU B 188 6.17 28.53 -33.97
C LEU B 188 6.09 28.58 -35.49
N ILE B 189 6.12 27.41 -36.14
CA ILE B 189 6.26 27.37 -37.60
C ILE B 189 5.21 26.46 -38.22
N PRO B 190 4.85 26.68 -39.49
CA PRO B 190 3.93 25.74 -40.17
C PRO B 190 4.55 24.35 -40.23
N SER B 191 3.70 23.32 -40.14
CA SER B 191 4.20 21.96 -40.21
C SER B 191 4.59 21.55 -41.63
N ASP B 192 4.19 22.33 -42.65
CA ASP B 192 4.59 22.06 -44.03
C ASP B 192 5.68 23.01 -44.53
N ARG B 193 6.37 23.70 -43.62
CA ARG B 193 7.58 24.43 -43.99
C ARG B 193 8.57 23.48 -44.66
N ALA B 194 9.21 23.95 -45.74
CA ALA B 194 10.14 23.11 -46.49
C ALA B 194 11.18 22.50 -45.57
N GLY B 195 11.37 21.19 -45.70
CA GLY B 195 12.36 20.49 -44.91
C GLY B 195 11.81 19.82 -43.67
N VAL B 196 10.56 20.08 -43.31
CA VAL B 196 9.94 19.44 -42.15
C VAL B 196 9.32 18.13 -42.60
N GLN B 197 9.73 17.02 -41.97
CA GLN B 197 9.16 15.70 -42.26
C GLN B 197 8.62 15.12 -40.96
N VAL B 198 7.30 15.04 -40.87
CA VAL B 198 6.62 14.34 -39.78
C VAL B 198 6.60 12.86 -40.12
N ASN B 199 7.22 12.04 -39.26
CA ASN B 199 7.59 10.68 -39.64
C ASN B 199 6.52 9.62 -39.37
N GLY B 200 5.56 9.90 -38.49
CA GLY B 200 4.50 8.91 -38.26
C GLY B 200 4.98 7.61 -37.66
N ASP B 201 6.06 7.63 -36.89
CA ASP B 201 6.66 6.41 -36.33
C ASP B 201 6.25 6.25 -34.86
N TRP B 202 4.95 6.09 -34.64
CA TRP B 202 4.41 6.00 -33.28
C TRP B 202 3.57 4.74 -33.22
N ASP B 203 4.03 3.76 -32.44
CA ASP B 203 3.32 2.49 -32.25
C ASP B 203 3.54 2.08 -30.80
N SER B 204 2.64 2.54 -29.93
CA SER B 204 2.90 2.58 -28.49
C SER B 204 1.94 1.68 -27.72
N LEU B 205 2.30 1.42 -26.46
CA LEU B 205 1.42 0.62 -25.60
C LEU B 205 0.04 1.25 -25.46
N GLY B 206 0.01 2.50 -24.99
CA GLY B 206 -1.19 3.31 -24.86
C GLY B 206 -0.92 4.69 -25.40
N MET B 207 -1.89 5.61 -25.25
CA MET B 207 -1.81 6.92 -25.91
C MET B 207 -1.54 6.74 -27.40
N ARG B 208 -2.22 5.74 -27.99
CA ARG B 208 -1.84 5.25 -29.31
C ARG B 208 -2.18 6.22 -30.44
N GLN B 209 -3.05 7.21 -30.21
CA GLN B 209 -3.38 8.14 -31.27
C GLN B 209 -2.86 9.56 -31.01
N THR B 210 -1.81 9.70 -30.21
CA THR B 210 -1.21 11.01 -29.94
C THR B 210 -0.16 11.42 -30.98
N ASP B 211 0.14 10.58 -31.95
CA ASP B 211 1.14 10.89 -32.99
C ASP B 211 2.42 11.42 -32.37
N SER B 212 2.94 10.72 -31.36
CA SER B 212 4.13 11.16 -30.65
C SER B 212 5.42 10.56 -31.23
N GLY B 213 5.44 10.34 -32.53
CA GLY B 213 6.65 9.90 -33.22
C GLY B 213 7.62 11.06 -33.40
N SER B 214 8.53 10.88 -34.36
CA SER B 214 9.60 11.84 -34.54
C SER B 214 9.31 12.81 -35.68
N VAL B 215 10.06 13.91 -35.68
CA VAL B 215 9.98 14.89 -36.76
C VAL B 215 11.41 15.21 -37.19
N THR B 216 11.66 15.13 -38.49
CA THR B 216 12.99 15.39 -39.03
C THR B 216 13.01 16.77 -39.69
N PHE B 217 13.99 17.58 -39.28
CA PHE B 217 14.24 18.90 -39.86
C PHE B 217 15.46 18.81 -40.77
N SER B 218 15.25 19.06 -42.06
CA SER B 218 16.33 19.06 -43.05
C SER B 218 16.46 20.49 -43.60
N GLY B 219 17.40 21.26 -43.08
CA GLY B 219 17.64 22.61 -43.58
C GLY B 219 16.41 23.48 -43.46
N VAL B 220 15.69 23.37 -42.35
CA VAL B 220 14.43 24.06 -42.13
C VAL B 220 14.73 25.50 -41.73
N VAL B 221 14.23 26.46 -42.49
CA VAL B 221 14.47 27.86 -42.16
C VAL B 221 13.33 28.37 -41.28
N VAL B 222 13.69 28.99 -40.17
CA VAL B 222 12.75 29.63 -39.24
C VAL B 222 13.01 31.13 -39.30
N TYR B 223 11.98 31.89 -39.61
CA TYR B 223 12.14 33.31 -39.91
C TYR B 223 12.02 34.14 -38.62
N PRO B 224 12.56 35.36 -38.62
CA PRO B 224 12.71 36.06 -37.33
C PRO B 224 11.39 36.37 -36.68
N ASP B 225 10.31 36.55 -37.45
CA ASP B 225 9.02 36.86 -36.85
C ASP B 225 8.34 35.62 -36.29
N GLU B 226 8.94 34.44 -36.44
CA GLU B 226 8.43 33.21 -35.86
C GLU B 226 9.12 32.82 -34.56
N LEU B 227 10.22 33.47 -34.21
CA LEU B 227 10.98 33.14 -33.02
C LEU B 227 10.26 33.62 -31.77
N LEU B 228 10.40 32.85 -30.69
CA LEU B 228 9.76 33.13 -29.42
C LEU B 228 10.84 33.58 -28.46
N GLY B 229 10.89 34.89 -28.22
CA GLY B 229 11.96 35.46 -27.41
C GLY B 229 13.32 35.36 -28.09
N THR B 230 14.35 35.53 -27.29
CA THR B 230 15.72 35.50 -27.77
C THR B 230 16.39 34.19 -27.36
N PRO B 231 17.52 33.85 -27.98
CA PRO B 231 18.18 32.58 -27.67
C PRO B 231 18.60 32.54 -26.19
N GLY B 232 18.25 31.44 -25.54
CA GLY B 232 18.55 31.29 -24.12
C GLY B 232 17.58 31.97 -23.19
N GLN B 233 16.61 32.72 -23.70
CA GLN B 233 15.69 33.41 -22.82
C GLN B 233 14.88 32.44 -21.95
N VAL B 234 14.53 31.27 -22.48
CA VAL B 234 13.77 30.33 -21.66
C VAL B 234 14.63 29.84 -20.50
N THR B 235 15.91 29.59 -20.75
CA THR B 235 16.82 29.21 -19.68
C THR B 235 16.91 30.31 -18.62
N ASP B 236 17.05 31.57 -19.05
CA ASP B 236 17.12 32.67 -18.10
C ASP B 236 15.83 32.81 -17.31
N ALA B 237 14.69 32.60 -17.96
CA ALA B 237 13.42 32.72 -17.24
C ALA B 237 13.29 31.62 -16.20
N PHE B 238 13.67 30.39 -16.54
CA PHE B 238 13.72 29.30 -15.57
C PHE B 238 14.58 29.70 -14.37
N ALA B 239 15.82 30.08 -14.63
CA ALA B 239 16.75 30.43 -13.56
C ALA B 239 16.19 31.52 -12.67
N SER B 240 15.45 32.48 -13.25
CA SER B 240 14.84 33.56 -12.49
C SER B 240 13.60 33.12 -11.73
N GLY B 241 13.00 32.00 -12.13
CA GLY B 241 11.69 31.66 -11.61
C GLY B 241 10.65 32.72 -11.90
N SER B 242 10.75 33.38 -13.06
CA SER B 242 9.85 34.46 -13.40
C SER B 242 8.61 33.92 -14.12
N LYS B 243 7.75 34.82 -14.56
CA LYS B 243 6.45 34.42 -15.08
C LYS B 243 6.52 33.37 -16.18
N PRO B 244 7.42 33.46 -17.17
CA PRO B 244 7.47 32.41 -18.21
C PRO B 244 7.77 31.03 -17.65
N SER B 245 8.42 30.94 -16.49
CA SER B 245 8.66 29.62 -15.90
C SER B 245 7.37 28.99 -15.39
N LEU B 246 6.23 29.70 -15.41
CA LEU B 246 4.95 29.05 -15.12
C LEU B 246 4.62 27.94 -16.12
N TRP B 247 5.28 27.92 -17.27
CA TRP B 247 4.94 26.91 -18.27
C TRP B 247 4.98 25.50 -17.67
N THR B 248 5.98 25.23 -16.82
CA THR B 248 6.10 23.86 -16.29
C THR B 248 4.97 23.50 -15.34
N PRO B 249 4.67 24.26 -14.29
CA PRO B 249 3.49 23.88 -13.47
C PRO B 249 2.21 23.83 -14.29
N ILE B 250 2.03 24.75 -15.24
CA ILE B 250 0.83 24.69 -16.06
C ILE B 250 0.75 23.34 -16.77
N THR B 251 1.87 22.93 -17.39
CA THR B 251 1.89 21.74 -18.21
C THR B 251 1.81 20.49 -17.35
N GLN B 252 2.48 20.48 -16.20
CA GLN B 252 2.40 19.34 -15.31
C GLN B 252 1.00 19.19 -14.73
N LEU B 253 0.26 20.31 -14.54
CA LEU B 253 -1.13 20.18 -14.10
C LEU B 253 -2.03 19.70 -15.25
N ILE B 254 -1.65 19.97 -16.52
CA ILE B 254 -2.37 19.34 -17.63
C ILE B 254 -2.25 17.82 -17.55
N PHE B 255 -1.03 17.32 -17.35
CA PHE B 255 -0.84 15.88 -17.21
C PHE B 255 -1.68 15.33 -16.06
N THR B 256 -1.68 16.05 -14.93
CA THR B 256 -2.46 15.64 -13.77
C THR B 256 -3.91 15.42 -14.15
N HIS B 257 -4.47 16.33 -14.95
CA HIS B 257 -5.87 16.20 -15.35
C HIS B 257 -6.07 15.09 -16.36
N LEU B 258 -5.07 14.73 -17.16
CA LEU B 258 -5.18 13.52 -17.97
C LEU B 258 -5.37 12.31 -17.07
N TYR B 259 -4.58 12.21 -16.01
CA TYR B 259 -4.63 11.05 -15.14
C TYR B 259 -5.93 10.99 -14.36
N LEU B 260 -6.43 12.15 -13.90
CA LEU B 260 -7.72 12.18 -13.21
C LEU B 260 -8.86 11.81 -14.16
N GLY B 261 -8.80 12.28 -15.41
CA GLY B 261 -9.82 11.92 -16.36
C GLY B 261 -9.81 10.43 -16.71
N ILE B 262 -8.62 9.87 -16.94
CA ILE B 262 -8.53 8.44 -17.18
C ILE B 262 -9.06 7.67 -15.97
N ALA B 263 -8.70 8.10 -14.76
CA ALA B 263 -9.16 7.42 -13.56
C ALA B 263 -10.69 7.43 -13.46
N ARG B 264 -11.31 8.59 -13.73
CA ARG B 264 -12.76 8.66 -13.65
C ARG B 264 -13.41 7.85 -14.76
N GLY B 265 -12.88 7.92 -15.97
CA GLY B 265 -13.41 7.09 -17.05
C GLY B 265 -13.33 5.61 -16.73
N ALA B 266 -12.20 5.17 -16.16
CA ALA B 266 -12.08 3.74 -15.85
C ALA B 266 -13.07 3.33 -14.76
N LEU B 267 -13.19 4.14 -13.71
CA LEU B 267 -14.13 3.80 -12.64
C LEU B 267 -15.55 3.66 -13.18
N GLU B 268 -15.98 4.61 -14.02
CA GLU B 268 -17.36 4.57 -14.52
C GLU B 268 -17.56 3.40 -15.47
N GLU B 269 -16.56 3.11 -16.31
CA GLU B 269 -16.66 1.96 -17.21
C GLU B 269 -16.71 0.64 -16.44
N ALA B 270 -15.87 0.49 -15.41
CA ALA B 270 -15.92 -0.73 -14.62
C ALA B 270 -17.27 -0.87 -13.92
N ALA B 271 -17.75 0.22 -13.32
CA ALA B 271 -19.04 0.20 -12.63
C ALA B 271 -20.15 -0.26 -13.57
N HIS B 272 -20.15 0.23 -14.81
CA HIS B 272 -21.14 -0.26 -15.77
C HIS B 272 -21.01 -1.78 -15.97
N TYR B 273 -19.79 -2.28 -16.10
CA TYR B 273 -19.62 -3.73 -16.23
C TYR B 273 -20.13 -4.45 -14.98
N SER B 274 -19.78 -3.95 -13.80
CA SER B 274 -20.19 -4.62 -12.56
C SER B 274 -21.71 -4.71 -12.46
N ARG B 275 -22.40 -3.62 -12.84
CA ARG B 275 -23.86 -3.64 -12.74
C ARG B 275 -24.47 -4.58 -13.78
N SER B 276 -23.84 -4.74 -14.94
CA SER B 276 -24.45 -5.47 -16.06
C SER B 276 -23.99 -6.91 -16.20
N HIS B 277 -22.79 -7.28 -15.75
CA HIS B 277 -22.18 -8.53 -16.20
C HIS B 277 -21.57 -9.37 -15.09
N SER B 278 -21.14 -8.74 -14.00
CA SER B 278 -20.46 -9.51 -12.96
C SER B 278 -21.41 -10.54 -12.35
N ARG B 279 -20.90 -11.71 -12.10
CA ARG B 279 -21.71 -12.74 -11.47
C ARG B 279 -21.43 -12.80 -9.98
N PRO B 280 -22.44 -13.01 -9.15
CA PRO B 280 -22.22 -13.08 -7.71
C PRO B 280 -21.45 -14.34 -7.36
N PHE B 281 -20.59 -14.21 -6.34
CA PHE B 281 -19.81 -15.34 -5.84
C PHE B 281 -20.69 -16.13 -4.87
N THR B 282 -21.55 -16.98 -5.44
CA THR B 282 -22.52 -17.71 -4.64
C THR B 282 -21.86 -18.69 -3.68
N LEU B 283 -20.63 -19.12 -3.95
CA LEU B 283 -19.92 -19.95 -2.99
C LEU B 283 -19.91 -19.33 -1.60
N ALA B 284 -19.91 -18.01 -1.51
CA ALA B 284 -19.86 -17.31 -0.24
C ALA B 284 -21.21 -16.75 0.19
N GLY B 285 -22.29 -17.12 -0.50
CA GLY B 285 -23.61 -16.67 -0.12
C GLY B 285 -24.04 -15.33 -0.67
N VAL B 286 -23.23 -14.67 -1.49
CA VAL B 286 -23.63 -13.38 -2.05
C VAL B 286 -24.58 -13.63 -3.22
N GLU B 287 -25.62 -12.81 -3.33
CA GLU B 287 -26.62 -12.97 -4.37
C GLU B 287 -26.50 -11.96 -5.49
N LYS B 288 -25.91 -10.79 -5.23
CA LYS B 288 -25.72 -9.76 -6.25
C LYS B 288 -24.30 -9.25 -6.16
N ALA B 289 -23.62 -9.20 -7.31
CA ALA B 289 -22.24 -8.68 -7.33
C ALA B 289 -22.19 -7.25 -6.84
N THR B 290 -23.22 -6.45 -7.12
CA THR B 290 -23.26 -5.07 -6.67
C THR B 290 -23.50 -4.94 -5.18
N GLU B 291 -23.76 -6.03 -4.48
CA GLU B 291 -23.89 -6.04 -3.03
C GLU B 291 -22.73 -6.76 -2.36
N ASP B 292 -21.78 -7.27 -3.12
CA ASP B 292 -20.63 -7.94 -2.55
C ASP B 292 -19.80 -6.95 -1.72
N PRO B 293 -19.46 -7.27 -0.47
CA PRO B 293 -18.79 -6.26 0.36
C PRO B 293 -17.42 -5.88 -0.17
N TYR B 294 -16.74 -6.80 -0.85
CA TYR B 294 -15.40 -6.54 -1.33
C TYR B 294 -15.41 -5.79 -2.65
N VAL B 295 -16.41 -6.05 -3.51
CA VAL B 295 -16.64 -5.21 -4.69
C VAL B 295 -16.89 -3.78 -4.26
N LEU B 296 -17.83 -3.60 -3.32
CA LEU B 296 -18.17 -2.27 -2.84
C LEU B 296 -16.96 -1.57 -2.23
N ALA B 297 -16.10 -2.31 -1.54
CA ALA B 297 -14.92 -1.67 -0.94
C ALA B 297 -13.93 -1.18 -1.99
N ILE B 298 -13.78 -1.93 -3.10
CA ILE B 298 -12.90 -1.47 -4.16
C ILE B 298 -13.44 -0.18 -4.76
N TYR B 299 -14.72 -0.16 -5.12
CA TYR B 299 -15.28 1.06 -5.68
C TYR B 299 -15.19 2.21 -4.68
N GLY B 300 -15.38 1.92 -3.39
CA GLY B 300 -15.40 2.98 -2.41
C GLY B 300 -14.03 3.59 -2.21
N GLU B 301 -13.01 2.73 -2.08
CA GLU B 301 -11.65 3.21 -1.88
C GLU B 301 -11.22 4.12 -3.03
N PHE B 302 -11.43 3.68 -4.27
CA PHE B 302 -10.96 4.47 -5.40
C PHE B 302 -11.84 5.69 -5.64
N ALA B 303 -13.16 5.55 -5.54
CA ALA B 303 -14.01 6.73 -5.72
C ALA B 303 -13.70 7.78 -4.67
N ALA B 304 -13.41 7.37 -3.43
CA ALA B 304 -13.08 8.34 -2.39
C ALA B 304 -11.80 9.09 -2.74
N GLN B 305 -10.73 8.36 -3.07
CA GLN B 305 -9.48 9.03 -3.44
C GLN B 305 -9.70 9.95 -4.63
N LEU B 306 -10.50 9.50 -5.60
CA LEU B 306 -10.77 10.34 -6.78
C LEU B 306 -11.48 11.63 -6.39
N GLN B 307 -12.49 11.55 -5.53
CA GLN B 307 -13.19 12.75 -5.10
C GLN B 307 -12.21 13.76 -4.50
N VAL B 308 -11.33 13.30 -3.61
CA VAL B 308 -10.43 14.22 -2.93
C VAL B 308 -9.42 14.79 -3.91
N ALA B 309 -8.86 13.95 -4.77
CA ALA B 309 -7.87 14.43 -5.74
C ALA B 309 -8.49 15.44 -6.70
N GLU B 310 -9.72 15.19 -7.16
CA GLU B 310 -10.37 16.14 -8.05
C GLU B 310 -10.65 17.47 -7.35
N ALA B 311 -11.15 17.41 -6.12
CA ALA B 311 -11.43 18.64 -5.39
C ALA B 311 -10.15 19.43 -5.18
N GLY B 312 -9.08 18.75 -4.82
CA GLY B 312 -7.81 19.45 -4.65
C GLY B 312 -7.30 20.05 -5.94
N ALA B 313 -7.48 19.33 -7.06
CA ALA B 313 -6.97 19.83 -8.33
C ALA B 313 -7.68 21.13 -8.74
N ARG B 314 -8.97 21.25 -8.43
CA ARG B 314 -9.68 22.47 -8.75
C ARG B 314 -9.04 23.67 -8.05
N GLU B 315 -8.59 23.50 -6.80
CA GLU B 315 -7.98 24.62 -6.11
C GLU B 315 -6.68 25.05 -6.76
N VAL B 316 -5.84 24.07 -7.15
CA VAL B 316 -4.58 24.42 -7.79
C VAL B 316 -4.85 25.12 -9.13
N ALA B 317 -5.87 24.64 -9.85
CA ALA B 317 -6.19 25.26 -11.14
C ALA B 317 -6.56 26.73 -10.96
N LEU B 318 -7.32 27.05 -9.90
CA LEU B 318 -7.61 28.45 -9.60
C LEU B 318 -6.34 29.27 -9.40
N ARG B 319 -5.34 28.68 -8.74
CA ARG B 319 -4.11 29.42 -8.52
C ARG B 319 -3.33 29.61 -9.82
N VAL B 320 -3.38 28.63 -10.73
CA VAL B 320 -2.77 28.82 -12.05
C VAL B 320 -3.37 30.06 -12.72
N GLN B 321 -4.70 30.17 -12.69
CA GLN B 321 -5.34 31.32 -13.33
C GLN B 321 -4.91 32.63 -12.66
N GLU B 322 -4.86 32.66 -11.32
CA GLU B 322 -4.43 33.87 -10.63
C GLU B 322 -3.07 34.34 -11.12
N LEU B 323 -2.10 33.43 -11.14
CA LEU B 323 -0.75 33.85 -11.51
C LEU B 323 -0.63 34.10 -13.01
N TRP B 324 -1.44 33.40 -13.81
CA TRP B 324 -1.49 33.65 -15.25
C TRP B 324 -1.90 35.07 -15.58
N GLU B 325 -2.75 35.69 -14.74
CA GLU B 325 -3.21 37.06 -14.96
C GLU B 325 -2.24 38.11 -14.44
N ARG B 326 -1.23 37.72 -13.66
CA ARG B 326 -0.29 38.70 -13.10
C ARG B 326 0.69 39.17 -14.17
N ASN B 327 1.13 40.43 -14.04
CA ASN B 327 2.19 40.92 -14.91
C ASN B 327 3.55 40.37 -14.50
N HIS B 328 3.77 40.16 -13.20
CA HIS B 328 5.02 39.65 -12.68
C HIS B 328 4.73 38.54 -11.69
N VAL B 329 5.62 37.55 -11.67
CA VAL B 329 5.49 36.39 -10.78
C VAL B 329 6.84 36.17 -10.11
N THR B 330 6.81 36.00 -8.79
CA THR B 330 8.05 35.79 -8.06
C THR B 330 8.42 34.32 -8.03
N PRO B 331 9.71 34.02 -7.84
CA PRO B 331 10.12 32.63 -7.65
C PRO B 331 9.37 31.94 -6.53
N GLU B 332 9.05 32.68 -5.47
CA GLU B 332 8.28 32.12 -4.36
C GLU B 332 6.89 31.72 -4.82
N GLN B 333 6.22 32.58 -5.59
CA GLN B 333 4.89 32.25 -6.08
C GLN B 333 4.95 31.07 -7.04
N ARG B 334 5.92 31.08 -7.96
CA ARG B 334 6.02 29.99 -8.91
C ARG B 334 6.42 28.69 -8.20
N GLY B 335 7.37 28.77 -7.28
CA GLY B 335 7.77 27.59 -6.53
C GLY B 335 6.63 26.98 -5.73
N GLN B 336 5.88 27.81 -5.00
CA GLN B 336 4.73 27.28 -4.25
C GLN B 336 3.71 26.63 -5.19
N LEU B 337 3.48 27.23 -6.37
CA LEU B 337 2.55 26.62 -7.31
C LEU B 337 3.09 25.28 -7.81
N MET B 338 4.38 25.23 -8.13
CA MET B 338 4.96 23.98 -8.65
C MET B 338 4.86 22.86 -7.63
N VAL B 339 5.12 23.17 -6.35
CA VAL B 339 4.95 22.18 -5.29
C VAL B 339 3.52 21.67 -5.24
N GLN B 340 2.53 22.58 -5.31
CA GLN B 340 1.14 22.14 -5.29
C GLN B 340 0.81 21.27 -6.50
N VAL B 341 1.33 21.65 -7.67
CA VAL B 341 1.09 20.86 -8.89
C VAL B 341 1.74 19.50 -8.78
N ALA B 342 3.01 19.45 -8.36
CA ALA B 342 3.68 18.17 -8.18
C ALA B 342 2.89 17.27 -7.23
N SER B 343 2.39 17.82 -6.14
CA SER B 343 1.62 17.03 -5.18
C SER B 343 0.39 16.43 -5.83
N ALA B 344 -0.36 17.25 -6.58
CA ALA B 344 -1.53 16.73 -7.28
C ALA B 344 -1.14 15.66 -8.27
N LYS B 345 -0.04 15.86 -9.00
CA LYS B 345 0.37 14.87 -10.00
C LYS B 345 0.74 13.54 -9.32
N ILE B 346 1.43 13.62 -8.19
CA ILE B 346 1.83 12.42 -7.46
C ILE B 346 0.61 11.60 -7.07
N VAL B 347 -0.36 12.25 -6.43
CA VAL B 347 -1.57 11.55 -5.99
C VAL B 347 -2.33 10.99 -7.19
N ALA B 348 -2.48 11.80 -8.26
CA ALA B 348 -3.22 11.35 -9.43
C ALA B 348 -2.50 10.18 -10.12
N THR B 349 -1.17 10.19 -10.10
CA THR B 349 -0.40 9.12 -10.73
C THR B 349 -0.60 7.81 -9.98
N ARG B 350 -0.41 7.83 -8.66
CA ARG B 350 -0.65 6.62 -7.88
C ARG B 350 -2.07 6.10 -8.07
N LEU B 351 -3.04 7.03 -8.05
CA LEU B 351 -4.45 6.63 -8.11
C LEU B 351 -4.76 5.94 -9.43
N VAL B 352 -4.38 6.56 -10.54
CA VAL B 352 -4.80 6.02 -11.82
C VAL B 352 -4.08 4.71 -12.11
N ILE B 353 -2.81 4.59 -11.69
CA ILE B 353 -2.07 3.35 -11.96
C ILE B 353 -2.63 2.19 -11.13
N GLU B 354 -2.99 2.45 -9.87
CA GLU B 354 -3.59 1.39 -9.05
C GLU B 354 -4.99 1.03 -9.55
N LEU B 355 -5.84 2.03 -9.77
CA LEU B 355 -7.24 1.79 -10.07
C LEU B 355 -7.44 1.05 -11.40
N THR B 356 -6.70 1.43 -12.45
CA THR B 356 -6.91 0.83 -13.77
C THR B 356 -6.51 -0.63 -13.81
N SER B 357 -5.66 -1.07 -12.86
CA SER B 357 -5.31 -2.47 -12.71
C SER B 357 -6.24 -3.19 -11.74
N ARG B 358 -6.43 -2.64 -10.53
CA ARG B 358 -7.17 -3.36 -9.50
C ARG B 358 -8.67 -3.46 -9.78
N LEU B 359 -9.24 -2.59 -10.60
CA LEU B 359 -10.68 -2.66 -10.83
C LEU B 359 -11.11 -3.98 -11.45
N TYR B 360 -10.20 -4.70 -12.12
CA TYR B 360 -10.55 -6.04 -12.60
C TYR B 360 -11.03 -6.93 -11.47
N GLU B 361 -10.47 -6.76 -10.27
CA GLU B 361 -10.85 -7.59 -9.13
C GLU B 361 -12.30 -7.35 -8.70
N ALA B 362 -12.87 -6.20 -9.05
CA ALA B 362 -14.26 -5.93 -8.80
C ALA B 362 -15.17 -6.39 -9.93
N MET B 363 -14.62 -6.69 -11.10
CA MET B 363 -15.43 -7.08 -12.25
C MET B 363 -15.48 -8.59 -12.47
N GLY B 364 -14.39 -9.30 -12.24
CA GLY B 364 -14.38 -10.75 -12.40
C GLY B 364 -13.61 -11.20 -13.63
N ALA B 365 -13.42 -12.51 -13.72
CA ALA B 365 -12.55 -13.08 -14.73
C ALA B 365 -13.02 -12.74 -16.14
N ARG B 366 -14.33 -12.72 -16.37
CA ARG B 366 -14.82 -12.52 -17.73
C ARG B 366 -14.48 -11.13 -18.27
N ALA B 367 -14.22 -10.15 -17.40
CA ALA B 367 -13.79 -8.84 -17.89
C ALA B 367 -12.43 -8.91 -18.59
N ALA B 368 -11.56 -9.85 -18.18
CA ALA B 368 -10.28 -10.06 -18.83
C ALA B 368 -10.33 -11.18 -19.88
N ALA B 369 -11.24 -12.14 -19.70
CA ALA B 369 -11.32 -13.27 -20.64
C ALA B 369 -11.78 -12.82 -22.02
N SER B 370 -12.55 -11.75 -22.09
CA SER B 370 -13.05 -11.20 -23.34
C SER B 370 -12.19 -9.99 -23.69
N ARG B 371 -11.15 -10.22 -24.49
CA ARG B 371 -10.25 -9.13 -24.86
C ARG B 371 -11.01 -7.94 -25.42
N GLN B 372 -12.12 -8.20 -26.14
CA GLN B 372 -12.80 -7.13 -26.84
C GLN B 372 -13.52 -6.16 -25.90
N PHE B 373 -13.74 -6.53 -24.64
CA PHE B 373 -14.23 -5.54 -23.69
C PHE B 373 -13.30 -4.32 -23.69
N GLY B 374 -12.00 -4.54 -23.81
CA GLY B 374 -11.04 -3.48 -24.03
C GLY B 374 -10.79 -2.59 -22.83
N PHE B 375 -11.09 -3.07 -21.62
CA PHE B 375 -10.90 -2.24 -20.43
C PHE B 375 -9.44 -1.94 -20.16
N ASP B 376 -8.53 -2.79 -20.62
CA ASP B 376 -7.09 -2.56 -20.43
C ASP B 376 -6.60 -1.28 -21.09
N ARG B 377 -7.40 -0.66 -21.97
CA ARG B 377 -7.01 0.62 -22.57
C ARG B 377 -6.70 1.66 -21.50
N PHE B 378 -7.47 1.68 -20.42
CA PHE B 378 -7.24 2.69 -19.38
C PHE B 378 -5.88 2.49 -18.72
N TRP B 379 -5.55 1.26 -18.31
CA TRP B 379 -4.22 1.01 -17.76
C TRP B 379 -3.13 1.29 -18.79
N ARG B 380 -3.31 0.86 -20.04
CA ARG B 380 -2.29 1.10 -21.05
C ARG B 380 -2.05 2.60 -21.24
N ASP B 381 -3.12 3.39 -21.33
CA ASP B 381 -2.96 4.83 -21.53
C ASP B 381 -2.28 5.48 -20.34
N ALA B 382 -2.76 5.18 -19.13
CA ALA B 382 -2.17 5.75 -17.92
C ALA B 382 -0.74 5.27 -17.73
N ARG B 383 -0.49 3.96 -17.90
CA ARG B 383 0.87 3.43 -17.68
C ARG B 383 1.88 4.08 -18.63
N THR B 384 1.46 4.35 -19.86
CA THR B 384 2.34 4.99 -20.83
C THR B 384 2.64 6.43 -20.42
N HIS B 385 1.58 7.22 -20.18
CA HIS B 385 1.79 8.65 -20.06
C HIS B 385 2.44 9.02 -18.73
N THR B 386 2.10 8.30 -17.65
CA THR B 386 2.66 8.59 -16.33
C THR B 386 4.19 8.50 -16.30
N LEU B 387 4.80 7.89 -17.32
CA LEU B 387 6.25 7.80 -17.40
C LEU B 387 6.89 9.02 -18.06
N HIS B 388 6.09 10.01 -18.46
CA HIS B 388 6.63 11.19 -19.14
C HIS B 388 7.85 11.75 -18.41
N ASP B 389 7.75 11.91 -17.10
CA ASP B 389 8.89 12.20 -16.24
C ASP B 389 8.66 11.47 -14.94
N PRO B 390 9.75 11.08 -14.25
CA PRO B 390 9.62 10.08 -13.17
C PRO B 390 8.95 10.66 -11.94
N VAL B 391 7.87 10.01 -11.51
CA VAL B 391 7.15 10.48 -10.32
C VAL B 391 8.07 10.42 -9.10
N ALA B 392 9.08 9.55 -9.10
CA ALA B 392 10.00 9.50 -7.98
C ALA B 392 10.64 10.86 -7.73
N TYR B 393 10.93 11.62 -8.80
CA TYR B 393 11.56 12.92 -8.61
C TYR B 393 10.55 14.03 -8.33
N LYS B 394 9.30 13.89 -8.77
CA LYS B 394 8.27 14.78 -8.23
C LYS B 394 8.14 14.62 -6.73
N ILE B 395 8.21 13.38 -6.24
CA ILE B 395 8.15 13.12 -4.80
C ILE B 395 9.36 13.74 -4.11
N ARG B 396 10.55 13.54 -4.67
CA ARG B 396 11.73 14.15 -4.06
C ARG B 396 11.62 15.67 -4.01
N GLU B 397 11.07 16.27 -5.08
CA GLU B 397 10.92 17.73 -5.11
C GLU B 397 9.97 18.22 -4.02
N VAL B 398 8.84 17.55 -3.82
CA VAL B 398 7.94 17.97 -2.74
C VAL B 398 8.60 17.74 -1.38
N GLY B 399 9.36 16.66 -1.24
CA GLY B 399 10.04 16.40 0.03
C GLY B 399 11.13 17.41 0.32
N ASN B 400 11.89 17.82 -0.70
CA ASN B 400 12.95 18.80 -0.54
C ASN B 400 12.37 20.16 -0.16
N TRP B 401 11.19 20.49 -0.69
CA TRP B 401 10.50 21.69 -0.26
C TRP B 401 10.03 21.57 1.19
N PHE B 402 9.35 20.49 1.53
CA PHE B 402 8.78 20.44 2.88
C PHE B 402 9.87 20.39 3.93
N LEU B 403 10.89 19.55 3.73
CA LEU B 403 11.94 19.36 4.72
C LEU B 403 12.95 20.50 4.72
N ASN B 404 13.39 20.95 3.55
CA ASN B 404 14.51 21.88 3.46
C ASN B 404 14.09 23.26 2.99
N HIS B 405 12.80 23.51 2.77
CA HIS B 405 12.30 24.78 2.26
C HIS B 405 12.92 25.15 0.93
N ARG B 406 13.26 24.16 0.11
CA ARG B 406 13.86 24.42 -1.20
C ARG B 406 12.82 24.19 -2.28
N PHE B 407 12.54 25.25 -3.07
CA PHE B 407 11.64 25.10 -4.19
C PHE B 407 12.32 24.31 -5.31
N PRO B 408 11.54 23.64 -6.15
CA PRO B 408 12.13 22.88 -7.26
C PRO B 408 12.92 23.80 -8.18
N THR B 409 14.02 23.27 -8.72
CA THR B 409 14.79 24.03 -9.70
C THR B 409 14.00 24.09 -11.01
N PRO B 410 13.60 25.26 -11.48
CA PRO B 410 12.76 25.31 -12.69
C PRO B 410 13.48 24.71 -13.89
N SER B 411 12.73 23.90 -14.65
CA SER B 411 13.24 23.21 -15.82
C SER B 411 12.04 22.86 -16.69
N PHE B 412 12.30 22.14 -17.78
CA PHE B 412 11.16 21.66 -18.56
C PHE B 412 10.38 20.57 -17.85
N TYR B 413 10.90 20.05 -16.72
CA TYR B 413 10.21 19.01 -15.98
C TYR B 413 9.87 19.40 -14.54
N SER B 414 10.41 20.51 -14.02
CA SER B 414 10.14 20.91 -12.65
C SER B 414 10.14 22.43 -12.49
N HIS C 15 -9.61 37.61 8.84
CA HIS C 15 -8.61 36.64 9.29
C HIS C 15 -8.40 36.72 10.79
N ARG C 16 -9.15 37.61 11.45
CA ARG C 16 -8.95 37.83 12.88
C ARG C 16 -9.18 36.56 13.68
N ALA C 17 -10.30 35.88 13.42
CA ALA C 17 -10.60 34.66 14.16
C ALA C 17 -9.52 33.60 13.97
N LEU C 18 -9.04 33.44 12.74
CA LEU C 18 -7.97 32.47 12.50
C LEU C 18 -6.68 32.86 13.20
N ASP C 19 -6.39 34.16 13.25
CA ASP C 19 -5.20 34.60 13.99
C ASP C 19 -5.33 34.26 15.46
N VAL C 20 -6.51 34.49 16.03
CA VAL C 20 -6.74 34.12 17.43
C VAL C 20 -6.54 32.62 17.61
N ALA C 21 -7.09 31.81 16.70
CA ALA C 21 -6.91 30.37 16.80
C ALA C 21 -5.44 29.99 16.69
N THR C 22 -4.71 30.62 15.75
CA THR C 22 -3.30 30.33 15.60
C THR C 22 -2.53 30.67 16.88
N GLU C 23 -2.85 31.80 17.51
CA GLU C 23 -2.17 32.15 18.75
C GLU C 23 -2.48 31.17 19.87
N LEU C 24 -3.74 30.74 19.98
CA LEU C 24 -4.07 29.72 20.97
C LEU C 24 -3.26 28.45 20.73
N ALA C 25 -3.19 27.99 19.47
CA ALA C 25 -2.50 26.75 19.17
C ALA C 25 -1.01 26.86 19.52
N LYS C 26 -0.40 28.01 19.23
CA LYS C 26 0.98 28.29 19.66
C LYS C 26 1.17 28.02 21.15
N THR C 27 0.29 28.58 21.99
CA THR C 27 0.45 28.39 23.43
C THR C 27 0.23 26.94 23.84
N PHE C 28 -0.72 26.26 23.18
CA PHE C 28 -1.00 24.87 23.52
C PHE C 28 0.20 23.97 23.22
N ARG C 29 0.93 24.24 22.14
CA ARG C 29 2.07 23.41 21.77
C ARG C 29 3.13 23.39 22.86
N VAL C 30 3.28 24.49 23.60
CA VAL C 30 4.33 24.59 24.62
C VAL C 30 4.17 23.53 25.69
N THR C 31 2.93 23.18 26.03
CA THR C 31 2.64 22.40 27.22
C THR C 31 1.98 21.05 26.93
N VAL C 32 1.65 20.74 25.67
CA VAL C 32 0.82 19.57 25.40
C VAL C 32 1.54 18.29 25.81
N ARG C 33 2.84 18.20 25.53
CA ARG C 33 3.57 16.98 25.86
C ARG C 33 3.43 16.66 27.35
N GLU C 34 3.57 17.66 28.21
CA GLU C 34 3.43 17.42 29.64
C GLU C 34 1.98 17.20 30.04
N ARG C 35 1.06 18.01 29.53
CA ARG C 35 -0.33 17.93 29.97
C ARG C 35 -0.96 16.60 29.60
N GLU C 36 -0.73 16.10 28.39
CA GLU C 36 -1.50 14.92 27.99
C GLU C 36 -1.03 13.66 28.72
N ARG C 37 0.22 13.61 29.17
CA ARG C 37 0.65 12.50 30.02
C ARG C 37 -0.34 12.25 31.16
N ALA C 38 -0.70 13.31 31.87
CA ALA C 38 -1.55 13.18 33.05
C ALA C 38 -3.00 12.87 32.70
N GLY C 39 -3.44 13.22 31.50
CA GLY C 39 -4.85 13.02 31.23
C GLY C 39 -5.66 14.05 32.01
N GLY C 40 -6.91 13.73 32.24
CA GLY C 40 -7.75 14.63 33.02
C GLY C 40 -8.01 15.93 32.26
N THR C 41 -8.61 16.87 32.99
CA THR C 41 -9.33 17.98 32.36
C THR C 41 -8.40 19.16 32.11
N PRO C 42 -8.26 19.63 30.87
CA PRO C 42 -7.40 20.79 30.59
C PRO C 42 -8.11 22.11 30.88
N LYS C 43 -8.41 22.34 32.16
CA LYS C 43 -9.23 23.49 32.54
C LYS C 43 -8.60 24.80 32.10
N ALA C 44 -7.30 24.98 32.34
CA ALA C 44 -6.67 26.25 31.98
C ALA C 44 -6.79 26.53 30.50
N GLU C 45 -6.66 25.50 29.68
CA GLU C 45 -6.71 25.71 28.23
C GLU C 45 -8.13 25.91 27.75
N ARG C 46 -9.08 25.19 28.37
CA ARG C 46 -10.49 25.43 28.09
C ARG C 46 -10.87 26.86 28.42
N ASP C 47 -10.35 27.40 29.52
CA ASP C 47 -10.65 28.78 29.88
C ASP C 47 -10.02 29.75 28.88
N ALA C 48 -8.82 29.46 28.39
CA ALA C 48 -8.23 30.31 27.36
C ALA C 48 -9.11 30.35 26.12
N ILE C 49 -9.72 29.21 25.77
CA ILE C 49 -10.64 29.19 24.64
C ILE C 49 -11.90 30.00 24.93
N ARG C 50 -12.42 29.90 26.17
CA ARG C 50 -13.54 30.75 26.57
C ARG C 50 -13.21 32.23 26.39
N ARG C 51 -12.01 32.64 26.85
CA ARG C 51 -11.64 34.05 26.78
C ARG C 51 -11.46 34.52 25.35
N SER C 52 -11.11 33.60 24.43
CA SER C 52 -10.84 33.99 23.06
C SER C 52 -12.09 34.41 22.31
N GLY C 53 -13.28 34.00 22.76
CA GLY C 53 -14.50 34.24 22.03
C GLY C 53 -14.78 33.30 20.88
N LEU C 54 -13.85 32.40 20.53
CA LEU C 54 -14.05 31.56 19.34
C LEU C 54 -15.21 30.58 19.51
N LEU C 55 -15.61 30.27 20.74
CA LEU C 55 -16.74 29.38 20.93
C LEU C 55 -18.03 29.97 20.35
N THR C 56 -18.05 31.28 20.10
CA THR C 56 -19.21 31.99 19.56
C THR C 56 -19.09 32.23 18.06
N LEU C 57 -18.23 31.47 17.37
CA LEU C 57 -17.95 31.73 15.96
C LEU C 57 -19.22 31.73 15.11
N LEU C 58 -20.17 30.85 15.42
CA LEU C 58 -21.35 30.64 14.58
C LEU C 58 -22.60 31.32 15.13
N ILE C 59 -22.47 32.12 16.18
CA ILE C 59 -23.58 32.93 16.67
C ILE C 59 -23.51 34.28 16.01
N SER C 60 -24.67 34.80 15.60
CA SER C 60 -24.72 36.06 14.88
C SER C 60 -24.14 37.21 15.69
N LYS C 61 -23.61 38.20 15.00
CA LYS C 61 -23.15 39.40 15.69
C LYS C 61 -24.29 40.08 16.44
N GLU C 62 -25.50 40.03 15.87
CA GLU C 62 -26.66 40.60 16.54
C GLU C 62 -26.82 40.01 17.94
N ARG C 63 -26.61 38.71 18.09
CA ARG C 63 -26.75 38.04 19.37
C ARG C 63 -25.47 38.04 20.18
N GLY C 64 -24.45 38.77 19.74
CA GLY C 64 -23.23 38.92 20.49
C GLY C 64 -22.09 38.02 20.07
N GLY C 65 -22.31 37.16 19.07
CA GLY C 65 -21.28 36.26 18.59
C GLY C 65 -20.41 36.91 17.53
N LEU C 66 -19.65 36.06 16.83
CA LEU C 66 -18.70 36.54 15.83
C LEU C 66 -19.29 36.56 14.42
N GLY C 67 -20.42 35.90 14.18
CA GLY C 67 -20.99 35.92 12.85
C GLY C 67 -20.09 35.33 11.79
N GLU C 68 -19.28 34.33 12.14
CA GLU C 68 -18.36 33.72 11.21
C GLU C 68 -19.01 32.54 10.49
N SER C 69 -18.22 31.83 9.69
CA SER C 69 -18.71 30.78 8.82
C SER C 69 -18.02 29.45 9.14
N TRP C 70 -18.60 28.36 8.63
CA TRP C 70 -18.01 27.04 8.83
C TRP C 70 -16.59 26.91 8.30
N PRO C 71 -16.25 27.41 7.09
CA PRO C 71 -14.84 27.34 6.67
C PRO C 71 -13.88 27.87 7.74
N THR C 72 -14.25 28.98 8.39
CA THR C 72 -13.42 29.51 9.47
C THR C 72 -13.35 28.54 10.64
N VAL C 73 -14.50 27.98 11.04
CA VAL C 73 -14.55 26.99 12.12
C VAL C 73 -13.64 25.80 11.79
N TYR C 74 -13.75 25.27 10.57
CA TYR C 74 -12.98 24.08 10.21
C TYR C 74 -11.49 24.39 10.20
N GLU C 75 -11.10 25.56 9.68
CA GLU C 75 -9.70 25.93 9.69
C GLU C 75 -9.18 26.06 11.11
N ALA C 76 -9.98 26.66 12.01
CA ALA C 76 -9.58 26.80 13.41
C ALA C 76 -9.44 25.43 14.08
N ILE C 77 -10.36 24.50 13.79
CA ILE C 77 -10.27 23.16 14.34
C ILE C 77 -8.96 22.50 13.93
N ALA C 78 -8.65 22.54 12.63
CA ALA C 78 -7.42 21.88 12.16
C ALA C 78 -6.18 22.52 12.77
N GLU C 79 -6.15 23.86 12.86
CA GLU C 79 -5.00 24.53 13.44
C GLU C 79 -4.82 24.13 14.91
N ILE C 80 -5.89 24.18 15.69
CA ILE C 80 -5.76 23.83 17.11
C ILE C 80 -5.38 22.37 17.26
N ALA C 81 -5.96 21.50 16.44
CA ALA C 81 -5.68 20.08 16.53
C ALA C 81 -4.22 19.77 16.21
N SER C 82 -3.61 20.55 15.31
CA SER C 82 -2.22 20.32 14.96
C SER C 82 -1.30 20.54 16.14
N ALA C 83 -1.73 21.35 17.11
CA ALA C 83 -0.96 21.64 18.32
C ALA C 83 -1.33 20.75 19.49
N ASP C 84 -2.63 20.49 19.67
CA ASP C 84 -3.13 19.69 20.77
C ASP C 84 -4.40 19.01 20.28
N ALA C 85 -4.31 17.70 20.00
CA ALA C 85 -5.46 17.01 19.41
C ALA C 85 -6.64 16.98 20.36
N SER C 86 -6.39 16.91 21.68
CA SER C 86 -7.49 16.88 22.63
C SER C 86 -8.23 18.21 22.64
N LEU C 87 -7.50 19.31 22.66
CA LEU C 87 -8.18 20.61 22.62
C LEU C 87 -8.86 20.82 21.26
N GLY C 88 -8.25 20.32 20.18
CA GLY C 88 -8.90 20.40 18.89
C GLY C 88 -10.19 19.62 18.87
N HIS C 89 -10.17 18.41 19.45
CA HIS C 89 -11.38 17.60 19.59
C HIS C 89 -12.44 18.30 20.43
N LEU C 90 -12.06 18.78 21.62
CA LEU C 90 -13.03 19.49 22.46
C LEU C 90 -13.65 20.66 21.73
N PHE C 91 -12.81 21.46 21.07
CA PHE C 91 -13.26 22.63 20.32
C PHE C 91 -14.20 22.23 19.18
N GLY C 92 -13.80 21.21 18.40
CA GLY C 92 -14.63 20.77 17.31
C GLY C 92 -15.95 20.17 17.76
N TYR C 93 -15.93 19.37 18.83
CA TYR C 93 -17.18 18.78 19.32
C TYR C 93 -18.12 19.84 19.85
N HIS C 94 -17.59 20.90 20.45
CA HIS C 94 -18.44 22.02 20.82
C HIS C 94 -19.26 22.51 19.63
N PHE C 95 -18.66 22.55 18.45
CA PHE C 95 -19.40 23.03 17.27
C PHE C 95 -20.32 21.96 16.69
N SER C 96 -20.00 20.67 16.83
CA SER C 96 -20.99 19.64 16.53
C SER C 96 -22.22 19.77 17.44
N ASN C 97 -21.98 19.97 18.75
CA ASN C 97 -23.08 20.17 19.69
C ASN C 97 -23.88 21.43 19.33
N PHE C 98 -23.17 22.53 19.05
CA PHE C 98 -23.85 23.76 18.67
C PHE C 98 -24.68 23.56 17.40
N ALA C 99 -24.10 22.89 16.40
CA ALA C 99 -24.84 22.63 15.17
C ALA C 99 -26.15 21.90 15.46
N TYR C 100 -26.11 20.86 16.30
CA TYR C 100 -27.34 20.14 16.63
C TYR C 100 -28.35 21.08 17.28
N VAL C 101 -27.91 21.84 18.29
CA VAL C 101 -28.80 22.80 18.93
C VAL C 101 -29.42 23.73 17.89
N ASP C 102 -28.58 24.31 17.04
CA ASP C 102 -29.08 25.29 16.09
C ASP C 102 -30.05 24.67 15.09
N LEU C 103 -29.86 23.39 14.75
CA LEU C 103 -30.72 22.75 13.78
C LEU C 103 -32.07 22.36 14.35
N PHE C 104 -32.20 22.27 15.69
CA PHE C 104 -33.45 21.84 16.30
C PHE C 104 -34.08 22.85 17.24
N ALA C 105 -33.34 23.84 17.70
CA ALA C 105 -33.88 24.75 18.71
C ALA C 105 -34.98 25.62 18.12
N SER C 106 -35.96 25.95 18.97
CA SER C 106 -37.04 26.87 18.62
C SER C 106 -36.54 28.30 18.54
N PRO C 107 -37.26 29.18 17.84
CA PRO C 107 -36.89 30.60 17.86
C PRO C 107 -36.73 31.18 19.26
N GLU C 108 -37.60 30.83 20.21
CA GLU C 108 -37.46 31.43 21.52
C GLU C 108 -36.29 30.83 22.29
N GLN C 109 -35.97 29.54 22.06
CA GLN C 109 -34.76 28.97 22.65
C GLN C 109 -33.51 29.69 22.15
N LYS C 110 -33.42 29.95 20.84
CA LYS C 110 -32.23 30.65 20.34
C LYS C 110 -32.15 32.06 20.89
N ALA C 111 -33.29 32.74 21.02
CA ALA C 111 -33.29 34.10 21.55
C ALA C 111 -32.77 34.16 22.97
N ARG C 112 -33.01 33.12 23.77
CA ARG C 112 -32.50 33.08 25.15
C ARG C 112 -31.10 32.47 25.22
N TRP C 113 -30.89 31.30 24.58
CA TRP C 113 -29.65 30.56 24.77
C TRP C 113 -28.45 31.27 24.17
N TYR C 114 -28.61 31.90 23.01
CA TYR C 114 -27.39 32.32 22.32
C TYR C 114 -26.74 33.54 22.98
N PRO C 115 -27.51 34.55 23.40
CA PRO C 115 -26.88 35.62 24.20
C PRO C 115 -26.32 35.09 25.51
N GLN C 116 -27.00 34.13 26.12
CA GLN C 116 -26.49 33.54 27.35
C GLN C 116 -25.18 32.79 27.11
N ALA C 117 -25.10 32.07 26.00
CA ALA C 117 -23.86 31.38 25.66
C ALA C 117 -22.71 32.36 25.45
N VAL C 118 -23.00 33.56 24.93
CA VAL C 118 -21.95 34.56 24.77
C VAL C 118 -21.57 35.12 26.13
N ARG C 119 -22.55 35.60 26.91
CA ARG C 119 -22.27 36.22 28.19
C ARG C 119 -21.51 35.29 29.12
N GLU C 120 -21.95 34.03 29.20
CA GLU C 120 -21.43 33.06 30.14
C GLU C 120 -20.29 32.22 29.57
N ARG C 121 -19.89 32.48 28.32
CA ARG C 121 -18.75 31.82 27.68
C ARG C 121 -18.91 30.30 27.67
N TRP C 122 -20.05 29.84 27.14
CA TRP C 122 -20.38 28.42 27.19
C TRP C 122 -19.44 27.59 26.33
N PHE C 123 -18.96 26.50 26.93
CA PHE C 123 -18.20 25.46 26.25
C PHE C 123 -19.03 24.20 26.39
N LEU C 124 -19.55 23.68 25.28
CA LEU C 124 -20.56 22.62 25.31
C LEU C 124 -19.90 21.24 25.34
N GLY C 125 -20.53 20.31 26.06
CA GLY C 125 -20.19 18.90 26.00
C GLY C 125 -21.41 18.07 25.64
N ASN C 126 -21.22 16.74 25.57
CA ASN C 126 -22.37 15.91 25.23
C ASN C 126 -22.29 14.56 25.92
N ALA C 127 -23.46 13.92 26.02
CA ALA C 127 -23.62 12.58 26.57
C ALA C 127 -24.64 11.87 25.68
N SER C 128 -24.15 11.05 24.74
CA SER C 128 -25.00 10.57 23.65
C SER C 128 -24.90 9.06 23.46
N SER C 129 -23.67 8.56 23.34
CA SER C 129 -23.45 7.15 23.07
C SER C 129 -23.46 6.33 24.36
N GLU C 130 -23.54 5.01 24.20
CA GLU C 130 -23.67 4.09 25.32
C GLU C 130 -22.81 2.86 25.07
N ASN C 131 -22.59 2.10 26.14
CA ASN C 131 -21.73 0.93 26.07
C ASN C 131 -22.52 -0.37 26.20
N ASN C 132 -23.53 -0.55 25.37
CA ASN C 132 -24.34 -1.76 25.39
C ASN C 132 -23.85 -2.72 24.30
N ALA C 133 -24.72 -3.62 23.85
CA ALA C 133 -24.28 -4.71 22.97
C ALA C 133 -23.83 -4.21 21.60
N HIS C 134 -24.39 -3.09 21.14
CA HIS C 134 -23.98 -2.46 19.89
C HIS C 134 -24.40 -1.00 19.95
N VAL C 135 -23.97 -0.23 18.93
CA VAL C 135 -24.17 1.22 18.97
C VAL C 135 -25.62 1.65 18.77
N LEU C 136 -26.51 0.74 18.41
CA LEU C 136 -27.93 1.08 18.34
C LEU C 136 -28.68 0.75 19.63
N ASP C 137 -28.04 0.06 20.56
CA ASP C 137 -28.67 -0.43 21.79
C ASP C 137 -28.60 0.68 22.83
N TRP C 138 -29.64 1.51 22.86
CA TRP C 138 -29.73 2.61 23.83
C TRP C 138 -30.63 2.19 24.99
N ARG C 139 -30.24 2.60 26.20
CA ARG C 139 -30.99 2.25 27.39
C ARG C 139 -31.14 3.39 28.38
N VAL C 140 -30.48 4.53 28.17
CA VAL C 140 -30.76 5.72 28.95
C VAL C 140 -32.17 6.20 28.60
N THR C 141 -33.05 6.20 29.59
CA THR C 141 -34.46 6.43 29.34
C THR C 141 -34.87 7.85 29.73
N ALA C 142 -35.95 8.32 29.09
CA ALA C 142 -36.63 9.57 29.42
C ALA C 142 -38.06 9.19 29.79
N THR C 143 -38.40 9.32 31.07
CA THR C 143 -39.73 8.96 31.51
C THR C 143 -40.53 10.21 31.91
N PRO C 144 -41.82 10.26 31.58
CA PRO C 144 -42.55 11.53 31.72
C PRO C 144 -42.66 11.99 33.17
N LEU C 145 -42.53 13.30 33.36
CA LEU C 145 -42.85 13.94 34.63
C LEU C 145 -44.01 14.89 34.36
N PRO C 146 -44.54 15.57 35.38
CA PRO C 146 -45.64 16.50 35.14
C PRO C 146 -45.22 17.72 34.34
N ASP C 147 -46.20 18.33 33.68
CA ASP C 147 -46.03 19.59 32.96
C ASP C 147 -45.07 19.44 31.78
N GLY C 148 -44.93 18.23 31.24
CA GLY C 148 -44.12 18.02 30.05
C GLY C 148 -42.64 17.80 30.31
N SER C 149 -42.23 17.72 31.57
CA SER C 149 -40.85 17.40 31.89
C SER C 149 -40.60 15.90 31.70
N TYR C 150 -39.32 15.55 31.69
CA TYR C 150 -38.87 14.17 31.60
C TYR C 150 -37.84 13.93 32.69
N GLU C 151 -37.73 12.68 33.12
CA GLU C 151 -36.68 12.25 34.04
C GLU C 151 -35.73 11.32 33.29
N ILE C 152 -34.43 11.60 33.38
CA ILE C 152 -33.42 10.84 32.65
C ILE C 152 -32.72 9.89 33.63
N ASN C 153 -32.57 8.63 33.23
CA ASN C 153 -31.91 7.62 34.06
C ASN C 153 -31.06 6.71 33.19
N GLY C 154 -29.80 6.51 33.60
CA GLY C 154 -28.91 5.58 32.94
C GLY C 154 -27.54 6.19 32.74
N THR C 155 -26.63 5.40 32.15
CA THR C 155 -25.24 5.81 32.01
C THR C 155 -24.85 5.91 30.54
N LYS C 156 -24.28 7.06 30.16
CA LYS C 156 -23.74 7.30 28.82
C LYS C 156 -22.23 7.07 28.81
N ALA C 157 -21.73 6.70 27.64
CA ALA C 157 -20.30 6.47 27.43
C ALA C 157 -19.76 7.47 26.42
N PHE C 158 -18.44 7.67 26.44
CA PHE C 158 -17.77 8.54 25.46
C PHE C 158 -18.39 9.94 25.47
N CYS C 159 -18.50 10.52 26.67
CA CYS C 159 -19.15 11.82 26.83
C CYS C 159 -18.10 12.91 26.71
N SER C 160 -17.71 13.21 25.46
CA SER C 160 -16.63 14.16 25.23
C SER C 160 -16.94 15.53 25.81
N GLY C 161 -15.95 16.16 26.41
CA GLY C 161 -16.16 17.48 26.96
C GLY C 161 -17.17 17.52 28.06
N SER C 162 -17.44 16.39 28.72
CA SER C 162 -18.42 16.37 29.80
C SER C 162 -17.89 16.99 31.08
N ALA C 163 -16.58 17.09 31.25
CA ALA C 163 -16.01 17.78 32.39
C ALA C 163 -15.90 19.27 32.10
N ASP C 164 -16.20 20.09 33.10
CA ASP C 164 -16.10 21.54 32.96
C ASP C 164 -17.05 22.08 31.90
N ALA C 165 -18.13 21.35 31.62
CA ALA C 165 -19.05 21.76 30.58
C ALA C 165 -20.09 22.73 31.13
N ASP C 166 -20.34 23.80 30.39
CA ASP C 166 -21.39 24.72 30.81
C ASP C 166 -22.78 24.17 30.55
N ARG C 167 -22.93 23.37 29.49
CA ARG C 167 -24.17 22.65 29.19
C ARG C 167 -23.81 21.31 28.57
N LEU C 168 -24.65 20.31 28.82
CA LEU C 168 -24.50 19.00 28.19
C LEU C 168 -25.64 18.77 27.21
N LEU C 169 -25.29 18.38 25.99
CA LEU C 169 -26.25 17.86 25.01
C LEU C 169 -26.48 16.38 25.30
N VAL C 170 -27.69 16.03 25.72
CA VAL C 170 -27.97 14.69 26.24
C VAL C 170 -29.06 14.06 25.38
N PHE C 171 -28.90 12.77 25.07
CA PHE C 171 -29.88 12.02 24.29
C PHE C 171 -30.44 10.86 25.12
N ALA C 172 -31.73 10.59 24.96
CA ALA C 172 -32.38 9.52 25.68
C ALA C 172 -33.54 9.00 24.83
N VAL C 173 -34.08 7.86 25.23
CA VAL C 173 -35.24 7.26 24.57
C VAL C 173 -36.39 7.26 25.55
N THR C 174 -37.58 7.62 25.06
CA THR C 174 -38.73 7.72 25.94
C THR C 174 -39.15 6.34 26.44
N SER C 175 -39.65 6.32 27.68
CA SER C 175 -40.09 5.10 28.33
C SER C 175 -41.31 5.43 29.17
N ARG C 176 -42.23 4.47 29.28
CA ARG C 176 -43.46 4.64 30.05
C ARG C 176 -44.17 5.92 29.65
N ASP C 177 -44.20 6.18 28.35
CA ASP C 177 -44.62 7.45 27.78
C ASP C 177 -45.94 7.29 27.07
N PRO C 178 -47.04 7.91 27.55
CA PRO C 178 -48.32 7.80 26.83
C PRO C 178 -48.28 8.31 25.40
N ASN C 179 -47.35 9.21 25.07
CA ASN C 179 -47.26 9.78 23.73
C ASN C 179 -46.32 8.99 22.81
N GLY C 180 -45.84 7.83 23.25
CA GLY C 180 -44.99 6.97 22.43
C GLY C 180 -43.67 6.62 23.09
N ASP C 181 -43.38 5.32 23.20
CA ASP C 181 -42.13 4.84 23.75
C ASP C 181 -41.07 4.73 22.65
N GLY C 182 -39.81 4.71 23.07
CA GLY C 182 -38.71 4.54 22.13
C GLY C 182 -38.40 5.74 21.25
N ARG C 183 -39.00 6.90 21.53
CA ARG C 183 -38.71 8.09 20.74
C ARG C 183 -37.45 8.76 21.29
N ILE C 184 -36.60 9.22 20.38
CA ILE C 184 -35.34 9.85 20.78
C ILE C 184 -35.63 11.30 21.17
N VAL C 185 -35.26 11.66 22.40
CA VAL C 185 -35.31 13.05 22.85
C VAL C 185 -33.89 13.54 23.08
N ALA C 186 -33.69 14.82 22.79
CA ALA C 186 -32.44 15.50 23.07
C ALA C 186 -32.73 16.72 23.91
N ALA C 187 -31.77 17.07 24.77
CA ALA C 187 -31.96 18.19 25.68
C ALA C 187 -30.61 18.85 25.92
N LEU C 188 -30.64 20.14 26.23
CA LEU C 188 -29.44 20.91 26.56
C LEU C 188 -29.57 21.36 28.01
N ILE C 189 -28.80 20.76 28.91
CA ILE C 189 -29.02 20.95 30.34
C ILE C 189 -27.72 21.33 31.04
N PRO C 190 -27.84 21.96 32.21
CA PRO C 190 -26.66 22.22 33.03
C PRO C 190 -25.98 20.92 33.47
N SER C 191 -24.65 20.93 33.44
CA SER C 191 -23.90 19.73 33.81
C SER C 191 -23.92 19.48 35.31
N ASP C 192 -24.28 20.47 36.11
CA ASP C 192 -24.36 20.28 37.56
C ASP C 192 -25.79 20.15 38.06
N ARG C 193 -26.76 19.94 37.17
CA ARG C 193 -28.10 19.62 37.61
C ARG C 193 -28.08 18.41 38.53
N ALA C 194 -28.92 18.45 39.56
CA ALA C 194 -29.03 17.34 40.49
C ALA C 194 -29.19 16.02 39.75
N GLY C 195 -28.39 15.02 40.12
CA GLY C 195 -28.50 13.71 39.53
C GLY C 195 -27.56 13.45 38.36
N VAL C 196 -26.86 14.46 37.87
CA VAL C 196 -25.84 14.27 36.84
C VAL C 196 -24.51 13.97 37.55
N GLN C 197 -23.90 12.83 37.23
CA GLN C 197 -22.61 12.46 37.81
C GLN C 197 -21.63 12.18 36.68
N VAL C 198 -20.72 13.11 36.44
CA VAL C 198 -19.60 12.90 35.54
C VAL C 198 -18.60 12.02 36.26
N ASN C 199 -18.32 10.83 35.70
CA ASN C 199 -17.61 9.82 36.46
C ASN C 199 -16.09 9.96 36.41
N GLY C 200 -15.54 10.71 35.47
CA GLY C 200 -14.10 10.94 35.49
C GLY C 200 -13.27 9.68 35.29
N ASP C 201 -13.75 8.78 34.43
CA ASP C 201 -13.08 7.50 34.19
C ASP C 201 -12.46 7.44 32.79
N TRP C 202 -12.15 8.57 32.19
CA TRP C 202 -11.50 8.57 30.89
C TRP C 202 -10.00 8.37 31.08
N ASP C 203 -9.48 7.28 30.53
CA ASP C 203 -8.04 6.98 30.62
C ASP C 203 -7.68 6.23 29.34
N SER C 204 -7.25 6.97 28.33
CA SER C 204 -7.27 6.54 26.94
C SER C 204 -5.85 6.43 26.39
N LEU C 205 -5.70 5.68 25.29
CA LEU C 205 -4.42 5.62 24.59
C LEU C 205 -3.99 7.00 24.10
N GLY C 206 -4.87 7.65 23.33
CA GLY C 206 -4.68 9.01 22.89
C GLY C 206 -5.96 9.80 23.15
N MET C 207 -6.02 11.04 22.65
CA MET C 207 -7.13 11.93 22.97
C MET C 207 -7.30 12.01 24.49
N ARG C 208 -6.17 12.07 25.20
CA ARG C 208 -6.20 11.83 26.64
C ARG C 208 -6.82 12.96 27.45
N GLN C 209 -7.04 14.14 26.87
CA GLN C 209 -7.60 15.25 27.63
C GLN C 209 -8.96 15.69 27.11
N THR C 210 -9.69 14.78 26.46
CA THR C 210 -11.02 15.08 25.95
C THR C 210 -12.12 14.78 26.96
N ASP C 211 -11.77 14.20 28.12
CA ASP C 211 -12.76 13.87 29.14
C ASP C 211 -13.94 13.09 28.56
N SER C 212 -13.65 12.10 27.71
CA SER C 212 -14.70 11.31 27.05
C SER C 212 -15.12 10.10 27.86
N GLY C 213 -15.25 10.25 29.18
CA GLY C 213 -15.64 9.15 30.06
C GLY C 213 -17.14 9.00 30.14
N SER C 214 -17.58 8.26 31.15
CA SER C 214 -19.00 7.99 31.31
C SER C 214 -19.65 9.06 32.20
N VAL C 215 -20.96 9.21 32.03
CA VAL C 215 -21.79 10.11 32.83
C VAL C 215 -23.03 9.33 33.24
N THR C 216 -23.36 9.38 34.53
CA THR C 216 -24.49 8.63 35.06
C THR C 216 -25.60 9.61 35.44
N PHE C 217 -26.80 9.34 34.96
CA PHE C 217 -27.98 10.16 35.21
C PHE C 217 -28.90 9.43 36.19
N SER C 218 -29.14 10.04 37.36
CA SER C 218 -30.01 9.46 38.38
C SER C 218 -31.14 10.45 38.62
N GLY C 219 -32.32 10.15 38.09
CA GLY C 219 -33.49 11.02 38.28
C GLY C 219 -33.30 12.45 37.83
N VAL C 220 -32.61 12.66 36.72
CA VAL C 220 -32.29 14.01 36.26
C VAL C 220 -33.51 14.60 35.56
N VAL C 221 -33.97 15.76 36.03
CA VAL C 221 -35.13 16.42 35.43
C VAL C 221 -34.68 17.22 34.21
N VAL C 222 -35.48 17.13 33.15
CA VAL C 222 -35.31 17.93 31.94
C VAL C 222 -36.62 18.66 31.68
N TYR C 223 -36.56 19.93 31.50
CA TYR C 223 -37.74 20.75 31.34
C TYR C 223 -38.06 20.96 29.86
N PRO C 224 -39.34 21.15 29.54
CA PRO C 224 -39.71 21.40 28.15
C PRO C 224 -38.88 22.46 27.46
N ASP C 225 -38.52 23.56 28.13
CA ASP C 225 -37.77 24.60 27.43
C ASP C 225 -36.30 24.25 27.23
N GLU C 226 -35.91 23.04 27.61
CA GLU C 226 -34.56 22.53 27.36
C GLU C 226 -34.55 21.43 26.30
N LEU C 227 -35.72 20.97 25.87
CA LEU C 227 -35.82 19.92 24.87
C LEU C 227 -35.59 20.48 23.48
N LEU C 228 -34.84 19.74 22.68
CA LEU C 228 -34.50 20.18 21.32
C LEU C 228 -35.45 19.46 20.37
N GLY C 229 -36.58 20.09 20.09
CA GLY C 229 -37.61 19.46 19.28
C GLY C 229 -38.39 18.43 20.08
N THR C 230 -39.42 17.91 19.45
CA THR C 230 -40.25 16.93 20.13
C THR C 230 -39.60 15.55 20.05
N PRO C 231 -40.00 14.64 20.95
CA PRO C 231 -39.44 13.28 20.90
C PRO C 231 -39.68 12.64 19.55
N GLY C 232 -38.64 12.01 19.01
CA GLY C 232 -38.70 11.41 17.69
C GLY C 232 -38.51 12.35 16.53
N GLN C 233 -38.43 13.67 16.78
CA GLN C 233 -38.26 14.60 15.66
C GLN C 233 -36.97 14.32 14.89
N VAL C 234 -35.90 13.95 15.61
CA VAL C 234 -34.61 13.79 14.93
C VAL C 234 -34.66 12.60 13.96
N THR C 235 -35.38 11.54 14.34
CA THR C 235 -35.56 10.40 13.45
C THR C 235 -36.24 10.82 12.15
N ASP C 236 -37.31 11.61 12.28
CA ASP C 236 -38.02 12.07 11.08
C ASP C 236 -37.18 13.06 10.29
N ALA C 237 -36.47 13.96 10.98
CA ALA C 237 -35.65 14.93 10.26
C ALA C 237 -34.52 14.24 9.48
N PHE C 238 -33.89 13.24 10.07
CA PHE C 238 -32.81 12.55 9.35
C PHE C 238 -33.37 11.71 8.21
N ALA C 239 -34.42 10.93 8.48
CA ALA C 239 -34.94 10.02 7.46
C ALA C 239 -35.53 10.76 6.28
N SER C 240 -36.04 11.96 6.49
CA SER C 240 -36.65 12.75 5.43
C SER C 240 -35.65 13.65 4.72
N GLY C 241 -34.44 13.80 5.25
CA GLY C 241 -33.49 14.72 4.65
C GLY C 241 -33.85 16.18 4.82
N SER C 242 -34.61 16.53 5.85
CA SER C 242 -34.82 17.94 6.14
C SER C 242 -33.51 18.55 6.65
N LYS C 243 -33.53 19.85 6.87
CA LYS C 243 -32.31 20.60 7.14
C LYS C 243 -31.43 20.00 8.25
N PRO C 244 -31.99 19.46 9.34
CA PRO C 244 -31.12 18.87 10.37
C PRO C 244 -30.28 17.70 9.89
N SER C 245 -30.60 17.09 8.75
CA SER C 245 -29.79 15.99 8.23
C SER C 245 -28.38 16.45 7.82
N LEU C 246 -28.11 17.75 7.77
CA LEU C 246 -26.74 18.24 7.62
C LEU C 246 -25.87 17.98 8.84
N TRP C 247 -26.44 17.63 9.99
CA TRP C 247 -25.62 17.48 11.20
C TRP C 247 -24.52 16.46 10.99
N THR C 248 -24.84 15.32 10.35
CA THR C 248 -23.83 14.27 10.22
C THR C 248 -22.69 14.67 9.31
N PRO C 249 -22.91 15.13 8.07
CA PRO C 249 -21.75 15.57 7.27
C PRO C 249 -20.97 16.69 7.95
N ILE C 250 -21.65 17.61 8.63
CA ILE C 250 -20.93 18.65 9.36
C ILE C 250 -19.99 18.00 10.36
N THR C 251 -20.49 17.04 11.13
CA THR C 251 -19.74 16.49 12.24
C THR C 251 -18.62 15.58 11.75
N GLN C 252 -18.89 14.79 10.72
CA GLN C 252 -17.85 13.93 10.16
C GLN C 252 -16.75 14.75 9.50
N LEU C 253 -17.07 15.95 8.98
CA LEU C 253 -16.02 16.82 8.45
C LEU C 253 -15.22 17.48 9.57
N ILE C 254 -15.83 17.68 10.74
CA ILE C 254 -15.06 18.08 11.92
C ILE C 254 -14.00 17.03 12.24
N PHE C 255 -14.40 15.76 12.29
CA PHE C 255 -13.41 14.69 12.51
C PHE C 255 -12.31 14.73 11.45
N THR C 256 -12.69 14.89 10.19
CA THR C 256 -11.71 14.96 9.11
C THR C 256 -10.67 16.04 9.38
N HIS C 257 -11.11 17.20 9.85
CA HIS C 257 -10.15 18.27 10.10
C HIS C 257 -9.29 17.98 11.33
N LEU C 258 -9.79 17.21 12.30
CA LEU C 258 -8.90 16.72 13.36
C LEU C 258 -7.77 15.89 12.78
N TYR C 259 -8.10 14.99 11.84
CA TYR C 259 -7.09 14.11 11.26
C TYR C 259 -6.09 14.89 10.43
N LEU C 260 -6.57 15.86 9.63
CA LEU C 260 -5.64 16.68 8.84
C LEU C 260 -4.76 17.54 9.73
N GLY C 261 -5.31 18.06 10.84
CA GLY C 261 -4.50 18.82 11.76
C GLY C 261 -3.41 17.98 12.42
N ILE C 262 -3.77 16.79 12.90
CA ILE C 262 -2.79 15.91 13.48
C ILE C 262 -1.72 15.55 12.45
N ALA C 263 -2.14 15.28 11.22
CA ALA C 263 -1.20 14.91 10.17
C ALA C 263 -0.18 16.02 9.93
N ARG C 264 -0.67 17.26 9.78
CA ARG C 264 0.23 18.38 9.55
C ARG C 264 1.13 18.62 10.75
N GLY C 265 0.56 18.54 11.97
CA GLY C 265 1.39 18.71 13.15
C GLY C 265 2.49 17.67 13.24
N ALA C 266 2.15 16.40 12.96
CA ALA C 266 3.16 15.34 13.01
C ALA C 266 4.24 15.55 11.95
N LEU C 267 3.84 15.89 10.72
CA LEU C 267 4.82 16.10 9.66
C LEU C 267 5.77 17.24 9.98
N GLU C 268 5.26 18.36 10.52
CA GLU C 268 6.11 19.49 10.88
C GLU C 268 7.04 19.15 12.05
N GLU C 269 6.53 18.42 13.04
CA GLU C 269 7.36 18.03 14.17
C GLU C 269 8.46 17.07 13.74
N ALA C 270 8.12 16.11 12.88
CA ALA C 270 9.13 15.19 12.36
C ALA C 270 10.22 15.95 11.60
N ALA C 271 9.80 16.86 10.73
CA ALA C 271 10.77 17.58 9.92
C ALA C 271 11.75 18.37 10.79
N HIS C 272 11.25 19.01 11.86
CA HIS C 272 12.15 19.70 12.77
C HIS C 272 13.18 18.74 13.36
N TYR C 273 12.75 17.55 13.75
CA TYR C 273 13.68 16.56 14.29
C TYR C 273 14.69 16.12 13.23
N SER C 274 14.23 15.87 12.01
CA SER C 274 15.14 15.47 10.95
C SER C 274 16.20 16.54 10.70
N ARG C 275 15.80 17.81 10.68
CA ARG C 275 16.75 18.88 10.43
C ARG C 275 17.77 19.01 11.55
N SER C 276 17.38 18.77 12.80
CA SER C 276 18.28 19.10 13.90
C SER C 276 18.90 17.90 14.61
N HIS C 277 18.39 16.68 14.41
CA HIS C 277 18.87 15.57 15.24
C HIS C 277 19.23 14.32 14.47
N SER C 278 18.56 14.06 13.35
CA SER C 278 18.83 12.84 12.62
C SER C 278 20.27 12.78 12.14
N ARG C 279 20.87 11.57 12.20
CA ARG C 279 22.23 11.38 11.73
C ARG C 279 22.25 10.82 10.31
N PRO C 280 23.22 11.20 9.50
CA PRO C 280 23.33 10.63 8.15
C PRO C 280 23.77 9.17 8.22
N PHE C 281 23.27 8.38 7.27
CA PHE C 281 23.66 6.96 7.20
C PHE C 281 24.95 6.86 6.39
N THR C 282 26.05 7.24 7.04
CA THR C 282 27.35 7.33 6.38
C THR C 282 27.81 6.00 5.80
N LEU C 283 27.30 4.88 6.32
CA LEU C 283 27.60 3.59 5.71
C LEU C 283 27.28 3.58 4.23
N ALA C 284 26.28 4.37 3.80
CA ALA C 284 25.89 4.44 2.41
C ALA C 284 26.43 5.69 1.72
N GLY C 285 27.33 6.43 2.37
CA GLY C 285 27.89 7.63 1.77
C GLY C 285 27.03 8.87 1.90
N VAL C 286 26.02 8.86 2.75
CA VAL C 286 25.22 10.06 2.99
C VAL C 286 25.97 11.00 3.93
N GLU C 287 26.01 12.28 3.58
CA GLU C 287 26.66 13.30 4.41
C GLU C 287 25.70 14.06 5.31
N LYS C 288 24.44 14.21 4.89
CA LYS C 288 23.43 14.90 5.68
C LYS C 288 22.11 14.15 5.54
N ALA C 289 21.44 13.91 6.67
CA ALA C 289 20.17 13.19 6.64
C ALA C 289 19.14 13.92 5.80
N THR C 290 19.20 15.25 5.77
CA THR C 290 18.25 16.05 5.01
C THR C 290 18.48 15.96 3.50
N GLU C 291 19.57 15.34 3.06
CA GLU C 291 19.83 15.05 1.65
C GLU C 291 19.67 13.57 1.33
N ASP C 292 19.28 12.76 2.30
CA ASP C 292 19.09 11.33 2.04
C ASP C 292 17.93 11.12 1.10
N PRO C 293 18.08 10.35 0.01
CA PRO C 293 16.98 10.22 -0.96
C PRO C 293 15.75 9.55 -0.40
N TYR C 294 15.92 8.65 0.56
CA TYR C 294 14.78 7.94 1.14
C TYR C 294 14.10 8.76 2.23
N VAL C 295 14.87 9.53 3.02
CA VAL C 295 14.25 10.51 3.90
C VAL C 295 13.40 11.49 3.10
N LEU C 296 13.96 12.02 2.01
CA LEU C 296 13.25 12.99 1.19
C LEU C 296 11.98 12.38 0.59
N ALA C 297 12.04 11.10 0.19
CA ALA C 297 10.87 10.46 -0.39
C ALA C 297 9.73 10.29 0.62
N ILE C 298 10.07 9.99 1.89
CA ILE C 298 9.03 9.88 2.91
C ILE C 298 8.33 11.22 3.10
N TYR C 299 9.10 12.29 3.33
CA TYR C 299 8.47 13.61 3.46
C TYR C 299 7.69 13.97 2.21
N GLY C 300 8.22 13.65 1.03
CA GLY C 300 7.56 14.00 -0.20
C GLY C 300 6.22 13.31 -0.37
N GLU C 301 6.19 11.99 -0.13
CA GLU C 301 4.95 11.23 -0.26
C GLU C 301 3.87 11.77 0.67
N PHE C 302 4.22 12.00 1.93
CA PHE C 302 3.20 12.39 2.88
C PHE C 302 2.81 13.86 2.74
N ALA C 303 3.77 14.75 2.47
CA ALA C 303 3.41 16.15 2.26
C ALA C 303 2.55 16.30 1.02
N ALA C 304 2.85 15.54 -0.04
CA ALA C 304 2.04 15.61 -1.25
C ALA C 304 0.60 15.20 -0.97
N GLN C 305 0.40 14.04 -0.34
CA GLN C 305 -0.96 13.61 0.00
C GLN C 305 -1.64 14.63 0.91
N LEU C 306 -0.88 15.21 1.84
CA LEU C 306 -1.45 16.20 2.75
C LEU C 306 -1.92 17.44 1.99
N GLN C 307 -1.11 17.94 1.06
CA GLN C 307 -1.52 19.10 0.25
C GLN C 307 -2.84 18.84 -0.46
N VAL C 308 -2.95 17.69 -1.12
CA VAL C 308 -4.15 17.37 -1.89
C VAL C 308 -5.35 17.21 -0.96
N ALA C 309 -5.16 16.54 0.17
CA ALA C 309 -6.27 16.34 1.12
C ALA C 309 -6.73 17.66 1.72
N GLU C 310 -5.78 18.54 2.07
CA GLU C 310 -6.17 19.82 2.66
C GLU C 310 -6.90 20.69 1.65
N ALA C 311 -6.37 20.79 0.42
CA ALA C 311 -7.05 21.57 -0.61
C ALA C 311 -8.44 21.03 -0.86
N GLY C 312 -8.57 19.70 -0.93
CA GLY C 312 -9.87 19.10 -1.09
C GLY C 312 -10.82 19.41 0.05
N ALA C 313 -10.32 19.36 1.29
CA ALA C 313 -11.16 19.63 2.44
C ALA C 313 -11.70 21.06 2.43
N ARG C 314 -10.92 22.01 1.89
CA ARG C 314 -11.40 23.39 1.84
C ARG C 314 -12.61 23.51 0.94
N GLU C 315 -12.62 22.79 -0.18
CA GLU C 315 -13.77 22.83 -1.08
C GLU C 315 -15.02 22.29 -0.39
N VAL C 316 -14.88 21.17 0.32
CA VAL C 316 -16.04 20.58 0.98
C VAL C 316 -16.53 21.49 2.11
N ALA C 317 -15.60 22.10 2.84
CA ALA C 317 -16.00 23.06 3.88
C ALA C 317 -16.86 24.18 3.30
N LEU C 318 -16.50 24.69 2.13
CA LEU C 318 -17.30 25.73 1.49
C LEU C 318 -18.69 25.23 1.16
N ARG C 319 -18.80 23.97 0.71
CA ARG C 319 -20.09 23.41 0.38
C ARG C 319 -20.96 23.26 1.64
N VAL C 320 -20.35 22.92 2.77
CA VAL C 320 -21.09 22.88 4.03
C VAL C 320 -21.75 24.22 4.29
N GLN C 321 -20.98 25.30 4.17
CA GLN C 321 -21.52 26.63 4.41
C GLN C 321 -22.64 26.95 3.43
N GLU C 322 -22.45 26.62 2.15
CA GLU C 322 -23.46 26.92 1.13
C GLU C 322 -24.80 26.26 1.46
N LEU C 323 -24.76 24.98 1.83
CA LEU C 323 -26.00 24.28 2.19
C LEU C 323 -26.51 24.71 3.56
N TRP C 324 -25.61 25.06 4.48
CA TRP C 324 -26.01 25.58 5.78
C TRP C 324 -26.91 26.81 5.65
N GLU C 325 -26.69 27.60 4.59
CA GLU C 325 -27.47 28.81 4.38
C GLU C 325 -28.74 28.57 3.58
N ARG C 326 -28.93 27.37 3.04
CA ARG C 326 -30.13 27.05 2.30
C ARG C 326 -31.31 26.86 3.24
N ASN C 327 -32.51 27.18 2.75
CA ASN C 327 -33.71 26.89 3.54
C ASN C 327 -34.08 25.42 3.45
N HIS C 328 -33.92 24.81 2.27
CA HIS C 328 -34.19 23.40 2.04
C HIS C 328 -33.02 22.80 1.29
N VAL C 329 -32.63 21.59 1.69
CA VAL C 329 -31.56 20.83 1.04
C VAL C 329 -32.17 19.54 0.50
N THR C 330 -31.97 19.28 -0.79
CA THR C 330 -32.52 18.07 -1.39
C THR C 330 -31.72 16.84 -0.96
N PRO C 331 -32.28 15.64 -1.12
CA PRO C 331 -31.50 14.44 -0.81
C PRO C 331 -30.28 14.29 -1.68
N GLU C 332 -30.35 14.76 -2.94
CA GLU C 332 -29.16 14.76 -3.79
C GLU C 332 -28.07 15.65 -3.22
N GLN C 333 -28.44 16.88 -2.80
CA GLN C 333 -27.46 17.81 -2.25
C GLN C 333 -26.86 17.28 -0.95
N ARG C 334 -27.71 16.78 -0.06
CA ARG C 334 -27.22 16.26 1.21
C ARG C 334 -26.40 15.00 0.99
N GLY C 335 -26.88 14.12 0.10
CA GLY C 335 -26.17 12.88 -0.15
C GLY C 335 -24.82 13.09 -0.83
N GLN C 336 -24.77 13.99 -1.81
CA GLN C 336 -23.50 14.31 -2.42
C GLN C 336 -22.54 14.91 -1.39
N LEU C 337 -23.03 15.79 -0.53
CA LEU C 337 -22.17 16.35 0.51
C LEU C 337 -21.64 15.26 1.43
N MET C 338 -22.51 14.37 1.90
CA MET C 338 -22.08 13.30 2.78
C MET C 338 -21.03 12.41 2.10
N VAL C 339 -21.21 12.14 0.80
CA VAL C 339 -20.21 11.35 0.08
C VAL C 339 -18.89 12.09 -0.02
N GLN C 340 -18.93 13.40 -0.32
CA GLN C 340 -17.69 14.17 -0.34
C GLN C 340 -17.03 14.21 1.04
N VAL C 341 -17.82 14.33 2.12
CA VAL C 341 -17.24 14.33 3.46
C VAL C 341 -16.65 12.97 3.81
N ALA C 342 -17.40 11.91 3.56
CA ALA C 342 -16.89 10.55 3.79
C ALA C 342 -15.59 10.33 3.02
N SER C 343 -15.56 10.74 1.75
CA SER C 343 -14.33 10.59 0.96
C SER C 343 -13.17 11.32 1.61
N ALA C 344 -13.40 12.58 2.03
CA ALA C 344 -12.34 13.32 2.70
C ALA C 344 -11.91 12.61 3.98
N LYS C 345 -12.88 12.07 4.73
CA LYS C 345 -12.52 11.39 5.98
C LYS C 345 -11.72 10.13 5.70
N ILE C 346 -12.09 9.38 4.66
CA ILE C 346 -11.36 8.16 4.33
C ILE C 346 -9.91 8.48 4.02
N VAL C 347 -9.70 9.43 3.12
CA VAL C 347 -8.33 9.78 2.71
C VAL C 347 -7.54 10.32 3.90
N ALA C 348 -8.16 11.21 4.71
CA ALA C 348 -7.46 11.75 5.87
C ALA C 348 -7.12 10.65 6.89
N THR C 349 -8.01 9.67 7.04
CA THR C 349 -7.78 8.59 8.00
C THR C 349 -6.57 7.77 7.60
N ARG C 350 -6.56 7.26 6.37
CA ARG C 350 -5.41 6.49 5.89
C ARG C 350 -4.13 7.32 6.00
N LEU C 351 -4.19 8.59 5.60
CA LEU C 351 -3.01 9.45 5.61
C LEU C 351 -2.45 9.58 7.02
N VAL C 352 -3.28 10.00 7.98
CA VAL C 352 -2.75 10.29 9.30
C VAL C 352 -2.26 9.00 9.98
N ILE C 353 -2.95 7.88 9.78
CA ILE C 353 -2.51 6.64 10.41
C ILE C 353 -1.16 6.18 9.84
N GLU C 354 -0.97 6.30 8.52
CA GLU C 354 0.32 5.89 7.94
C GLU C 354 1.43 6.84 8.34
N LEU C 355 1.19 8.14 8.16
CA LEU C 355 2.22 9.15 8.39
C LEU C 355 2.73 9.12 9.83
N THR C 356 1.82 9.00 10.81
CA THR C 356 2.26 9.13 12.21
C THR C 356 3.09 7.94 12.66
N SER C 357 2.99 6.81 11.97
CA SER C 357 3.84 5.65 12.24
C SER C 357 5.10 5.67 11.37
N ARG C 358 4.95 5.92 10.06
CA ARG C 358 6.08 5.78 9.14
C ARG C 358 7.10 6.93 9.24
N LEU C 359 6.72 8.10 9.75
CA LEU C 359 7.70 9.18 9.86
C LEU C 359 8.88 8.81 10.75
N TYR C 360 8.73 7.87 11.68
CA TYR C 360 9.89 7.41 12.44
C TYR C 360 11.03 6.98 11.52
N GLU C 361 10.68 6.37 10.38
CA GLU C 361 11.70 5.91 9.44
C GLU C 361 12.48 7.06 8.82
N ALA C 362 11.90 8.27 8.78
CA ALA C 362 12.64 9.46 8.36
C ALA C 362 13.43 10.12 9.47
N MET C 363 13.20 9.73 10.72
CA MET C 363 13.88 10.33 11.86
C MET C 363 14.99 9.47 12.44
N GLY C 364 14.79 8.16 12.53
CA GLY C 364 15.82 7.28 13.05
C GLY C 364 15.50 6.76 14.43
N ALA C 365 16.35 5.83 14.89
CA ALA C 365 16.05 5.06 16.09
C ALA C 365 15.99 5.95 17.33
N ARG C 366 16.81 7.00 17.40
CA ARG C 366 16.83 7.83 18.60
C ARG C 366 15.49 8.52 18.83
N ALA C 367 14.70 8.72 17.77
CA ALA C 367 13.39 9.34 17.95
C ALA C 367 12.44 8.47 18.77
N ALA C 368 12.56 7.15 18.66
CA ALA C 368 11.79 6.24 19.52
C ALA C 368 12.55 5.83 20.77
N ALA C 369 13.88 5.82 20.72
CA ALA C 369 14.66 5.35 21.87
C ALA C 369 14.54 6.30 23.05
N SER C 370 14.33 7.57 22.79
CA SER C 370 14.12 8.58 23.83
C SER C 370 12.62 8.82 23.98
N ARG C 371 12.00 8.11 24.92
CA ARG C 371 10.55 8.22 25.09
C ARG C 371 10.11 9.67 25.24
N GLN C 372 10.92 10.49 25.91
CA GLN C 372 10.51 11.86 26.24
C GLN C 372 10.30 12.73 25.01
N PHE C 373 10.88 12.35 23.86
CA PHE C 373 10.58 13.10 22.64
C PHE C 373 9.08 13.15 22.39
N GLY C 374 8.36 12.08 22.73
CA GLY C 374 6.91 12.09 22.74
C GLY C 374 6.24 12.14 21.38
N PHE C 375 6.96 11.78 20.30
CA PHE C 375 6.37 11.88 18.96
C PHE C 375 5.19 10.93 18.80
N ASP C 376 5.18 9.83 19.57
CA ASP C 376 4.10 8.85 19.47
C ASP C 376 2.74 9.41 19.85
N ARG C 377 2.70 10.61 20.47
CA ARG C 377 1.42 11.24 20.77
C ARG C 377 0.57 11.37 19.52
N PHE C 378 1.19 11.69 18.38
CA PHE C 378 0.42 11.90 17.17
C PHE C 378 -0.26 10.60 16.72
N TRP C 379 0.49 9.50 16.66
CA TRP C 379 -0.12 8.21 16.34
C TRP C 379 -1.16 7.83 17.38
N ARG C 380 -0.86 8.00 18.66
CA ARG C 380 -1.83 7.61 19.69
C ARG C 380 -3.13 8.39 19.53
N ASP C 381 -3.04 9.71 19.33
CA ASP C 381 -4.24 10.53 19.16
C ASP C 381 -5.02 10.11 17.91
N ALA C 382 -4.32 9.97 16.78
CA ALA C 382 -5.00 9.59 15.54
C ALA C 382 -5.54 8.16 15.60
N ARG C 383 -4.75 7.23 16.12
CA ARG C 383 -5.20 5.83 16.18
C ARG C 383 -6.47 5.71 17.03
N THR C 384 -6.54 6.46 18.13
CA THR C 384 -7.72 6.45 18.97
C THR C 384 -8.93 7.03 18.24
N HIS C 385 -8.79 8.26 17.76
CA HIS C 385 -9.97 8.97 17.26
C HIS C 385 -10.49 8.38 15.95
N THR C 386 -9.61 7.92 15.07
CA THR C 386 -10.06 7.38 13.79
C THR C 386 -10.98 6.17 13.96
N LEU C 387 -11.04 5.57 15.13
CA LEU C 387 -11.93 4.44 15.38
C LEU C 387 -13.33 4.87 15.80
N HIS C 388 -13.58 6.18 15.88
CA HIS C 388 -14.87 6.70 16.34
C HIS C 388 -16.02 5.98 15.65
N ASP C 389 -15.94 5.84 14.33
CA ASP C 389 -16.81 4.94 13.60
C ASP C 389 -15.97 4.31 12.50
N PRO C 390 -16.32 3.09 12.08
CA PRO C 390 -15.36 2.30 11.28
C PRO C 390 -15.21 2.85 9.87
N VAL C 391 -13.96 3.09 9.48
CA VAL C 391 -13.73 3.64 8.15
C VAL C 391 -14.13 2.64 7.08
N ALA C 392 -14.13 1.35 7.41
CA ALA C 392 -14.54 0.34 6.43
C ALA C 392 -15.95 0.61 5.91
N TYR C 393 -16.84 1.11 6.78
CA TYR C 393 -18.20 1.36 6.36
C TYR C 393 -18.39 2.73 5.73
N LYS C 394 -17.52 3.70 6.03
CA LYS C 394 -17.46 4.89 5.19
C LYS C 394 -17.07 4.52 3.76
N ILE C 395 -16.08 3.63 3.63
CA ILE C 395 -15.67 3.15 2.30
C ILE C 395 -16.85 2.47 1.60
N ARG C 396 -17.56 1.59 2.32
CA ARG C 396 -18.72 0.92 1.72
C ARG C 396 -19.78 1.94 1.30
N GLU C 397 -20.01 2.96 2.13
CA GLU C 397 -20.97 4.00 1.78
C GLU C 397 -20.59 4.72 0.49
N VAL C 398 -19.31 5.06 0.34
CA VAL C 398 -18.89 5.72 -0.90
C VAL C 398 -18.99 4.76 -2.09
N GLY C 399 -18.73 3.47 -1.86
CA GLY C 399 -18.80 2.50 -2.94
C GLY C 399 -20.22 2.21 -3.37
N ASN C 400 -21.13 2.08 -2.39
CA ASN C 400 -22.55 1.94 -2.67
C ASN C 400 -23.07 3.14 -3.48
N TRP C 401 -22.59 4.35 -3.18
CA TRP C 401 -22.98 5.50 -3.99
C TRP C 401 -22.43 5.39 -5.40
N PHE C 402 -21.13 5.19 -5.53
CA PHE C 402 -20.55 5.18 -6.89
C PHE C 402 -21.13 4.06 -7.73
N LEU C 403 -21.19 2.83 -7.17
CA LEU C 403 -21.61 1.68 -7.96
C LEU C 403 -23.13 1.64 -8.14
N ASN C 404 -23.89 1.86 -7.07
CA ASN C 404 -25.32 1.63 -7.11
C ASN C 404 -26.15 2.90 -7.09
N HIS C 405 -25.51 4.07 -7.11
CA HIS C 405 -26.19 5.36 -7.07
C HIS C 405 -27.05 5.51 -5.83
N ARG C 406 -26.65 4.87 -4.73
CA ARG C 406 -27.40 4.92 -3.48
C ARG C 406 -26.65 5.82 -2.50
N PHE C 407 -27.28 6.93 -2.12
CA PHE C 407 -26.70 7.79 -1.11
C PHE C 407 -26.81 7.13 0.26
N PRO C 408 -25.92 7.48 1.19
CA PRO C 408 -25.98 6.89 2.53
C PRO C 408 -27.29 7.22 3.20
N THR C 409 -27.84 6.27 3.95
CA THR C 409 -29.05 6.56 4.68
C THR C 409 -28.69 7.45 5.87
N PRO C 410 -29.30 8.62 6.00
CA PRO C 410 -28.92 9.52 7.09
C PRO C 410 -29.08 8.85 8.45
N SER C 411 -28.12 9.10 9.33
CA SER C 411 -28.12 8.55 10.68
C SER C 411 -27.15 9.39 11.52
N PHE C 412 -26.86 8.94 12.74
CA PHE C 412 -25.86 9.65 13.51
C PHE C 412 -24.45 9.39 13.01
N TYR C 413 -24.24 8.37 12.16
CA TYR C 413 -22.93 8.04 11.61
C TYR C 413 -22.81 8.27 10.12
N SER C 414 -23.92 8.41 9.40
CA SER C 414 -23.85 8.61 7.95
C SER C 414 -24.97 9.48 7.43
N HIS D 15 12.07 -31.13 19.96
CA HIS D 15 10.86 -30.42 20.38
C HIS D 15 10.94 -30.01 21.85
N ARG D 16 11.84 -30.65 22.60
CA ARG D 16 11.94 -30.33 24.02
C ARG D 16 12.30 -28.87 24.23
N ALA D 17 13.30 -28.39 23.48
CA ALA D 17 13.73 -27.00 23.64
C ALA D 17 12.61 -26.04 23.30
N LEU D 18 11.87 -26.30 22.22
CA LEU D 18 10.77 -25.41 21.86
C LEU D 18 9.64 -25.48 22.87
N ASP D 19 9.40 -26.66 23.48
CA ASP D 19 8.41 -26.73 24.56
C ASP D 19 8.81 -25.85 25.72
N VAL D 20 10.08 -25.86 26.11
CA VAL D 20 10.55 -25.01 27.20
C VAL D 20 10.37 -23.54 26.86
N ALA D 21 10.70 -23.16 25.63
CA ALA D 21 10.52 -21.77 25.21
C ALA D 21 9.05 -21.37 25.26
N THR D 22 8.16 -22.26 24.83
CA THR D 22 6.74 -21.95 24.82
C THR D 22 6.20 -21.74 26.23
N GLU D 23 6.70 -22.51 27.21
CA GLU D 23 6.20 -22.37 28.58
C GLU D 23 6.75 -21.11 29.23
N LEU D 24 8.01 -20.77 28.96
CA LEU D 24 8.55 -19.49 29.37
C LEU D 24 7.70 -18.34 28.83
N ALA D 25 7.41 -18.38 27.53
CA ALA D 25 6.62 -17.33 26.92
C ALA D 25 5.25 -17.22 27.59
N LYS D 26 4.63 -18.37 27.89
CA LYS D 26 3.31 -18.34 28.53
C LYS D 26 3.36 -17.62 29.87
N THR D 27 4.39 -17.90 30.69
CA THR D 27 4.51 -17.16 31.94
C THR D 27 4.78 -15.68 31.70
N PHE D 28 5.57 -15.35 30.68
CA PHE D 28 5.90 -13.95 30.43
C PHE D 28 4.67 -13.15 30.04
N ARG D 29 3.74 -13.78 29.31
CA ARG D 29 2.52 -13.10 28.90
C ARG D 29 1.70 -12.63 30.07
N VAL D 30 1.75 -13.36 31.19
CA VAL D 30 0.88 -13.04 32.31
C VAL D 30 1.24 -11.68 32.90
N THR D 31 2.51 -11.29 32.85
CA THR D 31 3.00 -10.14 33.57
C THR D 31 3.56 -9.03 32.68
N VAL D 32 3.63 -9.22 31.36
CA VAL D 32 4.34 -8.26 30.52
C VAL D 32 3.67 -6.89 30.56
N ARG D 33 2.34 -6.84 30.54
CA ARG D 33 1.66 -5.56 30.49
C ARG D 33 2.12 -4.68 31.65
N GLU D 34 2.11 -5.24 32.86
CA GLU D 34 2.52 -4.47 34.04
C GLU D 34 4.01 -4.19 34.05
N ARG D 35 4.83 -5.20 33.72
CA ARG D 35 6.27 -5.05 33.83
C ARG D 35 6.81 -3.98 32.88
N GLU D 36 6.36 -3.98 31.63
CA GLU D 36 7.01 -3.11 30.65
C GLU D 36 6.69 -1.64 30.91
N ARG D 37 5.58 -1.33 31.58
CA ARG D 37 5.30 0.04 31.97
C ARG D 37 6.45 0.63 32.77
N ALA D 38 6.94 -0.13 33.76
CA ALA D 38 7.99 0.36 34.64
C ALA D 38 9.32 0.49 33.92
N GLY D 39 9.55 -0.31 32.88
CA GLY D 39 10.87 -0.29 32.30
C GLY D 39 11.83 -1.00 33.24
N GLY D 40 13.09 -0.60 33.20
CA GLY D 40 14.01 -1.24 34.12
C GLY D 40 14.22 -2.72 33.81
N THR D 41 14.91 -3.39 34.73
CA THR D 41 15.53 -4.68 34.40
C THR D 41 14.60 -5.83 34.78
N PRO D 42 14.23 -6.69 33.86
CA PRO D 42 13.34 -7.83 34.19
C PRO D 42 14.12 -9.00 34.78
N LYS D 43 14.63 -8.78 35.99
CA LYS D 43 15.57 -9.74 36.60
C LYS D 43 14.92 -11.11 36.81
N ALA D 44 13.73 -11.14 37.39
CA ALA D 44 13.08 -12.43 37.64
C ALA D 44 12.93 -13.22 36.34
N GLU D 45 12.57 -12.55 35.24
CA GLU D 45 12.39 -13.27 33.98
C GLU D 45 13.72 -13.68 33.34
N ARG D 46 14.77 -12.86 33.51
CA ARG D 46 16.09 -13.27 33.04
C ARG D 46 16.57 -14.50 33.80
N ASP D 47 16.28 -14.55 35.10
CA ASP D 47 16.66 -15.72 35.90
C ASP D 47 15.89 -16.95 35.49
N ALA D 48 14.61 -16.78 35.14
CA ALA D 48 13.85 -17.90 34.60
C ALA D 48 14.49 -18.43 33.32
N ILE D 49 14.92 -17.52 32.44
CA ILE D 49 15.63 -17.94 31.24
C ILE D 49 16.93 -18.67 31.60
N ARG D 50 17.65 -18.17 32.62
CA ARG D 50 18.85 -18.85 33.10
C ARG D 50 18.54 -20.28 33.55
N ARG D 51 17.48 -20.44 34.36
CA ARG D 51 17.13 -21.76 34.86
C ARG D 51 16.68 -22.71 33.76
N SER D 52 16.15 -22.17 32.65
CA SER D 52 15.64 -23.02 31.58
C SER D 52 16.72 -23.75 30.80
N GLY D 53 17.97 -23.29 30.87
CA GLY D 53 19.05 -23.85 30.06
C GLY D 53 19.10 -23.37 28.62
N LEU D 54 18.07 -22.66 28.13
CA LEU D 54 18.02 -22.33 26.71
C LEU D 54 19.14 -21.40 26.27
N LEU D 55 19.74 -20.65 27.19
CA LEU D 55 20.89 -19.82 26.82
C LEU D 55 22.05 -20.65 26.29
N THR D 56 22.05 -21.96 26.56
CA THR D 56 23.10 -22.85 26.08
C THR D 56 22.72 -23.58 24.80
N LEU D 57 21.68 -23.12 24.10
CA LEU D 57 21.15 -23.88 22.96
C LEU D 57 22.23 -24.23 21.93
N LEU D 58 23.16 -23.30 21.64
CA LEU D 58 24.12 -23.50 20.57
C LEU D 58 25.45 -24.06 21.06
N ILE D 59 25.65 -24.20 22.36
CA ILE D 59 26.85 -24.83 22.89
C ILE D 59 26.73 -26.33 22.70
N SER D 60 27.81 -26.97 22.26
CA SER D 60 27.78 -28.39 22.01
C SER D 60 27.49 -29.16 23.30
N LYS D 61 26.87 -30.33 23.15
CA LYS D 61 26.69 -31.21 24.30
C LYS D 61 28.03 -31.58 24.92
N GLU D 62 29.07 -31.71 24.10
CA GLU D 62 30.40 -31.99 24.62
C GLU D 62 30.86 -30.91 25.60
N ARG D 63 30.40 -29.68 25.43
CA ARG D 63 30.80 -28.59 26.31
C ARG D 63 29.73 -28.28 27.34
N GLY D 64 28.76 -29.16 27.49
CA GLY D 64 27.72 -29.01 28.49
C GLY D 64 26.46 -28.34 28.00
N GLY D 65 26.40 -27.98 26.72
CA GLY D 65 25.25 -27.29 26.16
C GLY D 65 24.21 -28.25 25.61
N LEU D 66 23.21 -27.67 24.94
CA LEU D 66 22.10 -28.45 24.42
C LEU D 66 22.36 -29.03 23.04
N GLY D 67 23.41 -28.58 22.35
CA GLY D 67 23.71 -29.09 21.03
C GLY D 67 22.61 -28.88 20.01
N GLU D 68 21.89 -27.75 20.09
CA GLU D 68 20.78 -27.47 19.19
C GLU D 68 21.24 -26.63 17.99
N SER D 69 20.28 -26.30 17.13
CA SER D 69 20.56 -25.67 15.84
C SER D 69 20.00 -24.26 15.79
N TRP D 70 20.45 -23.50 14.79
CA TRP D 70 19.93 -22.15 14.61
C TRP D 70 18.43 -22.17 14.32
N PRO D 71 17.88 -23.08 13.51
CA PRO D 71 16.41 -23.11 13.36
C PRO D 71 15.68 -23.16 14.69
N THR D 72 16.18 -23.94 15.65
CA THR D 72 15.54 -23.99 16.95
C THR D 72 15.68 -22.65 17.68
N VAL D 73 16.88 -22.07 17.64
CA VAL D 73 17.10 -20.78 18.30
C VAL D 73 16.16 -19.74 17.74
N TYR D 74 16.07 -19.65 16.41
CA TYR D 74 15.22 -18.64 15.80
C TYR D 74 13.76 -18.86 16.16
N GLU D 75 13.31 -20.12 16.20
CA GLU D 75 11.93 -20.37 16.59
C GLU D 75 11.68 -19.98 18.04
N ALA D 76 12.65 -20.26 18.92
CA ALA D 76 12.52 -19.87 20.31
C ALA D 76 12.52 -18.37 20.48
N ILE D 77 13.32 -17.66 19.68
CA ILE D 77 13.33 -16.20 19.74
C ILE D 77 11.96 -15.65 19.37
N ALA D 78 11.39 -16.12 18.25
CA ALA D 78 10.08 -15.63 17.83
C ALA D 78 9.02 -15.96 18.86
N GLU D 79 9.08 -17.16 19.44
CA GLU D 79 8.07 -17.54 20.42
C GLU D 79 8.11 -16.62 21.64
N ILE D 80 9.30 -16.42 22.20
CA ILE D 80 9.42 -15.55 23.37
C ILE D 80 9.02 -14.13 23.01
N ALA D 81 9.48 -13.62 21.86
CA ALA D 81 9.14 -12.27 21.46
C ALA D 81 7.63 -12.08 21.30
N SER D 82 6.91 -13.12 20.85
CA SER D 82 5.46 -12.98 20.70
C SER D 82 4.78 -12.70 22.03
N ALA D 83 5.41 -13.09 23.14
CA ALA D 83 4.88 -12.87 24.48
C ALA D 83 5.44 -11.62 25.13
N ASP D 84 6.72 -11.35 24.94
CA ASP D 84 7.36 -10.20 25.57
C ASP D 84 8.51 -9.81 24.66
N ALA D 85 8.34 -8.70 23.95
CA ALA D 85 9.33 -8.34 22.93
C ALA D 85 10.68 -8.00 23.55
N SER D 86 10.70 -7.46 24.77
CA SER D 86 11.96 -7.12 25.42
C SER D 86 12.73 -8.38 25.81
N LEU D 87 12.04 -9.33 26.43
CA LEU D 87 12.70 -10.60 26.74
C LEU D 87 13.13 -11.32 25.46
N GLY D 88 12.31 -11.26 24.40
CA GLY D 88 12.70 -11.86 23.14
C GLY D 88 13.97 -11.23 22.59
N HIS D 89 14.03 -9.89 22.64
CA HIS D 89 15.22 -9.15 22.23
C HIS D 89 16.44 -9.52 23.08
N LEU D 90 16.29 -9.52 24.42
CA LEU D 90 17.44 -9.87 25.25
C LEU D 90 17.95 -11.26 24.92
N PHE D 91 17.03 -12.21 24.82
CA PHE D 91 17.35 -13.59 24.46
C PHE D 91 18.04 -13.64 23.10
N GLY D 92 17.47 -12.98 22.10
CA GLY D 92 18.05 -13.03 20.76
C GLY D 92 19.41 -12.36 20.68
N TYR D 93 19.58 -11.23 21.35
CA TYR D 93 20.88 -10.56 21.32
C TYR D 93 21.94 -11.37 22.04
N HIS D 94 21.56 -12.08 23.09
CA HIS D 94 22.46 -13.05 23.71
C HIS D 94 23.06 -13.97 22.65
N PHE D 95 22.24 -14.44 21.71
CA PHE D 95 22.76 -15.32 20.67
C PHE D 95 23.56 -14.58 19.60
N SER D 96 23.26 -13.29 19.35
CA SER D 96 24.16 -12.52 18.50
C SER D 96 25.53 -12.38 19.15
N ASN D 97 25.54 -12.06 20.45
CA ASN D 97 26.80 -11.98 21.19
C ASN D 97 27.53 -13.32 21.14
N PHE D 98 26.80 -14.40 21.39
CA PHE D 98 27.40 -15.72 21.36
C PHE D 98 27.95 -16.03 19.98
N ALA D 99 27.22 -15.68 18.92
CA ALA D 99 27.70 -15.96 17.57
C ALA D 99 29.02 -15.28 17.32
N TYR D 100 29.15 -14.03 17.77
CA TYR D 100 30.41 -13.31 17.57
C TYR D 100 31.54 -14.03 18.28
N VAL D 101 31.31 -14.43 19.53
CA VAL D 101 32.34 -15.16 20.27
C VAL D 101 32.70 -16.44 19.54
N ASP D 102 31.70 -17.17 19.08
CA ASP D 102 31.98 -18.45 18.42
C ASP D 102 32.80 -18.25 17.16
N LEU D 103 32.54 -17.18 16.42
CA LEU D 103 33.19 -16.97 15.12
C LEU D 103 34.61 -16.43 15.25
N PHE D 104 34.97 -15.83 16.39
CA PHE D 104 36.30 -15.24 16.54
C PHE D 104 37.16 -15.83 17.64
N ALA D 105 36.57 -16.46 18.66
CA ALA D 105 37.38 -16.99 19.74
C ALA D 105 38.17 -18.21 19.27
N SER D 106 39.27 -18.48 19.97
CA SER D 106 40.06 -19.66 19.65
C SER D 106 39.40 -20.90 20.24
N PRO D 107 39.71 -22.09 19.72
CA PRO D 107 39.20 -23.31 20.36
C PRO D 107 39.54 -23.37 21.84
N GLU D 108 40.75 -22.94 22.21
CA GLU D 108 41.15 -22.98 23.61
C GLU D 108 40.27 -22.07 24.47
N GLN D 109 39.96 -20.86 23.96
CA GLN D 109 39.08 -19.96 24.68
C GLN D 109 37.70 -20.58 24.85
N LYS D 110 37.17 -21.17 23.77
CA LYS D 110 35.82 -21.73 23.81
C LYS D 110 35.75 -22.97 24.69
N ALA D 111 36.84 -23.74 24.77
CA ALA D 111 36.90 -24.90 25.66
C ALA D 111 36.78 -24.50 27.12
N ARG D 112 37.25 -23.30 27.47
CA ARG D 112 37.10 -22.76 28.82
C ARG D 112 35.78 -22.02 28.98
N TRP D 113 35.47 -21.10 28.07
CA TRP D 113 34.33 -20.22 28.25
C TRP D 113 33.01 -20.98 28.27
N TYR D 114 32.83 -21.93 27.33
CA TYR D 114 31.49 -22.49 27.15
C TYR D 114 31.07 -23.35 28.32
N PRO D 115 31.88 -24.26 28.85
CA PRO D 115 31.49 -24.93 30.10
C PRO D 115 31.25 -23.96 31.22
N GLN D 116 32.02 -22.87 31.29
CA GLN D 116 31.79 -21.86 32.32
C GLN D 116 30.43 -21.20 32.14
N ALA D 117 30.08 -20.85 30.90
CA ALA D 117 28.78 -20.25 30.61
C ALA D 117 27.64 -21.18 30.97
N VAL D 118 27.85 -22.49 30.83
CA VAL D 118 26.84 -23.45 31.23
C VAL D 118 26.73 -23.51 32.76
N ARG D 119 27.88 -23.69 33.41
CA ARG D 119 27.93 -23.77 34.88
C ARG D 119 27.33 -22.55 35.55
N GLU D 120 27.72 -21.37 35.10
CA GLU D 120 27.34 -20.13 35.73
C GLU D 120 26.08 -19.52 35.11
N ARG D 121 25.47 -20.19 34.15
CA ARG D 121 24.20 -19.74 33.57
C ARG D 121 24.33 -18.34 32.98
N TRP D 122 25.32 -18.16 32.11
CA TRP D 122 25.64 -16.85 31.57
C TRP D 122 24.56 -16.32 30.64
N PHE D 123 24.19 -15.06 30.82
CA PHE D 123 23.29 -14.29 29.97
C PHE D 123 24.14 -13.12 29.47
N LEU D 124 24.45 -13.08 28.18
CA LEU D 124 25.43 -12.14 27.64
C LEU D 124 24.78 -10.80 27.29
N GLY D 125 25.51 -9.71 27.53
CA GLY D 125 25.14 -8.41 27.03
C GLY D 125 26.24 -7.84 26.14
N ASN D 126 25.99 -6.65 25.61
CA ASN D 126 27.02 -6.07 24.74
C ASN D 126 27.06 -4.56 24.88
N ALA D 127 28.23 -4.02 24.54
CA ALA D 127 28.48 -2.57 24.53
C ALA D 127 29.29 -2.31 23.26
N SER D 128 28.60 -1.89 22.20
CA SER D 128 29.12 -1.86 20.84
C SER D 128 28.90 -0.51 20.19
N SER D 129 27.63 -0.10 20.06
CA SER D 129 27.30 1.14 19.35
C SER D 129 27.63 2.37 20.19
N GLU D 130 27.65 3.53 19.55
CA GLU D 130 27.99 4.77 20.22
C GLU D 130 27.07 5.89 19.73
N ASN D 131 27.06 6.99 20.46
CA ASN D 131 26.15 8.08 20.11
C ASN D 131 26.89 9.27 19.50
N ASN D 132 27.69 9.03 18.47
CA ASN D 132 28.48 10.08 17.85
C ASN D 132 27.77 10.55 16.57
N ALA D 133 28.48 11.37 15.78
CA ALA D 133 27.84 12.07 14.66
C ALA D 133 27.21 11.11 13.66
N HIS D 134 27.71 9.87 13.59
CA HIS D 134 27.16 8.88 12.69
C HIS D 134 27.65 7.52 13.12
N VAL D 135 27.01 6.47 12.59
CA VAL D 135 27.22 5.12 13.10
C VAL D 135 28.63 4.59 12.86
N LEU D 136 29.40 5.21 11.99
CA LEU D 136 30.79 4.80 11.76
C LEU D 136 31.78 5.51 12.68
N ASP D 137 31.35 6.55 13.40
CA ASP D 137 32.21 7.36 14.25
C ASP D 137 32.33 6.70 15.62
N TRP D 138 33.36 5.86 15.79
CA TRP D 138 33.60 5.21 17.08
C TRP D 138 34.71 5.93 17.83
N ARG D 139 34.52 6.08 19.13
CA ARG D 139 35.45 6.83 19.97
C ARG D 139 35.81 6.14 21.26
N VAL D 140 35.20 5.01 21.59
CA VAL D 140 35.66 4.22 22.72
C VAL D 140 36.98 3.56 22.32
N THR D 141 38.04 3.85 23.07
CA THR D 141 39.38 3.45 22.67
C THR D 141 39.90 2.29 23.50
N ALA D 142 40.83 1.56 22.90
CA ALA D 142 41.55 0.46 23.53
C ALA D 142 43.04 0.79 23.44
N THR D 143 43.64 1.14 24.58
CA THR D 143 45.04 1.53 24.62
C THR D 143 45.90 0.33 24.97
N PRO D 144 46.87 -0.04 24.14
CA PRO D 144 47.64 -1.26 24.41
C PRO D 144 48.59 -1.05 25.58
N LEU D 145 48.61 -2.02 26.48
CA LEU D 145 49.52 -2.03 27.60
C LEU D 145 50.65 -3.02 27.33
N PRO D 146 51.80 -2.85 27.99
CA PRO D 146 52.99 -3.62 27.58
C PRO D 146 52.83 -5.13 27.71
N ASP D 147 51.96 -5.62 28.58
CA ASP D 147 51.80 -7.06 28.80
C ASP D 147 50.79 -7.70 27.85
N GLY D 148 50.39 -6.99 26.79
CA GLY D 148 49.36 -7.48 25.89
C GLY D 148 47.95 -7.14 26.31
N SER D 149 47.76 -6.57 27.50
CA SER D 149 46.46 -6.09 27.94
C SER D 149 46.08 -4.79 27.23
N TYR D 150 44.83 -4.38 27.40
CA TYR D 150 44.35 -3.10 26.92
C TYR D 150 43.63 -2.37 28.04
N GLU D 151 43.58 -1.05 27.91
CA GLU D 151 42.73 -0.20 28.73
C GLU D 151 41.64 0.40 27.86
N ILE D 152 40.37 0.21 28.26
CA ILE D 152 39.22 0.68 27.51
C ILE D 152 38.68 1.97 28.15
N ASN D 153 38.44 2.99 27.33
CA ASN D 153 37.95 4.27 27.80
C ASN D 153 36.88 4.83 26.87
N GLY D 154 35.77 5.25 27.45
CA GLY D 154 34.74 5.91 26.66
C GLY D 154 33.34 5.40 26.98
N THR D 155 32.33 5.96 26.31
CA THR D 155 30.94 5.63 26.59
C THR D 155 30.29 5.00 25.37
N LYS D 156 29.63 3.87 25.58
CA LYS D 156 28.85 3.17 24.57
C LYS D 156 27.37 3.46 24.77
N ALA D 157 26.62 3.38 23.66
CA ALA D 157 25.18 3.60 23.65
C ALA D 157 24.47 2.34 23.19
N PHE D 158 23.19 2.23 23.56
CA PHE D 158 22.35 1.12 23.09
C PHE D 158 22.95 -0.23 23.50
N CYS D 159 23.37 -0.33 24.76
CA CYS D 159 24.07 -1.52 25.24
C CYS D 159 23.05 -2.54 25.73
N SER D 160 22.39 -3.19 24.78
CA SER D 160 21.32 -4.15 25.11
C SER D 160 21.82 -5.20 26.08
N GLY D 161 21.00 -5.49 27.08
CA GLY D 161 21.31 -6.51 28.08
C GLY D 161 22.53 -6.20 28.92
N SER D 162 22.89 -4.92 29.05
CA SER D 162 24.06 -4.55 29.84
C SER D 162 23.79 -4.63 31.34
N ALA D 163 22.53 -4.56 31.77
CA ALA D 163 22.18 -4.78 33.16
C ALA D 163 22.07 -6.28 33.46
N ASP D 164 22.58 -6.70 34.60
CA ASP D 164 22.46 -8.09 35.03
C ASP D 164 23.18 -9.04 34.07
N ALA D 165 24.16 -8.52 33.35
CA ALA D 165 24.91 -9.30 32.38
C ALA D 165 26.05 -10.06 33.05
N ASP D 166 26.21 -11.33 32.70
CA ASP D 166 27.34 -12.09 33.25
C ASP D 166 28.64 -11.74 32.54
N ARG D 167 28.58 -11.47 31.25
CA ARG D 167 29.70 -10.98 30.48
C ARG D 167 29.18 -9.95 29.49
N LEU D 168 30.02 -8.96 29.19
CA LEU D 168 29.74 -7.99 28.14
C LEU D 168 30.65 -8.25 26.95
N LEU D 169 30.06 -8.31 25.76
CA LEU D 169 30.84 -8.26 24.52
C LEU D 169 31.08 -6.78 24.20
N VAL D 170 32.35 -6.37 24.26
CA VAL D 170 32.73 -4.97 24.16
C VAL D 170 33.59 -4.78 22.91
N PHE D 171 33.33 -3.70 22.17
CA PHE D 171 34.10 -3.33 21.00
C PHE D 171 34.76 -1.97 21.23
N ALA D 172 36.01 -1.82 20.78
CA ALA D 172 36.76 -0.58 20.89
C ALA D 172 37.70 -0.47 19.70
N VAL D 173 38.27 0.72 19.51
CA VAL D 173 39.26 0.95 18.48
C VAL D 173 40.58 1.30 19.14
N THR D 174 41.68 0.78 18.58
CA THR D 174 42.98 1.00 19.20
C THR D 174 43.36 2.47 19.15
N SER D 175 44.10 2.88 20.17
CA SER D 175 44.55 4.26 20.30
C SER D 175 45.91 4.23 20.98
N ARG D 176 46.74 5.23 20.72
CA ARG D 176 48.09 5.24 21.27
C ARG D 176 48.82 3.96 20.89
N ASP D 177 48.55 3.47 19.69
CA ASP D 177 48.99 2.13 19.29
C ASP D 177 50.10 2.23 18.26
N PRO D 178 51.33 1.85 18.59
CA PRO D 178 52.42 1.95 17.59
C PRO D 178 52.23 1.03 16.41
N ASN D 179 51.35 0.04 16.52
CA ASN D 179 51.09 -0.90 15.43
C ASN D 179 49.86 -0.54 14.63
N GLY D 180 49.25 0.61 14.88
CA GLY D 180 48.14 1.08 14.08
C GLY D 180 46.92 1.47 14.89
N ASP D 181 46.54 2.75 14.82
CA ASP D 181 45.38 3.26 15.52
C ASP D 181 44.11 2.99 14.73
N GLY D 182 42.98 2.92 15.45
CA GLY D 182 41.69 2.75 14.81
C GLY D 182 41.31 1.33 14.47
N ARG D 183 42.13 0.35 14.88
CA ARG D 183 41.83 -1.05 14.58
C ARG D 183 40.85 -1.58 15.61
N ILE D 184 39.84 -2.31 15.14
CA ILE D 184 38.75 -2.75 16.02
C ILE D 184 39.20 -3.96 16.84
N VAL D 185 39.05 -3.86 18.16
CA VAL D 185 39.26 -4.97 19.06
C VAL D 185 37.93 -5.31 19.73
N ALA D 186 37.76 -6.59 20.04
CA ALA D 186 36.57 -7.08 20.73
C ALA D 186 37.04 -7.94 21.90
N ALA D 187 36.25 -7.91 22.97
CA ALA D 187 36.60 -8.70 24.15
C ALA D 187 35.32 -9.14 24.85
N LEU D 188 35.43 -10.18 25.65
CA LEU D 188 34.34 -10.69 26.47
C LEU D 188 34.78 -10.55 27.92
N ILE D 189 34.16 -9.62 28.66
CA ILE D 189 34.66 -9.25 29.98
C ILE D 189 33.53 -9.27 30.99
N PRO D 190 33.86 -9.39 32.27
CA PRO D 190 32.84 -9.32 33.31
C PRO D 190 32.24 -7.91 33.38
N SER D 191 30.92 -7.84 33.61
CA SER D 191 30.27 -6.54 33.64
C SER D 191 30.57 -5.76 34.91
N ASP D 192 31.09 -6.42 35.95
CA ASP D 192 31.46 -5.73 37.18
C ASP D 192 32.96 -5.49 37.27
N ARG D 193 33.68 -5.58 36.16
CA ARG D 193 35.09 -5.22 36.19
C ARG D 193 35.25 -3.76 36.60
N ALA D 194 36.27 -3.50 37.42
CA ALA D 194 36.56 -2.15 37.86
C ALA D 194 36.58 -1.18 36.69
N GLY D 195 35.87 -0.07 36.84
CA GLY D 195 35.80 0.93 35.79
C GLY D 195 34.62 0.80 34.84
N VAL D 196 33.87 -0.29 34.89
CA VAL D 196 32.68 -0.46 34.07
C VAL D 196 31.49 0.11 34.82
N GLN D 197 30.79 1.08 34.23
CA GLN D 197 29.62 1.70 34.85
C GLN D 197 28.44 1.59 33.91
N VAL D 198 27.48 0.74 34.25
CA VAL D 198 26.22 0.66 33.51
C VAL D 198 25.33 1.80 34.00
N ASN D 199 24.91 2.67 33.09
CA ASN D 199 24.32 3.93 33.52
C ASN D 199 22.82 3.88 33.77
N GLY D 200 22.11 2.87 33.28
CA GLY D 200 20.70 2.75 33.62
C GLY D 200 19.83 3.89 33.12
N ASP D 201 20.13 4.42 31.93
CA ASP D 201 19.41 5.56 31.38
C ASP D 201 18.50 5.19 30.22
N TRP D 202 18.09 3.93 30.12
CA TRP D 202 17.22 3.50 29.03
C TRP D 202 15.77 3.83 29.37
N ASP D 203 15.15 4.69 28.58
CA ASP D 203 13.76 5.11 28.80
C ASP D 203 13.15 5.37 27.41
N SER D 204 12.59 4.31 26.83
CA SER D 204 12.28 4.29 25.41
C SER D 204 10.79 4.16 25.17
N LEU D 205 10.39 4.38 23.91
CA LEU D 205 9.00 4.20 23.53
C LEU D 205 8.56 2.75 23.70
N GLY D 206 9.31 1.83 23.12
CA GLY D 206 9.05 0.41 23.28
C GLY D 206 10.35 -0.33 23.55
N MET D 207 10.33 -1.67 23.55
CA MET D 207 11.49 -2.44 23.98
C MET D 207 11.97 -1.95 25.35
N ARG D 208 11.02 -1.71 26.25
CA ARG D 208 11.31 -0.91 27.44
C ARG D 208 12.11 -1.67 28.49
N GLN D 209 12.19 -2.99 28.42
CA GLN D 209 12.96 -3.75 29.40
C GLN D 209 14.20 -4.41 28.80
N THR D 210 14.75 -3.84 27.73
CA THR D 210 15.97 -4.38 27.13
C THR D 210 17.23 -3.77 27.73
N ASP D 211 17.10 -2.79 28.62
CA ASP D 211 18.26 -2.21 29.30
C ASP D 211 19.31 -1.72 28.30
N SER D 212 18.85 -1.11 27.20
CA SER D 212 19.77 -0.67 26.14
C SER D 212 20.27 0.74 26.35
N GLY D 213 20.62 1.10 27.58
CA GLY D 213 21.18 2.40 27.88
C GLY D 213 22.67 2.45 27.62
N SER D 214 23.30 3.46 28.19
CA SER D 214 24.72 3.72 27.95
C SER D 214 25.57 3.01 29.01
N VAL D 215 26.82 2.72 28.64
CA VAL D 215 27.80 2.13 29.53
C VAL D 215 29.11 2.92 29.39
N THR D 216 29.68 3.33 30.52
CA THR D 216 30.89 4.14 30.55
C THR D 216 32.06 3.30 31.05
N PHE D 217 33.14 3.31 30.29
CA PHE D 217 34.37 2.58 30.61
C PHE D 217 35.43 3.57 31.03
N SER D 218 35.96 3.40 32.25
CA SER D 218 37.00 4.26 32.81
C SER D 218 38.20 3.37 33.16
N GLY D 219 39.23 3.42 32.34
CA GLY D 219 40.44 2.65 32.62
C GLY D 219 40.19 1.17 32.78
N VAL D 220 39.28 0.62 31.98
CA VAL D 220 38.88 -0.79 32.14
C VAL D 220 39.94 -1.70 31.51
N VAL D 221 40.43 -2.63 32.30
CA VAL D 221 41.47 -3.53 31.84
C VAL D 221 40.83 -4.69 31.09
N VAL D 222 41.42 -5.04 29.95
CA VAL D 222 41.06 -6.23 29.19
C VAL D 222 42.31 -7.10 29.09
N TYR D 223 42.22 -8.32 29.59
CA TYR D 223 43.38 -9.22 29.57
C TYR D 223 43.50 -9.94 28.24
N PRO D 224 44.70 -10.38 27.90
CA PRO D 224 44.89 -11.01 26.58
C PRO D 224 43.96 -12.20 26.33
N ASP D 225 43.68 -13.01 27.35
CA ASP D 225 42.88 -14.21 27.12
C ASP D 225 41.38 -13.89 27.03
N GLU D 226 41.01 -12.62 27.09
CA GLU D 226 39.64 -12.17 26.90
C GLU D 226 39.41 -11.56 25.53
N LEU D 227 40.47 -11.35 24.75
CA LEU D 227 40.37 -10.74 23.44
C LEU D 227 39.84 -11.73 22.42
N LEU D 228 39.02 -11.25 21.51
CA LEU D 228 38.43 -12.07 20.45
C LEU D 228 39.18 -11.77 19.15
N GLY D 229 40.15 -12.62 18.82
CA GLY D 229 40.95 -12.39 17.63
C GLY D 229 41.98 -11.28 17.84
N THR D 230 42.54 -10.81 16.74
CA THR D 230 43.55 -9.77 16.75
C THR D 230 42.97 -8.43 16.33
N PRO D 231 43.65 -7.33 16.63
CA PRO D 231 43.10 -6.01 16.27
C PRO D 231 42.89 -5.89 14.77
N GLY D 232 41.72 -5.41 14.38
CA GLY D 232 41.38 -5.29 12.98
C GLY D 232 40.96 -6.58 12.32
N GLN D 233 40.97 -7.71 13.04
CA GLN D 233 40.64 -8.99 12.39
C GLN D 233 39.20 -9.00 11.89
N VAL D 234 38.28 -8.37 12.61
CA VAL D 234 36.89 -8.36 12.15
C VAL D 234 36.78 -7.58 10.84
N THR D 235 37.51 -6.47 10.74
CA THR D 235 37.54 -5.70 9.50
C THR D 235 38.09 -6.54 8.36
N ASP D 236 39.17 -7.29 8.61
CA ASP D 236 39.69 -8.16 7.57
C ASP D 236 38.67 -9.21 7.16
N ALA D 237 37.99 -9.80 8.14
CA ALA D 237 36.99 -10.83 7.83
C ALA D 237 35.82 -10.25 7.04
N PHE D 238 35.34 -9.07 7.42
CA PHE D 238 34.30 -8.40 6.64
C PHE D 238 34.77 -8.17 5.21
N ALA D 239 35.97 -7.61 5.06
CA ALA D 239 36.48 -7.22 3.74
C ALA D 239 36.69 -8.43 2.84
N SER D 240 36.84 -9.63 3.41
CA SER D 240 37.04 -10.82 2.60
C SER D 240 35.79 -11.68 2.48
N GLY D 241 34.69 -11.29 3.12
CA GLY D 241 33.47 -12.07 3.06
C GLY D 241 33.62 -13.49 3.58
N SER D 242 34.52 -13.70 4.53
CA SER D 242 34.79 -15.03 5.06
C SER D 242 33.81 -15.38 6.18
N LYS D 243 33.99 -16.58 6.75
CA LYS D 243 32.98 -17.13 7.65
C LYS D 243 32.62 -16.21 8.81
N PRO D 244 33.55 -15.53 9.47
CA PRO D 244 33.15 -14.63 10.57
C PRO D 244 32.18 -13.55 10.12
N SER D 245 32.16 -13.17 8.84
CA SER D 245 31.22 -12.16 8.40
C SER D 245 29.79 -12.69 8.37
N LEU D 246 29.59 -13.98 8.68
CA LEU D 246 28.25 -14.52 8.88
C LEU D 246 27.57 -13.87 10.07
N TRP D 247 28.31 -13.24 10.96
CA TRP D 247 27.70 -12.63 12.13
C TRP D 247 26.54 -11.71 11.72
N THR D 248 26.69 -10.98 10.62
CA THR D 248 25.65 -9.99 10.29
C THR D 248 24.36 -10.65 9.78
N PRO D 249 24.38 -11.53 8.80
CA PRO D 249 23.11 -12.19 8.42
C PRO D 249 22.51 -12.97 9.58
N ILE D 250 23.33 -13.60 10.42
CA ILE D 250 22.79 -14.29 11.59
C ILE D 250 22.01 -13.31 12.46
N THR D 251 22.63 -12.17 12.76
CA THR D 251 22.04 -11.20 13.67
C THR D 251 20.83 -10.51 13.05
N GLN D 252 20.94 -10.15 11.77
CA GLN D 252 19.80 -9.54 11.08
C GLN D 252 18.63 -10.50 10.99
N LEU D 253 18.90 -11.82 10.94
CA LEU D 253 17.79 -12.77 10.98
C LEU D 253 17.22 -12.92 12.39
N ILE D 254 18.04 -12.68 13.42
CA ILE D 254 17.49 -12.59 14.77
C ILE D 254 16.46 -11.48 14.84
N PHE D 255 16.81 -10.30 14.31
CA PHE D 255 15.86 -9.19 14.31
C PHE D 255 14.60 -9.56 13.55
N THR D 256 14.76 -10.21 12.38
CA THR D 256 13.62 -10.64 11.59
C THR D 256 12.66 -11.49 12.42
N HIS D 257 13.19 -12.39 13.25
CA HIS D 257 12.33 -13.25 14.04
C HIS D 257 11.70 -12.51 15.22
N LEU D 258 12.34 -11.47 15.74
CA LEU D 258 11.65 -10.58 16.68
C LEU D 258 10.41 -9.98 16.03
N TYR D 259 10.54 -9.49 14.80
CA TYR D 259 9.41 -8.84 14.14
C TYR D 259 8.30 -9.83 13.82
N LEU D 260 8.67 -11.04 13.37
CA LEU D 260 7.67 -12.07 13.13
C LEU D 260 6.99 -12.50 14.42
N GLY D 261 7.75 -12.57 15.52
CA GLY D 261 7.14 -12.93 16.79
C GLY D 261 6.16 -11.86 17.28
N ILE D 262 6.60 -10.59 17.27
CA ILE D 262 5.69 -9.49 17.63
C ILE D 262 4.46 -9.53 16.74
N ALA D 263 4.65 -9.78 15.45
CA ALA D 263 3.52 -9.82 14.53
C ALA D 263 2.53 -10.90 14.94
N ARG D 264 3.03 -12.11 15.21
CA ARG D 264 2.12 -13.19 15.59
C ARG D 264 1.44 -12.91 16.93
N GLY D 265 2.20 -12.40 17.90
CA GLY D 265 1.60 -12.08 19.19
C GLY D 265 0.51 -11.03 19.08
N ALA D 266 0.77 -9.99 18.28
CA ALA D 266 -0.22 -8.94 18.10
C ALA D 266 -1.48 -9.49 17.43
N LEU D 267 -1.31 -10.28 16.38
CA LEU D 267 -2.47 -10.86 15.72
C LEU D 267 -3.30 -11.70 16.67
N GLU D 268 -2.64 -12.53 17.49
CA GLU D 268 -3.39 -13.40 18.39
C GLU D 268 -4.10 -12.61 19.47
N GLU D 269 -3.43 -11.61 20.05
CA GLU D 269 -4.06 -10.78 21.06
C GLU D 269 -5.28 -10.05 20.47
N ALA D 270 -5.13 -9.49 19.26
CA ALA D 270 -6.26 -8.80 18.63
C ALA D 270 -7.43 -9.75 18.40
N ALA D 271 -7.14 -10.95 17.89
CA ALA D 271 -8.22 -11.91 17.62
C ALA D 271 -8.96 -12.28 18.90
N HIS D 272 -8.26 -12.38 20.02
CA HIS D 272 -8.93 -12.68 21.27
C HIS D 272 -9.90 -11.56 21.64
N TYR D 273 -9.48 -10.30 21.45
CA TYR D 273 -10.38 -9.18 21.71
C TYR D 273 -11.54 -9.18 20.73
N SER D 274 -11.28 -9.44 19.44
CA SER D 274 -12.36 -9.45 18.46
C SER D 274 -13.41 -10.51 18.81
N ARG D 275 -12.95 -11.67 19.27
CA ARG D 275 -13.89 -12.73 19.63
C ARG D 275 -14.66 -12.40 20.90
N SER D 276 -14.00 -11.72 21.85
CA SER D 276 -14.56 -11.55 23.18
C SER D 276 -15.28 -10.22 23.39
N HIS D 277 -14.85 -9.15 22.71
CA HIS D 277 -15.29 -7.82 23.13
C HIS D 277 -15.83 -6.95 21.99
N SER D 278 -15.32 -7.13 20.78
CA SER D 278 -15.80 -6.29 19.69
C SER D 278 -17.31 -6.43 19.53
N ARG D 279 -17.96 -5.31 19.21
CA ARG D 279 -19.38 -5.27 18.99
C ARG D 279 -19.69 -5.24 17.50
N PRO D 280 -20.80 -5.84 17.07
CA PRO D 280 -21.14 -5.83 15.64
C PRO D 280 -21.60 -4.45 15.22
N PHE D 281 -21.27 -4.07 13.99
CA PHE D 281 -21.72 -2.78 13.46
C PHE D 281 -23.13 -2.97 12.92
N THR D 282 -24.11 -2.83 13.82
CA THR D 282 -25.50 -3.10 13.46
C THR D 282 -26.06 -2.08 12.49
N LEU D 283 -25.50 -0.85 12.47
CA LEU D 283 -25.91 0.12 11.46
C LEU D 283 -25.87 -0.48 10.05
N ALA D 284 -25.01 -1.47 9.83
CA ALA D 284 -24.86 -2.08 8.52
C ALA D 284 -25.42 -3.50 8.47
N GLY D 285 -26.19 -3.91 9.48
CA GLY D 285 -26.81 -5.22 9.48
C GLY D 285 -25.94 -6.37 9.93
N VAL D 286 -24.75 -6.09 10.46
CA VAL D 286 -23.89 -7.15 10.99
C VAL D 286 -24.44 -7.63 12.32
N GLU D 287 -24.43 -8.95 12.52
CA GLU D 287 -24.89 -9.54 13.78
C GLU D 287 -23.77 -9.99 14.70
N LYS D 288 -22.62 -10.40 14.17
CA LYS D 288 -21.47 -10.81 14.96
C LYS D 288 -20.22 -10.15 14.40
N ALA D 289 -19.41 -9.54 15.27
CA ALA D 289 -18.18 -8.93 14.81
C ALA D 289 -17.27 -9.95 14.11
N THR D 290 -17.29 -11.21 14.57
CA THR D 290 -16.43 -12.24 13.97
C THR D 290 -16.94 -12.71 12.61
N GLU D 291 -18.11 -12.26 12.18
CA GLU D 291 -18.60 -12.51 10.83
C GLU D 291 -18.55 -11.27 9.95
N ASP D 292 -18.04 -10.16 10.48
CA ASP D 292 -17.97 -8.94 9.69
C ASP D 292 -17.00 -9.15 8.53
N PRO D 293 -17.39 -8.86 7.29
CA PRO D 293 -16.48 -9.13 6.15
C PRO D 293 -15.19 -8.33 6.22
N TYR D 294 -15.23 -7.12 6.78
CA TYR D 294 -14.03 -6.29 6.80
C TYR D 294 -13.11 -6.66 7.95
N VAL D 295 -13.68 -7.07 9.09
CA VAL D 295 -12.87 -7.68 10.14
C VAL D 295 -12.16 -8.91 9.61
N LEU D 296 -12.91 -9.79 8.96
CA LEU D 296 -12.32 -11.03 8.44
C LEU D 296 -11.21 -10.74 7.42
N ALA D 297 -11.39 -9.70 6.61
CA ALA D 297 -10.39 -9.34 5.60
C ALA D 297 -9.09 -8.86 6.22
N ILE D 298 -9.18 -8.09 7.31
CA ILE D 298 -7.98 -7.64 8.01
C ILE D 298 -7.20 -8.83 8.56
N TYR D 299 -7.86 -9.74 9.29
CA TYR D 299 -7.14 -10.90 9.81
C TYR D 299 -6.59 -11.74 8.67
N GLY D 300 -7.36 -11.92 7.60
CA GLY D 300 -6.91 -12.75 6.49
C GLY D 300 -5.69 -12.18 5.79
N GLU D 301 -5.70 -10.87 5.51
CA GLU D 301 -4.57 -10.26 4.82
C GLU D 301 -3.29 -10.39 5.63
N PHE D 302 -3.35 -10.07 6.92
CA PHE D 302 -2.13 -10.08 7.71
C PHE D 302 -1.72 -11.51 8.07
N ALA D 303 -2.69 -12.39 8.40
CA ALA D 303 -2.34 -13.77 8.69
C ALA D 303 -1.70 -14.45 7.48
N ALA D 304 -2.18 -14.14 6.28
CA ALA D 304 -1.59 -14.72 5.07
C ALA D 304 -0.15 -14.26 4.87
N GLN D 305 0.10 -12.94 4.97
CA GLN D 305 1.47 -12.46 4.85
C GLN D 305 2.37 -13.08 5.91
N LEU D 306 1.84 -13.27 7.13
CA LEU D 306 2.63 -13.89 8.19
C LEU D 306 2.97 -15.34 7.85
N GLN D 307 2.00 -16.11 7.35
CA GLN D 307 2.28 -17.51 7.02
C GLN D 307 3.41 -17.59 6.00
N VAL D 308 3.37 -16.72 4.98
CA VAL D 308 4.38 -16.79 3.92
C VAL D 308 5.74 -16.37 4.47
N ALA D 309 5.77 -15.30 5.28
CA ALA D 309 7.02 -14.83 5.83
C ALA D 309 7.62 -15.86 6.79
N GLU D 310 6.77 -16.47 7.63
CA GLU D 310 7.26 -17.49 8.55
C GLU D 310 7.83 -18.69 7.80
N ALA D 311 7.15 -19.13 6.72
CA ALA D 311 7.63 -20.27 5.95
C ALA D 311 8.94 -19.94 5.25
N GLY D 312 9.04 -18.75 4.66
CA GLY D 312 10.30 -18.33 4.08
C GLY D 312 11.41 -18.21 5.10
N ALA D 313 11.09 -17.72 6.30
CA ALA D 313 12.10 -17.53 7.33
C ALA D 313 12.71 -18.87 7.75
N ARG D 314 11.89 -19.93 7.77
CA ARG D 314 12.39 -21.24 8.15
C ARG D 314 13.43 -21.74 7.17
N GLU D 315 13.22 -21.51 5.87
CA GLU D 315 14.22 -21.91 4.88
C GLU D 315 15.54 -21.19 5.11
N VAL D 316 15.49 -19.87 5.34
CA VAL D 316 16.72 -19.12 5.53
C VAL D 316 17.42 -19.56 6.82
N ALA D 317 16.65 -19.90 7.86
CA ALA D 317 17.27 -20.36 9.10
C ALA D 317 18.04 -21.66 8.89
N LEU D 318 17.52 -22.55 8.05
CA LEU D 318 18.24 -23.78 7.73
C LEU D 318 19.57 -23.48 7.03
N ARG D 319 19.56 -22.50 6.13
CA ARG D 319 20.80 -22.15 5.42
C ARG D 319 21.82 -21.53 6.38
N VAL D 320 21.36 -20.75 7.36
CA VAL D 320 22.27 -20.26 8.40
C VAL D 320 22.98 -21.44 9.07
N GLN D 321 22.22 -22.46 9.47
CA GLN D 321 22.82 -23.63 10.12
C GLN D 321 23.81 -24.32 9.20
N GLU D 322 23.44 -24.48 7.93
CA GLU D 322 24.32 -25.11 6.95
C GLU D 322 25.68 -24.43 6.92
N LEU D 323 25.68 -23.10 6.73
CA LEU D 323 26.96 -22.40 6.63
C LEU D 323 27.66 -22.31 7.97
N TRP D 324 26.89 -22.25 9.07
CA TRP D 324 27.47 -22.24 10.41
C TRP D 324 28.33 -23.46 10.65
N GLU D 325 27.98 -24.59 10.04
CA GLU D 325 28.68 -25.85 10.21
C GLU D 325 29.89 -26.01 9.29
N ARG D 326 30.04 -25.14 8.30
CA ARG D 326 31.15 -25.21 7.35
C ARG D 326 32.45 -24.71 7.97
N ASN D 327 33.56 -25.34 7.58
CA ASN D 327 34.87 -24.85 7.99
C ASN D 327 35.22 -23.52 7.32
N HIS D 328 34.81 -23.36 6.07
CA HIS D 328 35.07 -22.14 5.32
C HIS D 328 33.81 -21.73 4.57
N VAL D 329 33.65 -20.43 4.38
CA VAL D 329 32.49 -19.87 3.69
C VAL D 329 33.00 -18.85 2.68
N THR D 330 32.47 -18.92 1.45
CA THR D 330 32.93 -17.98 0.43
C THR D 330 32.11 -16.69 0.49
N PRO D 331 32.62 -15.62 -0.12
CA PRO D 331 31.83 -14.38 -0.18
C PRO D 331 30.52 -14.57 -0.93
N GLU D 332 30.49 -15.48 -1.91
CA GLU D 332 29.26 -15.75 -2.64
C GLU D 332 28.22 -16.40 -1.72
N GLN D 333 28.62 -17.41 -0.96
CA GLN D 333 27.71 -18.02 0.01
C GLN D 333 27.23 -17.00 1.04
N ARG D 334 28.16 -16.23 1.60
CA ARG D 334 27.78 -15.23 2.59
C ARG D 334 26.87 -14.16 1.97
N GLY D 335 27.24 -13.69 0.78
CA GLY D 335 26.43 -12.66 0.12
C GLY D 335 25.03 -13.13 -0.23
N GLN D 336 24.90 -14.34 -0.77
CA GLN D 336 23.58 -14.86 -1.07
C GLN D 336 22.74 -14.96 0.20
N LEU D 337 23.35 -15.43 1.29
CA LEU D 337 22.60 -15.53 2.55
C LEU D 337 22.17 -14.16 3.02
N MET D 338 23.08 -13.18 3.01
CA MET D 338 22.73 -11.84 3.48
C MET D 338 21.57 -11.27 2.68
N VAL D 339 21.53 -11.53 1.37
CA VAL D 339 20.41 -11.07 0.54
C VAL D 339 19.10 -11.71 0.97
N GLN D 340 19.11 -13.03 1.23
CA GLN D 340 17.91 -13.71 1.68
C GLN D 340 17.46 -13.19 3.04
N VAL D 341 18.40 -12.94 3.94
CA VAL D 341 18.08 -12.40 5.25
C VAL D 341 17.52 -10.98 5.13
N ALA D 342 18.16 -10.15 4.30
CA ALA D 342 17.67 -8.78 4.14
C ALA D 342 16.25 -8.79 3.60
N SER D 343 15.96 -9.68 2.65
CA SER D 343 14.61 -9.76 2.09
C SER D 343 13.60 -10.16 3.16
N ALA D 344 13.93 -11.18 3.97
CA ALA D 344 13.07 -11.55 5.08
C ALA D 344 12.85 -10.38 6.03
N LYS D 345 13.91 -9.64 6.34
CA LYS D 345 13.76 -8.52 7.28
C LYS D 345 12.86 -7.44 6.71
N ILE D 346 13.01 -7.14 5.42
CA ILE D 346 12.19 -6.11 4.78
C ILE D 346 10.71 -6.48 4.90
N VAL D 347 10.37 -7.70 4.50
CA VAL D 347 8.99 -8.13 4.53
C VAL D 347 8.45 -8.13 5.95
N ALA D 348 9.25 -8.61 6.90
CA ALA D 348 8.79 -8.69 8.28
C ALA D 348 8.64 -7.31 8.89
N THR D 349 9.54 -6.39 8.51
CA THR D 349 9.42 -5.01 8.97
C THR D 349 8.10 -4.39 8.49
N ARG D 350 7.84 -4.46 7.18
CA ARG D 350 6.61 -3.86 6.68
C ARG D 350 5.39 -4.51 7.31
N LEU D 351 5.42 -5.83 7.48
CA LEU D 351 4.28 -6.55 8.02
C LEU D 351 4.02 -6.12 9.47
N VAL D 352 5.04 -6.12 10.31
CA VAL D 352 4.77 -5.89 11.73
C VAL D 352 4.34 -4.44 11.96
N ILE D 353 4.95 -3.49 11.24
CA ILE D 353 4.59 -2.09 11.42
C ILE D 353 3.16 -1.83 10.96
N GLU D 354 2.73 -2.45 9.87
CA GLU D 354 1.37 -2.24 9.38
C GLU D 354 0.34 -2.89 10.30
N LEU D 355 0.55 -4.16 10.67
CA LEU D 355 -0.51 -4.86 11.39
C LEU D 355 -0.64 -4.35 12.84
N THR D 356 0.47 -3.95 13.47
CA THR D 356 0.33 -3.51 14.87
C THR D 356 -0.47 -2.22 14.98
N SER D 357 -0.55 -1.44 13.90
CA SER D 357 -1.38 -0.24 13.85
C SER D 357 -2.77 -0.55 13.31
N ARG D 358 -2.85 -1.30 12.20
CA ARG D 358 -4.13 -1.51 11.54
C ARG D 358 -5.06 -2.46 12.30
N LEU D 359 -4.53 -3.36 13.14
CA LEU D 359 -5.45 -4.30 13.77
C LEU D 359 -6.46 -3.60 14.68
N TYR D 360 -6.20 -2.36 15.09
CA TYR D 360 -7.21 -1.63 15.85
C TYR D 360 -8.52 -1.54 15.08
N GLU D 361 -8.45 -1.48 13.74
CA GLU D 361 -9.67 -1.38 12.94
C GLU D 361 -10.49 -2.65 12.96
N ALA D 362 -9.92 -3.78 13.38
CA ALA D 362 -10.66 -5.02 13.54
C ALA D 362 -11.18 -5.20 14.96
N MET D 363 -10.74 -4.36 15.90
CA MET D 363 -11.15 -4.46 17.29
C MET D 363 -12.19 -3.42 17.68
N GLY D 364 -12.01 -2.18 17.27
CA GLY D 364 -12.97 -1.13 17.56
C GLY D 364 -12.38 -0.08 18.50
N ALA D 365 -13.18 0.95 18.76
CA ALA D 365 -12.70 2.13 19.48
C ALA D 365 -12.30 1.79 20.91
N ARG D 366 -13.06 0.93 21.59
CA ARG D 366 -12.76 0.71 23.00
C ARG D 366 -11.41 0.03 23.21
N ALA D 367 -10.85 -0.59 22.18
CA ALA D 367 -9.50 -1.16 22.32
C ALA D 367 -8.45 -0.09 22.52
N ALA D 368 -8.68 1.12 22.00
CA ALA D 368 -7.79 2.25 22.26
C ALA D 368 -8.29 3.16 23.39
N ALA D 369 -9.61 3.28 23.56
CA ALA D 369 -10.11 4.20 24.57
C ALA D 369 -9.81 3.72 25.98
N SER D 370 -9.65 2.41 26.17
CA SER D 370 -9.24 1.85 27.45
C SER D 370 -7.73 1.61 27.39
N ARG D 371 -6.95 2.59 27.86
CA ARG D 371 -5.49 2.50 27.76
C ARG D 371 -4.99 1.20 28.39
N GLN D 372 -5.61 0.77 29.48
CA GLN D 372 -5.12 -0.39 30.22
C GLN D 372 -5.12 -1.67 29.39
N PHE D 373 -5.90 -1.73 28.31
CA PHE D 373 -5.83 -2.91 27.46
C PHE D 373 -4.41 -3.10 26.95
N GLY D 374 -3.71 -2.01 26.67
CA GLY D 374 -2.27 -2.08 26.44
C GLY D 374 -1.84 -2.65 25.10
N PHE D 375 -2.73 -2.68 24.11
CA PHE D 375 -2.40 -3.29 22.82
C PHE D 375 -1.32 -2.50 22.09
N ASP D 376 -1.19 -1.22 22.38
CA ASP D 376 -0.21 -0.38 21.71
C ASP D 376 1.21 -0.84 22.01
N ARG D 377 1.41 -1.70 23.01
CA ARG D 377 2.74 -2.23 23.28
C ARG D 377 3.35 -2.86 22.02
N PHE D 378 2.54 -3.56 21.22
CA PHE D 378 3.09 -4.23 20.05
C PHE D 378 3.63 -3.22 19.05
N TRP D 379 2.83 -2.19 18.73
CA TRP D 379 3.34 -1.15 17.83
C TRP D 379 4.56 -0.46 18.44
N ARG D 380 4.50 -0.13 19.74
CA ARG D 380 5.64 0.57 20.34
C ARG D 380 6.92 -0.27 20.25
N ASP D 381 6.83 -1.55 20.58
CA ASP D 381 7.99 -2.42 20.50
C ASP D 381 8.50 -2.53 19.06
N ALA D 382 7.58 -2.82 18.12
CA ALA D 382 7.98 -2.97 16.73
C ALA D 382 8.50 -1.65 16.17
N ARG D 383 7.79 -0.56 16.43
CA ARG D 383 8.20 0.72 15.87
C ARG D 383 9.59 1.11 16.36
N THR D 384 9.91 0.77 17.61
CA THR D 384 11.22 1.09 18.17
C THR D 384 12.29 0.22 17.51
N HIS D 385 12.09 -1.09 17.50
CA HIS D 385 13.19 -1.96 17.11
C HIS D 385 13.46 -1.92 15.61
N THR D 386 12.43 -1.77 14.78
CA THR D 386 12.63 -1.77 13.33
C THR D 386 13.51 -0.61 12.87
N LEU D 387 13.77 0.37 13.72
CA LEU D 387 14.65 1.47 13.38
C LEU D 387 16.11 1.15 13.65
N HIS D 388 16.39 -0.06 14.13
CA HIS D 388 17.76 -0.45 14.48
C HIS D 388 18.75 -0.05 13.40
N ASP D 389 18.46 -0.43 12.16
CA ASP D 389 19.15 0.09 11.00
C ASP D 389 18.08 0.32 9.93
N PRO D 390 18.31 1.24 8.99
CA PRO D 390 17.23 1.71 8.12
C PRO D 390 16.83 0.68 7.07
N VAL D 391 15.54 0.34 7.05
CA VAL D 391 15.06 -0.65 6.09
C VAL D 391 15.24 -0.15 4.65
N ALA D 392 15.23 1.17 4.45
CA ALA D 392 15.45 1.72 3.11
C ALA D 392 16.76 1.22 2.52
N TYR D 393 17.79 1.05 3.35
CA TYR D 393 19.06 0.60 2.83
C TYR D 393 19.16 -0.91 2.74
N LYS D 394 18.37 -1.66 3.52
CA LYS D 394 18.21 -3.09 3.22
C LYS D 394 17.55 -3.26 1.86
N ILE D 395 16.55 -2.45 1.55
CA ILE D 395 15.90 -2.50 0.25
C ILE D 395 16.90 -2.14 -0.86
N ARG D 396 17.68 -1.07 -0.66
CA ARG D 396 18.69 -0.72 -1.66
C ARG D 396 19.67 -1.87 -1.85
N GLU D 397 20.06 -2.54 -0.75
CA GLU D 397 21.01 -3.63 -0.86
C GLU D 397 20.44 -4.78 -1.69
N VAL D 398 19.17 -5.14 -1.46
CA VAL D 398 18.57 -6.20 -2.27
C VAL D 398 18.45 -5.75 -3.73
N GLY D 399 18.12 -4.47 -3.96
CA GLY D 399 18.01 -3.98 -5.31
C GLY D 399 19.34 -3.95 -6.04
N ASN D 400 20.40 -3.56 -5.33
CA ASN D 400 21.73 -3.52 -5.93
C ASN D 400 22.18 -4.94 -6.30
N TRP D 401 21.82 -5.93 -5.48
CA TRP D 401 22.09 -7.31 -5.82
C TRP D 401 21.30 -7.73 -7.06
N PHE D 402 19.98 -7.49 -7.06
CA PHE D 402 19.17 -8.02 -8.15
C PHE D 402 19.49 -7.33 -9.46
N LEU D 403 19.66 -6.01 -9.43
CA LEU D 403 19.85 -5.26 -10.66
C LEU D 403 21.29 -5.32 -11.14
N ASN D 404 22.26 -5.14 -10.23
CA ASN D 404 23.66 -4.99 -10.59
C ASN D 404 24.54 -6.17 -10.20
N HIS D 405 23.95 -7.24 -9.65
CA HIS D 405 24.67 -8.45 -9.24
C HIS D 405 25.78 -8.13 -8.23
N ARG D 406 25.56 -7.15 -7.36
CA ARG D 406 26.51 -6.76 -6.34
C ARG D 406 26.00 -7.22 -4.98
N PHE D 407 26.76 -8.08 -4.31
CA PHE D 407 26.38 -8.47 -2.96
C PHE D 407 26.59 -7.30 -2.00
N PRO D 408 25.85 -7.28 -0.90
CA PRO D 408 26.05 -6.21 0.09
C PRO D 408 27.49 -6.18 0.58
N THR D 409 27.99 -4.98 0.84
CA THR D 409 29.31 -4.88 1.44
C THR D 409 29.24 -5.32 2.89
N PRO D 410 29.95 -6.36 3.28
CA PRO D 410 29.86 -6.83 4.67
C PRO D 410 30.26 -5.74 5.65
N SER D 411 29.47 -5.60 6.71
CA SER D 411 29.70 -4.62 7.75
C SER D 411 28.90 -5.04 8.97
N PHE D 412 28.92 -4.21 10.02
CA PHE D 412 28.10 -4.56 11.18
C PHE D 412 26.61 -4.43 10.89
N TYR D 413 26.23 -3.86 9.74
CA TYR D 413 24.83 -3.71 9.39
C TYR D 413 24.44 -4.41 8.08
N SER D 414 25.39 -4.87 7.29
CA SER D 414 25.04 -5.48 6.01
C SER D 414 26.01 -6.59 5.65
#